data_5JPT
#
_entry.id   5JPT
#
_cell.length_a   118.070
_cell.length_b   118.070
_cell.length_c   252.150
_cell.angle_alpha   90.00
_cell.angle_beta   90.00
_cell.angle_gamma   120.00
#
_symmetry.space_group_name_H-M   'P 32 2 1'
#
loop_
_entity.id
_entity.type
_entity.pdbx_description
1 polymer 'Pre-mRNA-splicing factor ATP-dependent RNA helicase PRP43'
2 non-polymer "CYTIDINE-5'-DIPHOSPHATE"
3 non-polymer 'MAGNESIUM ION'
4 non-polymer GLYCEROL
5 non-polymer 'ACETATE ION'
6 non-polymer 'NICKEL (II) ION'
7 water water
#
_entity_poly.entity_id   1
_entity_poly.type   'polypeptide(L)'
_entity_poly.pdbx_seq_one_letter_code
;MGSKRRFSSEHPDPVETSIPEQAAEIAEELSKQHPLPSEEPLVHHDAGEFKGLQRHHTSAEEAQKLEDGKINPFTGREFT
PKYVDILKIRRELPVHAQRDEFLKLYQNNQIMVFVGETGSGKTTQIPQFVLFDEMPHLENTQVACTQPRRVAAMSVAQRV
AEEMDVKLGEEVGYSIRFENKTSNKTILKYMTDGMLLREAMEDHDLSRYSCIILDEAHERTLATDILMGLLKQVVKRRPD
LKIIIMSATLDAEKFQRYFNDAPLLAVPGRTYPVELYYTPEFQRDYLDSAIRTVLQIHATEEAGDILLFLTGEDEIEDAV
RKISLEGDQLVREEGCGPLSVYPLYGSLPPHQQQRIFEPAPESHNGRPGRKVVISTNIAETSLTIDGIVYVVDPGFSKQK
VYNPRIRVESLLVSPISKASAQQRAGRAGRTRPGKCFRLYTEEAFQKELIEQSYPEILRSNLSSTVLELKKLGIDDLVHF
DFMDPPAPETMMRALEELNYLACLDDEGNLTPLGRLASQFPLDPMLAVMLIGSFEFQCSQEILTIVAMLSVPNVFIRPTK
DKKRADDAKNIFAHPDGDHITLLNVYHAFKSDEAYEYGIHKWCRDHYLNYRSLSAADNIRSQLERLMNRYNLELNTTDYE
SPKYFDNIRKALASGFFMQVAKKRSGAKGYITVKDNQDVLIHPSTVLGHDAEWVIYNEFVLTSKNYIRTVTSVRPEWLIE
IAPAYYDLSNFQKGDVKLSLERIKEKVDRLNELKQGKNKKKSKHSKK
;
_entity_poly.pdbx_strand_id   A,B
#
loop_
_chem_comp.id
_chem_comp.type
_chem_comp.name
_chem_comp.formula
ACT non-polymer 'ACETATE ION' 'C2 H3 O2 -1'
CDP non-polymer CYTIDINE-5'-DIPHOSPHATE 'C9 H15 N3 O11 P2'
GOL non-polymer GLYCEROL 'C3 H8 O3'
MG non-polymer 'MAGNESIUM ION' 'Mg 2'
NI non-polymer 'NICKEL (II) ION' 'Ni 2'
#
# COMPACT_ATOMS: atom_id res chain seq x y z
N SER A 3 63.38 11.64 -23.71
CA SER A 3 63.77 10.79 -24.84
C SER A 3 62.76 9.67 -25.08
N LYS A 4 62.63 9.28 -26.34
CA LYS A 4 61.66 8.29 -26.78
C LYS A 4 61.92 6.92 -26.17
N ARG A 5 60.84 6.27 -25.74
CA ARG A 5 60.94 4.96 -25.13
C ARG A 5 61.24 3.92 -26.21
N ARG A 6 62.10 2.97 -25.87
CA ARG A 6 62.46 1.89 -26.78
C ARG A 6 61.56 0.70 -26.54
N PHE A 7 61.16 0.04 -27.63
CA PHE A 7 60.30 -1.14 -27.54
C PHE A 7 60.99 -2.34 -28.17
N SER A 8 60.80 -3.48 -27.51
CA SER A 8 61.48 -4.72 -27.86
C SER A 8 60.47 -5.85 -27.76
N SER A 9 60.90 -7.08 -27.99
CA SER A 9 60.01 -8.22 -27.78
C SER A 9 59.89 -8.47 -26.29
N GLU A 10 60.93 -8.13 -25.54
CA GLU A 10 60.91 -8.27 -24.08
C GLU A 10 60.00 -7.21 -23.47
N HIS A 11 60.03 -6.00 -24.03
CA HIS A 11 59.22 -4.90 -23.51
C HIS A 11 58.46 -4.25 -24.66
N PRO A 12 57.38 -4.90 -25.10
CA PRO A 12 56.66 -4.46 -26.31
C PRO A 12 55.92 -3.14 -26.19
N ASP A 13 55.40 -2.67 -27.31
CA ASP A 13 54.57 -1.47 -27.37
C ASP A 13 53.13 -1.84 -27.07
N PRO A 14 52.57 -1.32 -25.96
CA PRO A 14 51.21 -1.70 -25.60
C PRO A 14 50.18 -1.39 -26.69
N VAL A 15 50.51 -0.47 -27.60
CA VAL A 15 49.59 -0.11 -28.66
C VAL A 15 49.59 -1.17 -29.76
N GLU A 16 50.77 -1.66 -30.12
CA GLU A 16 50.89 -2.64 -31.19
C GLU A 16 50.39 -4.01 -30.77
N THR A 17 50.47 -4.29 -29.46
CA THR A 17 50.03 -5.56 -28.90
C THR A 17 48.56 -5.56 -28.51
N SER A 18 47.88 -4.43 -28.73
CA SER A 18 46.48 -4.31 -28.37
C SER A 18 45.58 -4.82 -29.49
N ILE A 19 44.81 -5.86 -29.20
CA ILE A 19 43.85 -6.39 -30.16
C ILE A 19 42.73 -5.36 -30.37
N PRO A 20 42.28 -4.71 -29.29
CA PRO A 20 41.30 -3.62 -29.48
C PRO A 20 41.80 -2.54 -30.43
N GLU A 21 43.08 -2.19 -30.32
CA GLU A 21 43.67 -1.19 -31.20
C GLU A 21 43.52 -1.63 -32.67
N GLN A 22 43.69 -2.92 -32.92
CA GLN A 22 43.54 -3.43 -34.27
C GLN A 22 42.15 -3.14 -34.78
N ALA A 23 41.15 -3.56 -34.01
CA ALA A 23 39.75 -3.37 -34.37
C ALA A 23 39.44 -1.91 -34.64
N ALA A 24 39.99 -1.03 -33.79
CA ALA A 24 39.81 0.41 -33.96
C ALA A 24 40.33 0.85 -35.32
N GLU A 25 41.55 0.40 -35.65
CA GLU A 25 42.17 0.73 -36.93
C GLU A 25 41.33 0.20 -38.10
N ILE A 26 40.75 -0.98 -37.92
CA ILE A 26 39.93 -1.58 -38.97
C ILE A 26 38.67 -0.73 -39.15
N ALA A 27 37.99 -0.49 -38.03
CA ALA A 27 36.75 0.28 -38.02
C ALA A 27 36.97 1.72 -38.48
N GLU A 28 38.12 2.28 -38.17
CA GLU A 28 38.44 3.64 -38.57
C GLU A 28 38.45 3.77 -40.09
N GLU A 29 39.07 2.80 -40.76
CA GLU A 29 39.12 2.82 -42.22
C GLU A 29 37.74 2.60 -42.84
N LEU A 30 36.93 1.71 -42.27
CA LEU A 30 35.59 1.47 -42.80
C LEU A 30 34.81 2.79 -42.82
N SER A 31 35.10 3.63 -41.84
CA SER A 31 34.45 4.93 -41.72
C SER A 31 34.95 5.85 -42.83
N LYS A 32 36.19 5.65 -43.27
CA LYS A 32 36.75 6.51 -44.31
C LYS A 32 36.24 6.18 -45.69
N GLN A 33 35.57 5.03 -45.84
CA GLN A 33 34.91 4.72 -47.11
C GLN A 33 33.59 5.48 -47.24
N HIS A 34 32.96 5.73 -46.10
CA HIS A 34 31.78 6.58 -46.02
C HIS A 34 31.93 7.49 -44.81
N PRO A 35 32.46 8.70 -44.99
CA PRO A 35 32.48 9.62 -43.85
C PRO A 35 31.08 9.92 -43.38
N LEU A 36 30.93 10.29 -42.10
CA LEU A 36 29.62 10.59 -41.56
C LEU A 36 29.18 11.97 -42.04
N PRO A 37 27.87 12.19 -42.11
CA PRO A 37 27.40 13.54 -42.44
C PRO A 37 27.57 14.45 -41.25
N SER A 38 27.55 15.76 -41.48
CA SER A 38 27.73 16.69 -40.39
C SER A 38 26.39 16.81 -39.69
N GLU A 39 26.43 17.13 -38.40
CA GLU A 39 25.24 17.09 -37.56
C GLU A 39 24.08 17.85 -38.18
N GLU A 40 22.90 17.25 -38.08
CA GLU A 40 21.67 17.81 -38.61
C GLU A 40 21.47 19.24 -38.09
N PRO A 41 21.02 20.16 -38.96
CA PRO A 41 20.91 21.58 -38.59
C PRO A 41 19.75 21.91 -37.66
N LEU A 42 19.75 23.13 -37.14
CA LEU A 42 18.70 23.61 -36.26
C LEU A 42 17.65 24.30 -37.12
N VAL A 43 16.39 24.22 -36.70
CA VAL A 43 15.32 24.93 -37.36
C VAL A 43 14.53 25.76 -36.34
N HIS A 44 13.96 26.87 -36.79
CA HIS A 44 13.19 27.74 -35.89
C HIS A 44 11.99 28.38 -36.58
N HIS A 45 11.31 29.23 -35.83
CA HIS A 45 10.15 29.97 -36.32
C HIS A 45 10.31 31.47 -36.14
N ASP A 46 10.27 32.22 -37.24
CA ASP A 46 10.14 33.67 -37.18
C ASP A 46 8.95 34.14 -38.01
N ALA A 47 7.91 34.58 -37.33
CA ALA A 47 6.81 35.31 -37.97
C ALA A 47 6.96 36.80 -37.74
N GLY A 48 8.00 37.18 -37.01
CA GLY A 48 8.30 38.58 -36.72
C GLY A 48 7.88 39.01 -35.32
N GLU A 49 7.57 38.05 -34.46
CA GLU A 49 7.12 38.36 -33.12
C GLU A 49 8.17 39.12 -32.31
N PHE A 50 9.45 38.77 -32.51
CA PHE A 50 10.53 39.37 -31.74
C PHE A 50 11.14 40.62 -32.38
N LYS A 51 10.74 40.92 -33.60
CA LYS A 51 11.40 41.95 -34.38
C LYS A 51 11.33 43.32 -33.71
N GLY A 52 10.38 43.48 -32.80
CA GLY A 52 10.31 44.69 -32.01
C GLY A 52 11.44 44.75 -30.99
N LEU A 53 12.08 43.61 -30.73
CA LEU A 53 13.16 43.53 -29.73
C LEU A 53 14.55 43.54 -30.36
N GLN A 54 15.49 44.20 -29.68
CA GLN A 54 16.85 44.34 -30.16
C GLN A 54 17.81 43.55 -29.27
N ARG A 55 18.62 42.68 -29.87
CA ARG A 55 19.46 41.74 -29.11
C ARG A 55 20.42 42.43 -28.14
N HIS A 56 20.42 41.92 -26.91
CA HIS A 56 21.23 42.42 -25.79
C HIS A 56 20.94 43.86 -25.44
N HIS A 57 19.86 44.43 -25.96
CA HIS A 57 19.31 45.69 -25.48
C HIS A 57 17.94 45.57 -24.80
N THR A 58 17.43 44.34 -24.70
CA THR A 58 16.07 44.11 -24.24
C THR A 58 15.88 44.42 -22.75
N SER A 59 14.62 44.61 -22.35
CA SER A 59 14.28 44.87 -20.97
C SER A 59 13.24 43.86 -20.48
N ALA A 60 12.85 43.99 -19.22
CA ALA A 60 11.89 43.06 -18.61
C ALA A 60 10.49 43.36 -19.14
N GLU A 61 10.18 44.64 -19.26
CA GLU A 61 8.88 45.06 -19.75
C GLU A 61 8.65 44.61 -21.19
N GLU A 62 9.66 44.78 -22.03
CA GLU A 62 9.57 44.37 -23.43
C GLU A 62 9.23 42.88 -23.51
N ALA A 63 9.78 42.11 -22.58
CA ALA A 63 9.57 40.66 -22.55
C ALA A 63 8.17 40.33 -22.04
N GLN A 64 7.74 41.01 -20.99
CA GLN A 64 6.42 40.78 -20.42
C GLN A 64 5.31 40.85 -21.49
N LYS A 65 5.33 41.92 -22.29
CA LYS A 65 4.34 42.10 -23.35
C LYS A 65 4.27 40.88 -24.27
N LEU A 66 5.42 40.28 -24.55
CA LEU A 66 5.45 39.11 -25.42
C LEU A 66 4.97 37.88 -24.66
N GLU A 67 5.35 37.79 -23.40
CA GLU A 67 4.85 36.74 -22.51
C GLU A 67 3.33 36.87 -22.38
N ASP A 68 2.86 38.12 -22.35
CA ASP A 68 1.45 38.43 -22.18
C ASP A 68 0.68 38.48 -23.50
N GLY A 69 1.38 38.35 -24.63
CA GLY A 69 0.75 38.32 -25.94
C GLY A 69 -0.06 37.06 -26.21
N LYS A 70 -0.83 37.03 -27.30
CA LYS A 70 -1.59 35.82 -27.66
C LYS A 70 -0.72 34.70 -28.14
N ILE A 71 0.30 35.07 -28.90
CA ILE A 71 1.01 34.11 -29.71
C ILE A 71 2.35 33.81 -29.08
N ASN A 72 2.62 32.53 -28.93
CA ASN A 72 3.89 32.09 -28.41
C ASN A 72 4.93 32.51 -29.43
N PRO A 73 5.82 33.45 -29.06
CA PRO A 73 6.74 34.03 -30.05
C PRO A 73 7.71 33.00 -30.63
N PHE A 74 8.02 31.97 -29.86
CA PHE A 74 9.01 30.97 -30.25
C PHE A 74 8.44 29.93 -31.23
N THR A 75 7.11 29.89 -31.35
CA THR A 75 6.41 28.89 -32.17
C THR A 75 5.55 29.56 -33.23
N GLY A 76 4.64 30.43 -32.80
CA GLY A 76 3.68 31.07 -33.68
C GLY A 76 2.30 30.52 -33.40
N ARG A 77 2.23 29.45 -32.63
CA ARG A 77 0.96 28.98 -32.10
C ARG A 77 0.54 29.88 -30.95
N GLU A 78 -0.69 29.72 -30.47
CA GLU A 78 -1.22 30.56 -29.40
C GLU A 78 -1.09 29.87 -28.04
N PHE A 79 -0.87 30.67 -27.01
CA PHE A 79 -0.73 30.19 -25.64
C PHE A 79 -1.98 29.46 -25.16
N THR A 80 -1.81 28.52 -24.24
CA THR A 80 -2.90 27.73 -23.69
C THR A 80 -3.38 28.42 -22.43
N PRO A 81 -4.62 28.14 -22.00
CA PRO A 81 -5.08 28.85 -20.80
C PRO A 81 -4.28 28.48 -19.55
N LYS A 82 -3.83 27.23 -19.45
CA LYS A 82 -3.00 26.80 -18.31
C LYS A 82 -1.68 27.58 -18.27
N TYR A 83 -1.15 27.93 -19.44
CA TYR A 83 0.10 28.68 -19.50
C TYR A 83 -0.02 30.00 -18.76
N VAL A 84 -1.20 30.61 -18.84
CA VAL A 84 -1.45 31.90 -18.22
C VAL A 84 -1.53 31.78 -16.71
N ASP A 85 -2.11 30.68 -16.24
CA ASP A 85 -2.18 30.39 -14.83
C ASP A 85 -0.77 30.19 -14.29
N ILE A 86 -0.01 29.33 -14.98
CA ILE A 86 1.36 29.04 -14.60
C ILE A 86 2.20 30.31 -14.60
N LEU A 87 1.97 31.17 -15.60
CA LEU A 87 2.76 32.37 -15.77
C LEU A 87 2.64 33.28 -14.55
N LYS A 88 1.45 33.38 -13.98
CA LYS A 88 1.24 34.22 -12.81
C LYS A 88 1.99 33.67 -11.61
N ILE A 89 1.94 32.35 -11.45
CA ILE A 89 2.63 31.68 -10.36
C ILE A 89 4.13 31.95 -10.39
N ARG A 90 4.74 31.66 -11.54
CA ARG A 90 6.19 31.72 -11.64
C ARG A 90 6.71 33.15 -11.59
N ARG A 91 5.85 34.14 -11.85
CA ARG A 91 6.27 35.54 -11.78
C ARG A 91 6.36 36.01 -10.34
N GLU A 92 5.92 35.18 -9.40
CA GLU A 92 6.01 35.53 -7.99
C GLU A 92 7.33 35.07 -7.40
N LEU A 93 8.13 34.36 -8.19
CA LEU A 93 9.44 33.92 -7.75
C LEU A 93 10.36 35.13 -7.52
N PRO A 94 11.32 35.00 -6.60
CA PRO A 94 12.22 36.13 -6.28
C PRO A 94 13.02 36.66 -7.48
N VAL A 95 13.53 35.78 -8.34
CA VAL A 95 14.39 36.22 -9.43
C VAL A 95 13.68 37.22 -10.35
N HIS A 96 12.36 37.17 -10.38
CA HIS A 96 11.60 38.03 -11.29
C HIS A 96 11.69 39.51 -10.87
N ALA A 97 11.93 39.75 -9.59
CA ALA A 97 12.07 41.12 -9.11
C ALA A 97 13.34 41.75 -9.66
N GLN A 98 14.37 40.93 -9.82
CA GLN A 98 15.68 41.38 -10.26
C GLN A 98 15.94 41.22 -11.76
N ARG A 99 14.90 40.87 -12.53
CA ARG A 99 15.09 40.58 -13.95
C ARG A 99 15.89 41.66 -14.71
N ASP A 100 15.49 42.92 -14.59
CA ASP A 100 16.22 44.01 -15.27
C ASP A 100 17.65 44.14 -14.74
N GLU A 101 17.82 43.94 -13.44
CA GLU A 101 19.15 43.97 -12.84
C GLU A 101 20.00 42.86 -13.47
N PHE A 102 19.42 41.68 -13.63
CA PHE A 102 20.12 40.54 -14.23
C PHE A 102 20.50 40.83 -15.68
N LEU A 103 19.51 41.30 -16.45
CA LEU A 103 19.72 41.58 -17.86
C LEU A 103 20.84 42.59 -18.08
N LYS A 104 20.89 43.61 -17.23
CA LYS A 104 21.88 44.67 -17.40
C LYS A 104 23.30 44.11 -17.25
N LEU A 105 23.46 43.08 -16.41
CA LEU A 105 24.75 42.41 -16.24
C LEU A 105 25.05 41.45 -17.38
N TYR A 106 24.01 40.74 -17.83
CA TYR A 106 24.15 39.81 -18.94
C TYR A 106 24.63 40.55 -20.19
N GLN A 107 24.06 41.72 -20.42
CA GLN A 107 24.34 42.51 -21.62
C GLN A 107 25.74 43.11 -21.63
N ASN A 108 26.22 43.53 -20.47
CA ASN A 108 27.49 44.23 -20.35
C ASN A 108 28.69 43.34 -20.00
N ASN A 109 28.46 42.03 -19.87
CA ASN A 109 29.53 41.11 -19.48
C ASN A 109 29.46 39.77 -20.20
N GLN A 110 30.62 39.19 -20.47
CA GLN A 110 30.70 37.87 -21.08
C GLN A 110 30.44 36.78 -20.03
N ILE A 111 31.07 36.94 -18.87
CA ILE A 111 30.93 35.99 -17.76
C ILE A 111 30.34 36.66 -16.52
N MET A 112 29.41 35.97 -15.87
CA MET A 112 28.78 36.46 -14.63
C MET A 112 28.44 35.33 -13.66
N VAL A 113 28.41 35.66 -12.38
CA VAL A 113 28.04 34.72 -11.32
C VAL A 113 26.66 35.07 -10.76
N PHE A 114 25.88 34.03 -10.48
CA PHE A 114 24.51 34.19 -10.01
C PHE A 114 24.32 33.36 -8.76
N VAL A 115 23.74 33.95 -7.70
CA VAL A 115 23.49 33.18 -6.48
C VAL A 115 22.15 33.48 -5.83
N GLY A 116 21.53 32.44 -5.29
CA GLY A 116 20.28 32.57 -4.57
C GLY A 116 19.95 31.29 -3.83
N GLU A 117 19.09 31.40 -2.83
CA GLU A 117 18.63 30.23 -2.10
C GLU A 117 17.97 29.26 -3.07
N THR A 118 17.99 27.98 -2.75
CA THR A 118 17.23 27.01 -3.51
C THR A 118 15.76 27.45 -3.50
N GLY A 119 15.15 27.51 -4.68
CA GLY A 119 13.75 27.94 -4.79
C GLY A 119 13.58 29.35 -5.32
N SER A 120 14.69 30.05 -5.57
CA SER A 120 14.63 31.42 -6.06
C SER A 120 14.17 31.50 -7.50
N GLY A 121 14.25 30.39 -8.22
CA GLY A 121 13.81 30.36 -9.60
C GLY A 121 14.94 30.46 -10.60
N LYS A 122 16.17 30.22 -10.16
CA LYS A 122 17.33 30.24 -11.05
C LYS A 122 17.16 29.35 -12.29
N THR A 123 17.08 28.05 -12.08
CA THR A 123 17.12 27.07 -13.17
C THR A 123 15.96 27.19 -14.16
N THR A 124 14.76 27.45 -13.66
CA THR A 124 13.57 27.52 -14.50
C THR A 124 13.43 28.85 -15.23
N GLN A 125 13.78 29.94 -14.55
CA GLN A 125 13.49 31.28 -15.09
C GLN A 125 14.65 31.82 -15.94
N ILE A 126 15.82 31.99 -15.32
CA ILE A 126 16.95 32.66 -15.97
C ILE A 126 17.23 32.20 -17.41
N PRO A 127 17.16 30.88 -17.68
CA PRO A 127 17.32 30.49 -19.08
C PRO A 127 16.24 31.10 -19.98
N GLN A 128 15.04 31.29 -19.46
CA GLN A 128 13.98 31.94 -20.23
C GLN A 128 14.26 33.44 -20.35
N PHE A 129 14.82 34.04 -19.29
CA PHE A 129 15.25 35.44 -19.37
C PHE A 129 16.22 35.62 -20.51
N VAL A 130 17.16 34.68 -20.59
CA VAL A 130 18.22 34.73 -21.59
C VAL A 130 17.61 34.55 -22.97
N LEU A 131 16.59 33.70 -23.04
CA LEU A 131 15.96 33.34 -24.31
C LEU A 131 15.41 34.60 -24.97
N PHE A 132 14.87 35.50 -24.16
CA PHE A 132 14.24 36.72 -24.68
C PHE A 132 15.25 37.79 -25.07
N ASP A 133 16.32 37.92 -24.30
CA ASP A 133 17.33 38.94 -24.59
C ASP A 133 18.31 38.49 -25.68
N GLU A 134 18.58 37.19 -25.74
CA GLU A 134 19.48 36.64 -26.75
C GLU A 134 18.75 36.39 -28.06
N MET A 135 17.58 35.75 -27.98
CA MET A 135 16.84 35.28 -29.15
C MET A 135 17.75 34.37 -29.98
N PRO A 136 18.24 33.29 -29.36
CA PRO A 136 19.26 32.40 -29.92
C PRO A 136 18.78 31.63 -31.14
N HIS A 137 17.48 31.38 -31.24
CA HIS A 137 16.93 30.63 -32.38
C HIS A 137 16.97 31.46 -33.66
N LEU A 138 17.03 32.77 -33.53
CA LEU A 138 17.12 33.65 -34.69
C LEU A 138 18.54 33.65 -35.26
N GLU A 139 19.53 33.63 -34.38
CA GLU A 139 20.94 33.64 -34.77
C GLU A 139 21.49 32.22 -34.96
N ASN A 140 20.59 31.24 -34.97
CA ASN A 140 20.97 29.85 -35.24
C ASN A 140 21.83 29.24 -34.14
N THR A 141 21.41 29.45 -32.89
CA THR A 141 22.06 28.85 -31.74
C THR A 141 21.05 28.29 -30.75
N GLN A 142 21.57 27.62 -29.72
CA GLN A 142 20.79 27.13 -28.60
C GLN A 142 21.26 27.81 -27.33
N VAL A 143 20.63 27.45 -26.22
CA VAL A 143 21.11 27.83 -24.89
C VAL A 143 21.17 26.55 -24.06
N ALA A 144 22.32 26.30 -23.45
CA ALA A 144 22.52 25.10 -22.64
C ALA A 144 22.54 25.44 -21.15
N CYS A 145 21.90 24.59 -20.35
CA CYS A 145 21.93 24.72 -18.90
C CYS A 145 22.26 23.37 -18.26
N THR A 146 23.38 23.29 -17.56
CA THR A 146 23.88 22.01 -17.05
C THR A 146 23.48 21.70 -15.61
N GLN A 147 23.01 20.47 -15.37
CA GLN A 147 22.75 19.98 -14.01
C GLN A 147 23.76 18.87 -13.65
N PRO A 148 24.22 18.83 -12.38
CA PRO A 148 25.07 17.69 -12.01
C PRO A 148 24.30 16.38 -11.94
N ARG A 149 22.97 16.46 -11.88
CA ARG A 149 22.12 15.31 -11.62
C ARG A 149 21.18 15.00 -12.77
N ARG A 150 21.05 13.72 -13.08
CA ARG A 150 20.13 13.27 -14.11
C ARG A 150 18.72 13.74 -13.83
N VAL A 151 18.25 13.46 -12.61
CA VAL A 151 16.86 13.68 -12.26
C VAL A 151 16.51 15.17 -12.29
N ALA A 152 17.46 16.01 -11.91
CA ALA A 152 17.25 17.46 -11.91
C ALA A 152 17.07 17.97 -13.33
N ALA A 153 17.88 17.44 -14.24
CA ALA A 153 17.85 17.87 -15.64
C ALA A 153 16.55 17.48 -16.33
N MET A 154 16.16 16.20 -16.22
CA MET A 154 14.96 15.71 -16.88
C MET A 154 13.71 16.40 -16.36
N SER A 155 13.63 16.51 -15.03
CA SER A 155 12.45 17.04 -14.37
C SER A 155 12.21 18.52 -14.65
N VAL A 156 13.27 19.32 -14.52
CA VAL A 156 13.13 20.76 -14.71
C VAL A 156 12.84 21.08 -16.17
N ALA A 157 13.31 20.23 -17.08
CA ALA A 157 13.05 20.40 -18.50
C ALA A 157 11.58 20.18 -18.80
N GLN A 158 11.00 19.18 -18.15
CA GLN A 158 9.56 18.93 -18.22
C GLN A 158 8.79 20.13 -17.68
N ARG A 159 9.32 20.75 -16.64
CA ARG A 159 8.66 21.88 -16.01
C ARG A 159 8.69 23.10 -16.91
N VAL A 160 9.88 23.47 -17.38
CA VAL A 160 10.05 24.68 -18.18
C VAL A 160 9.35 24.57 -19.54
N ALA A 161 9.19 23.36 -20.05
CA ALA A 161 8.44 23.16 -21.28
C ALA A 161 7.00 23.62 -21.12
N GLU A 162 6.43 23.36 -19.94
CA GLU A 162 5.08 23.81 -19.64
C GLU A 162 5.03 25.32 -19.42
N GLU A 163 6.08 25.88 -18.82
CA GLU A 163 6.10 27.29 -18.52
C GLU A 163 6.24 28.11 -19.79
N MET A 164 6.88 27.52 -20.80
CA MET A 164 7.00 28.16 -22.09
C MET A 164 5.89 27.71 -23.05
N ASP A 165 5.06 26.78 -22.57
CA ASP A 165 3.96 26.25 -23.38
C ASP A 165 4.47 25.64 -24.68
N VAL A 166 5.37 24.66 -24.54
CA VAL A 166 5.92 23.97 -25.70
C VAL A 166 6.03 22.47 -25.45
N LYS A 167 6.12 21.72 -26.54
CA LYS A 167 6.27 20.27 -26.48
C LYS A 167 7.66 19.92 -25.93
N LEU A 168 7.73 18.92 -25.05
CA LEU A 168 9.02 18.48 -24.55
C LEU A 168 9.77 17.72 -25.65
N GLY A 169 10.98 18.18 -25.93
CA GLY A 169 11.76 17.61 -27.02
C GLY A 169 11.72 18.46 -28.27
N GLU A 170 10.80 19.43 -28.31
CA GLU A 170 10.74 20.31 -29.46
C GLU A 170 11.52 21.60 -29.21
N GLU A 171 10.92 22.58 -28.55
CA GLU A 171 11.63 23.84 -28.31
C GLU A 171 12.49 23.74 -27.05
N VAL A 172 11.91 23.15 -26.02
CA VAL A 172 12.63 22.84 -24.79
C VAL A 172 12.83 21.34 -24.73
N GLY A 173 14.07 20.93 -24.42
CA GLY A 173 14.41 19.53 -24.44
C GLY A 173 15.48 19.21 -23.41
N TYR A 174 15.78 17.92 -23.25
CA TYR A 174 16.82 17.50 -22.32
C TYR A 174 17.70 16.39 -22.90
N SER A 175 18.97 16.40 -22.51
CA SER A 175 19.92 15.38 -22.94
C SER A 175 20.63 14.77 -21.73
N ILE A 176 20.52 13.44 -21.60
CA ILE A 176 21.19 12.68 -20.55
C ILE A 176 21.98 11.56 -21.21
N ARG A 177 22.91 10.98 -20.46
CA ARG A 177 23.64 9.82 -20.92
C ARG A 177 22.65 8.70 -21.29
N PHE A 178 22.74 8.21 -22.53
CA PHE A 178 21.88 7.14 -23.03
C PHE A 178 20.40 7.51 -23.13
N GLU A 179 20.06 8.75 -22.78
CA GLU A 179 18.68 9.22 -22.85
C GLU A 179 18.66 10.63 -23.42
N ASN A 180 18.00 10.80 -24.56
CA ASN A 180 17.99 12.07 -25.26
C ASN A 180 16.60 12.49 -25.69
N LYS A 181 16.11 13.60 -25.15
CA LYS A 181 14.92 14.25 -25.68
C LYS A 181 15.28 15.62 -26.24
N THR A 182 15.44 15.67 -27.56
CA THR A 182 15.76 16.90 -28.29
C THR A 182 15.47 16.74 -29.77
N SER A 183 15.40 17.86 -30.48
CA SER A 183 15.22 17.83 -31.92
C SER A 183 15.85 19.08 -32.54
N ASN A 184 15.73 19.20 -33.86
CA ASN A 184 16.24 20.39 -34.55
C ASN A 184 15.50 21.64 -34.09
N LYS A 185 14.33 21.46 -33.49
CA LYS A 185 13.54 22.58 -33.02
C LYS A 185 14.09 23.16 -31.71
N THR A 186 14.91 22.39 -31.01
CA THR A 186 15.29 22.74 -29.64
C THR A 186 16.10 24.02 -29.55
N ILE A 187 15.62 24.92 -28.69
CA ILE A 187 16.29 26.18 -28.40
C ILE A 187 17.01 26.06 -27.05
N LEU A 188 16.23 25.86 -26.00
CA LEU A 188 16.75 25.70 -24.64
C LEU A 188 16.93 24.23 -24.29
N LYS A 189 18.17 23.84 -24.02
CA LYS A 189 18.51 22.46 -23.76
C LYS A 189 19.10 22.28 -22.36
N TYR A 190 18.36 21.61 -21.49
CA TYR A 190 18.84 21.25 -20.17
C TYR A 190 19.57 19.92 -20.28
N MET A 191 20.75 19.81 -19.68
CA MET A 191 21.55 18.61 -19.83
C MET A 191 22.37 18.38 -18.60
N THR A 192 22.93 17.18 -18.48
CA THR A 192 23.88 16.90 -17.42
C THR A 192 25.21 17.52 -17.82
N ASP A 193 25.96 18.02 -16.83
CA ASP A 193 27.26 18.64 -17.11
C ASP A 193 28.18 17.67 -17.84
N GLY A 194 27.93 16.38 -17.69
CA GLY A 194 28.71 15.37 -18.38
C GLY A 194 28.45 15.36 -19.87
N MET A 195 27.18 15.50 -20.24
CA MET A 195 26.80 15.47 -21.64
C MET A 195 27.25 16.72 -22.40
N LEU A 196 27.32 17.86 -21.72
CA LEU A 196 27.84 19.07 -22.35
C LEU A 196 29.34 18.88 -22.56
N LEU A 197 29.97 18.19 -21.62
CA LEU A 197 31.39 17.92 -21.71
C LEU A 197 31.68 17.03 -22.91
N ARG A 198 30.77 16.10 -23.18
CA ARG A 198 30.96 15.18 -24.30
C ARG A 198 30.74 15.92 -25.62
N GLU A 199 29.77 16.82 -25.65
CA GLU A 199 29.52 17.62 -26.85
C GLU A 199 30.73 18.47 -27.17
N ALA A 200 31.46 18.86 -26.12
CA ALA A 200 32.63 19.70 -26.28
C ALA A 200 33.79 18.89 -26.87
N MET A 201 33.82 17.60 -26.56
CA MET A 201 34.89 16.74 -27.05
C MET A 201 34.82 16.65 -28.59
N GLU A 202 33.61 16.67 -29.14
CA GLU A 202 33.43 16.67 -30.59
C GLU A 202 33.59 18.07 -31.20
N ASP A 203 33.05 19.08 -30.52
CA ASP A 203 33.20 20.47 -30.95
C ASP A 203 33.72 21.32 -29.79
N HIS A 204 34.97 21.75 -29.90
CA HIS A 204 35.70 22.33 -28.78
C HIS A 204 35.22 23.73 -28.46
N ASP A 205 34.68 24.40 -29.47
CA ASP A 205 34.20 25.76 -29.31
C ASP A 205 32.72 25.82 -28.93
N LEU A 206 32.05 24.67 -28.96
CA LEU A 206 30.62 24.58 -28.64
C LEU A 206 29.83 25.63 -29.40
N SER A 207 30.07 25.69 -30.70
CA SER A 207 29.56 26.77 -31.54
C SER A 207 28.04 26.80 -31.63
N ARG A 208 27.39 25.76 -31.13
CA ARG A 208 25.92 25.66 -31.22
C ARG A 208 25.24 26.49 -30.14
N TYR A 209 26.01 26.96 -29.17
CA TYR A 209 25.44 27.67 -28.03
C TYR A 209 25.95 29.10 -27.91
N SER A 210 25.02 30.05 -27.97
CA SER A 210 25.37 31.45 -27.76
C SER A 210 25.47 31.74 -26.28
N CYS A 211 24.86 30.89 -25.48
CA CYS A 211 24.95 31.01 -24.03
C CYS A 211 25.08 29.65 -23.37
N ILE A 212 25.91 29.60 -22.34
CA ILE A 212 26.11 28.39 -21.56
C ILE A 212 25.95 28.70 -20.08
N ILE A 213 25.00 28.02 -19.45
CA ILE A 213 24.69 28.25 -18.04
C ILE A 213 25.11 27.04 -17.21
N LEU A 214 26.15 27.20 -16.40
CA LEU A 214 26.58 26.12 -15.52
C LEU A 214 25.87 26.27 -14.19
N ASP A 215 24.97 25.33 -13.90
CA ASP A 215 24.07 25.44 -12.77
C ASP A 215 24.55 24.54 -11.63
N GLU A 216 24.24 24.94 -10.40
CA GLU A 216 24.56 24.14 -9.22
C GLU A 216 26.07 23.93 -9.07
N ALA A 217 26.82 25.00 -9.31
CA ALA A 217 28.28 24.92 -9.30
C ALA A 217 28.81 24.60 -7.91
N HIS A 218 28.05 24.96 -6.89
CA HIS A 218 28.46 24.75 -5.51
C HIS A 218 28.72 23.28 -5.21
N GLU A 219 28.04 22.39 -5.93
CA GLU A 219 28.22 20.95 -5.79
C GLU A 219 29.62 20.56 -6.26
N ARG A 220 30.18 21.37 -7.15
CA ARG A 220 31.56 21.21 -7.62
C ARG A 220 31.85 19.79 -8.07
N THR A 221 31.00 19.27 -8.95
CA THR A 221 31.23 17.95 -9.51
C THR A 221 32.33 18.01 -10.55
N LEU A 222 32.91 16.85 -10.81
CA LEU A 222 34.05 16.71 -11.71
C LEU A 222 33.81 17.31 -13.10
N ALA A 223 32.64 17.05 -13.66
CA ALA A 223 32.34 17.57 -14.99
C ALA A 223 32.20 19.08 -14.95
N THR A 224 31.61 19.60 -13.87
CA THR A 224 31.41 21.04 -13.76
C THR A 224 32.77 21.76 -13.69
N ASP A 225 33.68 21.22 -12.89
CA ASP A 225 35.00 21.82 -12.72
C ASP A 225 35.79 21.84 -14.02
N ILE A 226 35.68 20.78 -14.79
CA ILE A 226 36.34 20.73 -16.08
C ILE A 226 35.75 21.78 -17.00
N LEU A 227 34.42 21.84 -17.08
CA LEU A 227 33.75 22.77 -17.96
C LEU A 227 34.11 24.23 -17.64
N MET A 228 34.20 24.54 -16.36
CA MET A 228 34.61 25.88 -15.93
C MET A 228 36.01 26.18 -16.49
N GLY A 229 36.87 25.18 -16.45
CA GLY A 229 38.22 25.31 -16.98
C GLY A 229 38.25 25.52 -18.47
N LEU A 230 37.46 24.75 -19.21
CA LEU A 230 37.38 24.91 -20.66
C LEU A 230 36.83 26.29 -21.04
N LEU A 231 35.61 26.58 -20.59
CA LEU A 231 34.89 27.77 -20.99
C LEU A 231 35.69 29.03 -20.70
N LYS A 232 36.54 28.97 -19.69
CA LYS A 232 37.40 30.08 -19.36
C LYS A 232 38.37 30.36 -20.50
N GLN A 233 38.67 29.32 -21.28
CA GLN A 233 39.49 29.45 -22.49
C GLN A 233 38.64 29.81 -23.71
N VAL A 234 37.50 29.13 -23.87
CA VAL A 234 36.66 29.31 -25.04
C VAL A 234 36.25 30.77 -25.26
N VAL A 235 35.98 31.48 -24.17
CA VAL A 235 35.57 32.89 -24.25
C VAL A 235 36.58 33.73 -25.00
N LYS A 236 37.86 33.33 -24.96
CA LYS A 236 38.91 34.03 -25.67
C LYS A 236 38.73 33.83 -27.18
N ARG A 237 38.45 32.60 -27.60
CA ARG A 237 38.22 32.33 -29.00
C ARG A 237 36.84 32.79 -29.46
N ARG A 238 35.92 32.93 -28.50
CA ARG A 238 34.52 33.22 -28.81
C ARG A 238 33.99 34.42 -28.03
N PRO A 239 34.12 35.62 -28.61
CA PRO A 239 33.53 36.81 -28.00
C PRO A 239 32.00 36.77 -28.03
N ASP A 240 31.44 35.92 -28.89
CA ASP A 240 29.99 35.85 -29.08
C ASP A 240 29.30 34.92 -28.08
N LEU A 241 30.09 34.30 -27.21
CA LEU A 241 29.56 33.37 -26.22
C LEU A 241 29.49 34.02 -24.85
N LYS A 242 28.40 33.79 -24.14
CA LYS A 242 28.21 34.33 -22.81
C LYS A 242 28.07 33.19 -21.80
N ILE A 243 28.70 33.35 -20.65
CA ILE A 243 28.71 32.32 -19.61
C ILE A 243 28.04 32.79 -18.33
N ILE A 244 27.17 31.95 -17.79
CA ILE A 244 26.54 32.21 -16.50
C ILE A 244 26.84 31.06 -15.55
N ILE A 245 27.45 31.39 -14.42
CA ILE A 245 27.68 30.41 -13.37
C ILE A 245 26.69 30.62 -12.24
N MET A 246 25.79 29.65 -12.05
CA MET A 246 24.79 29.74 -10.99
C MET A 246 25.16 28.83 -9.83
N SER A 247 25.00 29.33 -8.62
CA SER A 247 25.37 28.61 -7.41
C SER A 247 24.41 28.96 -6.27
N ALA A 248 24.16 28.03 -5.37
CA ALA A 248 23.21 28.26 -4.29
C ALA A 248 23.85 28.90 -3.05
N THR A 249 25.17 28.89 -2.97
CA THR A 249 25.90 29.47 -1.84
C THR A 249 26.21 30.96 -2.08
N LEU A 250 25.91 31.81 -1.10
CA LEU A 250 26.08 33.25 -1.25
C LEU A 250 27.53 33.70 -1.18
N ASP A 251 28.43 32.82 -0.72
CA ASP A 251 29.84 33.15 -0.75
C ASP A 251 30.38 32.51 -2.01
N ALA A 252 30.50 33.37 -3.02
CA ALA A 252 31.03 33.07 -4.34
C ALA A 252 32.34 33.79 -4.67
N GLU A 253 32.94 34.47 -3.70
CA GLU A 253 34.15 35.27 -3.99
C GLU A 253 35.23 34.47 -4.72
N LYS A 254 35.35 33.18 -4.38
CA LYS A 254 36.32 32.31 -5.03
C LYS A 254 35.98 32.14 -6.52
N PHE A 255 34.69 32.02 -6.82
CA PHE A 255 34.22 31.88 -8.20
C PHE A 255 34.51 33.13 -9.03
N GLN A 256 34.35 34.30 -8.41
CA GLN A 256 34.58 35.56 -9.11
C GLN A 256 36.03 35.72 -9.53
N ARG A 257 36.95 35.43 -8.62
CA ARG A 257 38.37 35.54 -8.93
C ARG A 257 38.76 34.59 -10.06
N TYR A 258 38.37 33.33 -9.93
CA TYR A 258 38.68 32.31 -10.91
C TYR A 258 38.21 32.66 -12.33
N PHE A 259 37.08 33.36 -12.39
CA PHE A 259 36.43 33.75 -13.64
C PHE A 259 36.87 35.15 -14.09
N ASN A 260 37.98 35.61 -13.53
CA ASN A 260 38.58 36.90 -13.87
C ASN A 260 37.77 38.09 -13.39
N ASP A 261 37.38 38.04 -12.12
CA ASP A 261 36.72 39.15 -11.45
C ASP A 261 35.41 39.48 -12.13
N ALA A 262 34.65 38.44 -12.48
CA ALA A 262 33.34 38.61 -13.07
C ALA A 262 32.39 39.23 -12.05
N PRO A 263 31.32 39.89 -12.53
CA PRO A 263 30.37 40.53 -11.63
C PRO A 263 29.46 39.52 -10.93
N LEU A 264 28.96 39.87 -9.76
CA LEU A 264 28.10 39.00 -8.97
C LEU A 264 26.70 39.57 -8.82
N LEU A 265 25.70 38.75 -9.14
CA LEU A 265 24.32 39.05 -8.80
C LEU A 265 23.87 38.08 -7.70
N ALA A 266 23.40 38.64 -6.58
CA ALA A 266 22.89 37.83 -5.47
C ALA A 266 21.40 38.07 -5.26
N VAL A 267 20.65 36.98 -5.05
CA VAL A 267 19.23 37.07 -4.74
C VAL A 267 19.04 36.88 -3.24
N PRO A 268 18.42 37.87 -2.55
CA PRO A 268 18.26 37.76 -1.09
C PRO A 268 17.34 36.63 -0.67
N GLY A 269 17.66 36.02 0.47
CA GLY A 269 16.86 34.91 0.99
C GLY A 269 15.46 35.29 1.43
N ARG A 270 14.48 34.59 0.87
CA ARG A 270 13.06 34.71 1.25
C ARG A 270 12.60 33.60 2.20
N THR A 271 13.51 32.70 2.58
CA THR A 271 13.16 31.52 3.37
C THR A 271 12.65 31.87 4.77
N TYR A 272 11.59 31.19 5.19
CA TYR A 272 10.99 31.40 6.52
C TYR A 272 11.82 30.72 7.61
N PRO A 273 11.56 31.05 8.87
CA PRO A 273 12.29 30.41 9.97
C PRO A 273 11.99 28.93 10.08
N VAL A 274 13.00 28.12 10.37
CA VAL A 274 12.84 26.69 10.55
C VAL A 274 13.29 26.25 11.92
N GLU A 275 12.35 25.71 12.69
CA GLU A 275 12.63 25.25 14.04
C GLU A 275 13.37 23.93 13.97
N LEU A 276 14.57 23.87 14.55
CA LEU A 276 15.39 22.66 14.51
C LEU A 276 15.09 21.77 15.71
N TYR A 277 15.01 20.47 15.45
CA TYR A 277 14.82 19.48 16.50
C TYR A 277 15.91 18.41 16.40
N TYR A 278 16.55 18.09 17.52
CA TYR A 278 17.59 17.07 17.55
C TYR A 278 17.15 15.93 18.45
N THR A 279 17.88 14.81 18.37
CA THR A 279 17.58 13.68 19.24
C THR A 279 18.49 13.78 20.47
N PRO A 280 18.00 13.28 21.62
CA PRO A 280 18.77 13.37 22.86
C PRO A 280 20.04 12.51 22.86
N GLU A 281 20.05 11.43 22.09
CA GLU A 281 21.21 10.55 22.01
C GLU A 281 21.38 9.89 20.63
N PHE A 282 22.56 9.35 20.41
CA PHE A 282 22.91 8.68 19.16
C PHE A 282 21.92 7.60 18.74
N GLN A 283 21.53 7.62 17.47
CA GLN A 283 20.66 6.62 16.87
C GLN A 283 21.47 5.65 16.03
N ARG A 284 21.58 4.41 16.48
CA ARG A 284 22.42 3.43 15.80
C ARG A 284 21.80 3.01 14.47
N ASP A 285 20.48 2.83 14.47
CA ASP A 285 19.77 2.48 13.25
C ASP A 285 18.86 3.62 12.86
N TYR A 286 19.26 4.35 11.82
CA TYR A 286 18.59 5.60 11.49
C TYR A 286 17.33 5.38 10.66
N LEU A 287 17.24 4.25 9.98
CA LEU A 287 16.10 4.04 9.10
C LEU A 287 14.82 3.94 9.91
N ASP A 288 14.82 3.09 10.92
CA ASP A 288 13.63 2.92 11.77
C ASP A 288 13.39 4.19 12.57
N SER A 289 14.48 4.87 12.91
CA SER A 289 14.38 6.15 13.60
C SER A 289 13.66 7.14 12.69
N ALA A 290 13.96 7.05 11.40
CA ALA A 290 13.37 7.94 10.42
C ALA A 290 11.92 7.59 10.14
N ILE A 291 11.63 6.30 9.99
CA ILE A 291 10.28 5.87 9.68
C ILE A 291 9.34 6.32 10.81
N ARG A 292 9.80 6.20 12.05
CA ARG A 292 8.99 6.61 13.21
C ARG A 292 8.75 8.12 13.25
N THR A 293 9.79 8.88 12.92
CA THR A 293 9.70 10.33 12.94
C THR A 293 8.65 10.82 11.95
N VAL A 294 8.66 10.24 10.74
CA VAL A 294 7.67 10.57 9.72
C VAL A 294 6.26 10.31 10.22
N LEU A 295 6.02 9.10 10.73
CA LEU A 295 4.71 8.72 11.24
C LEU A 295 4.29 9.60 12.43
N GLN A 296 5.24 9.97 13.28
CA GLN A 296 4.95 10.87 14.38
C GLN A 296 4.40 12.19 13.85
N ILE A 297 5.08 12.73 12.84
CA ILE A 297 4.69 14.00 12.25
C ILE A 297 3.27 13.92 11.68
N HIS A 298 3.03 12.91 10.85
CA HIS A 298 1.73 12.77 10.20
C HIS A 298 0.62 12.69 11.24
N ALA A 299 0.91 12.05 12.37
CA ALA A 299 -0.09 11.91 13.43
C ALA A 299 -0.28 13.20 14.25
N THR A 300 0.81 13.76 14.74
CA THR A 300 0.74 14.84 15.75
C THR A 300 0.82 16.29 15.25
N GLU A 301 1.15 16.51 13.99
CA GLU A 301 1.50 17.86 13.51
C GLU A 301 0.51 18.45 12.50
N GLU A 302 0.49 19.78 12.43
CA GLU A 302 -0.46 20.48 11.57
C GLU A 302 -0.11 20.24 10.11
N ALA A 303 -1.05 20.56 9.22
CA ALA A 303 -0.92 20.19 7.81
C ALA A 303 0.36 20.72 7.17
N GLY A 304 0.89 19.92 6.26
CA GLY A 304 2.06 20.25 5.47
C GLY A 304 2.77 18.96 5.10
N ASP A 305 3.57 18.99 4.05
CA ASP A 305 4.12 17.76 3.46
C ASP A 305 5.52 17.46 3.99
N ILE A 306 5.85 16.17 4.08
CA ILE A 306 7.13 15.72 4.64
C ILE A 306 8.15 15.36 3.57
N LEU A 307 9.40 15.76 3.79
CA LEU A 307 10.52 15.39 2.94
C LEU A 307 11.53 14.56 3.74
N LEU A 308 11.76 13.32 3.31
CA LEU A 308 12.69 12.43 3.98
C LEU A 308 13.93 12.17 3.13
N PHE A 309 15.11 12.39 3.72
CA PHE A 309 16.38 12.18 3.02
C PHE A 309 17.00 10.83 3.35
N LEU A 310 17.10 9.96 2.34
CA LEU A 310 17.80 8.69 2.48
C LEU A 310 18.84 8.55 1.37
N THR A 311 19.63 7.49 1.44
CA THR A 311 20.88 7.41 0.68
C THR A 311 20.86 6.58 -0.62
N GLY A 312 19.76 5.92 -0.94
CA GLY A 312 19.73 5.08 -2.13
C GLY A 312 18.41 4.40 -2.40
N GLU A 313 18.27 3.89 -3.62
CA GLU A 313 16.97 3.39 -4.10
C GLU A 313 16.44 2.22 -3.27
N ASP A 314 17.20 1.13 -3.13
CA ASP A 314 16.69 -0.04 -2.40
C ASP A 314 16.22 0.39 -1.01
N GLU A 315 17.03 1.21 -0.36
CA GLU A 315 16.68 1.75 0.94
C GLU A 315 15.40 2.59 0.88
N ILE A 316 15.26 3.40 -0.16
CA ILE A 316 14.11 4.28 -0.29
C ILE A 316 12.84 3.47 -0.63
N GLU A 317 12.97 2.50 -1.52
CA GLU A 317 11.83 1.68 -1.91
C GLU A 317 11.36 0.85 -0.73
N ASP A 318 12.31 0.42 0.10
CA ASP A 318 11.99 -0.30 1.32
C ASP A 318 11.26 0.61 2.29
N ALA A 319 11.65 1.89 2.30
CA ALA A 319 11.06 2.87 3.19
C ALA A 319 9.66 3.24 2.74
N VAL A 320 9.47 3.31 1.42
CA VAL A 320 8.15 3.56 0.85
C VAL A 320 7.19 2.46 1.29
N ARG A 321 7.69 1.23 1.29
CA ARG A 321 6.90 0.07 1.69
C ARG A 321 6.36 0.21 3.11
N LYS A 322 7.28 0.42 4.06
CA LYS A 322 6.94 0.46 5.46
C LYS A 322 6.02 1.63 5.82
N ILE A 323 6.31 2.81 5.27
CA ILE A 323 5.55 4.00 5.59
C ILE A 323 4.14 3.95 4.97
N SER A 324 4.05 3.37 3.77
CA SER A 324 2.75 3.15 3.13
C SER A 324 1.91 2.21 3.99
N LEU A 325 2.56 1.20 4.56
CA LEU A 325 1.87 0.18 5.33
C LEU A 325 1.37 0.74 6.67
N GLU A 326 2.30 1.19 7.50
CA GLU A 326 1.95 1.74 8.80
C GLU A 326 1.09 2.97 8.62
N GLY A 327 1.27 3.67 7.51
CA GLY A 327 0.46 4.82 7.19
C GLY A 327 -1.00 4.44 7.02
N ASP A 328 -1.26 3.39 6.25
CA ASP A 328 -2.62 2.91 6.03
C ASP A 328 -3.24 2.39 7.32
N GLN A 329 -2.41 1.82 8.19
CA GLN A 329 -2.85 1.34 9.49
C GLN A 329 -3.43 2.47 10.33
N LEU A 330 -2.75 3.60 10.40
CA LEU A 330 -3.25 4.74 11.17
C LEU A 330 -4.56 5.30 10.61
N VAL A 331 -4.73 5.28 9.30
CA VAL A 331 -5.99 5.70 8.70
C VAL A 331 -7.12 4.82 9.23
N ARG A 332 -6.94 3.51 9.12
CA ARG A 332 -7.94 2.56 9.56
C ARG A 332 -8.07 2.53 11.08
N GLU A 333 -6.96 2.27 11.78
CA GLU A 333 -6.98 2.17 13.23
C GLU A 333 -7.25 3.49 13.96
N GLU A 334 -6.40 4.48 13.73
CA GLU A 334 -6.41 5.71 14.53
C GLU A 334 -7.16 6.88 13.89
N GLY A 335 -7.67 6.68 12.68
CA GLY A 335 -8.45 7.72 12.02
C GLY A 335 -7.62 8.88 11.48
N CYS A 336 -6.35 8.61 11.20
CA CYS A 336 -5.46 9.62 10.61
C CYS A 336 -5.90 9.98 9.20
N GLY A 337 -5.44 11.13 8.72
CA GLY A 337 -5.68 11.52 7.35
C GLY A 337 -4.92 10.59 6.41
N PRO A 338 -5.34 10.55 5.14
CA PRO A 338 -4.66 9.69 4.16
C PRO A 338 -3.23 10.12 3.92
N LEU A 339 -2.36 9.18 3.55
CA LEU A 339 -0.95 9.46 3.33
C LEU A 339 -0.49 8.91 1.98
N SER A 340 0.09 9.78 1.16
CA SER A 340 0.69 9.36 -0.11
C SER A 340 2.21 9.33 0.06
N VAL A 341 2.86 8.38 -0.62
CA VAL A 341 4.29 8.16 -0.49
C VAL A 341 4.96 7.98 -1.85
N TYR A 342 5.93 8.84 -2.16
CA TYR A 342 6.62 8.76 -3.44
C TYR A 342 8.13 8.65 -3.25
N PRO A 343 8.80 7.77 -4.02
CA PRO A 343 10.26 7.73 -4.04
C PRO A 343 10.86 8.78 -4.97
N LEU A 344 12.08 9.24 -4.68
CA LEU A 344 12.87 9.99 -5.65
C LEU A 344 14.34 9.58 -5.55
N TYR A 345 14.91 9.14 -6.68
CA TYR A 345 16.34 8.84 -6.74
C TYR A 345 16.80 8.83 -8.21
N GLY A 346 18.11 8.68 -8.41
CA GLY A 346 18.72 8.89 -9.71
C GLY A 346 18.15 8.09 -10.88
N SER A 347 17.79 6.83 -10.65
CA SER A 347 17.44 5.93 -11.73
C SER A 347 15.95 5.95 -12.06
N LEU A 348 15.19 6.84 -11.42
CA LEU A 348 13.74 6.79 -11.54
C LEU A 348 13.33 7.19 -12.95
N PRO A 349 12.30 6.52 -13.51
CA PRO A 349 11.75 6.98 -14.79
C PRO A 349 11.10 8.34 -14.67
N PRO A 350 10.97 9.08 -15.79
CA PRO A 350 10.47 10.45 -15.72
C PRO A 350 9.04 10.55 -15.18
N HIS A 351 8.19 9.62 -15.58
CA HIS A 351 6.80 9.67 -15.18
C HIS A 351 6.64 9.38 -13.69
N GLN A 352 7.62 8.67 -13.14
CA GLN A 352 7.67 8.44 -11.70
C GLN A 352 8.27 9.64 -10.99
N GLN A 353 9.21 10.31 -11.64
CA GLN A 353 9.82 11.52 -11.08
C GLN A 353 8.77 12.57 -10.79
N GLN A 354 7.91 12.82 -11.77
CA GLN A 354 6.95 13.93 -11.72
C GLN A 354 5.80 13.67 -10.73
N ARG A 355 5.73 12.47 -10.18
CA ARG A 355 4.68 12.13 -9.22
C ARG A 355 4.86 12.88 -7.89
N ILE A 356 6.08 13.30 -7.60
CA ILE A 356 6.36 13.94 -6.33
C ILE A 356 5.64 15.28 -6.21
N PHE A 357 5.31 15.87 -7.36
CA PHE A 357 4.70 17.19 -7.36
C PHE A 357 3.18 17.11 -7.27
N GLU A 358 2.65 15.88 -7.26
CA GLU A 358 1.21 15.70 -7.11
C GLU A 358 0.78 16.23 -5.75
N PRO A 359 -0.44 16.80 -5.67
CA PRO A 359 -0.92 17.40 -4.42
C PRO A 359 -1.18 16.35 -3.34
N ALA A 360 -1.15 16.79 -2.08
CA ALA A 360 -1.45 15.89 -0.97
C ALA A 360 -2.91 15.44 -1.05
N PRO A 361 -3.18 14.20 -0.60
CA PRO A 361 -4.55 13.70 -0.71
C PRO A 361 -5.52 14.46 0.18
N GLU A 362 -6.75 14.68 -0.29
CA GLU A 362 -7.73 15.43 0.49
C GLU A 362 -8.36 14.52 1.53
N SER A 363 -8.32 14.93 2.80
CA SER A 363 -8.85 14.13 3.90
C SER A 363 -10.34 14.28 4.15
N HIS A 364 -11.00 13.15 4.38
CA HIS A 364 -12.41 13.13 4.77
C HIS A 364 -12.59 12.97 6.29
N ASN A 365 -11.49 12.76 7.00
CA ASN A 365 -11.49 12.54 8.45
C ASN A 365 -11.38 13.79 9.30
N GLY A 366 -11.17 14.93 8.68
CA GLY A 366 -11.09 16.18 9.42
C GLY A 366 -9.72 16.25 10.08
N ARG A 367 -8.86 15.29 9.72
CA ARG A 367 -7.47 15.24 10.17
C ARG A 367 -6.64 15.24 8.91
N PRO A 368 -5.55 16.02 8.90
CA PRO A 368 -4.93 16.44 7.63
C PRO A 368 -4.41 15.29 6.77
N GLY A 369 -4.74 15.34 5.48
CA GLY A 369 -4.14 14.45 4.50
C GLY A 369 -2.75 14.97 4.17
N ARG A 370 -1.84 14.09 3.80
CA ARG A 370 -0.44 14.48 3.65
C ARG A 370 0.31 13.74 2.55
N LYS A 371 1.43 14.33 2.15
CA LYS A 371 2.33 13.73 1.18
C LYS A 371 3.70 13.63 1.79
N VAL A 372 4.33 12.47 1.64
CA VAL A 372 5.72 12.30 2.06
C VAL A 372 6.59 11.89 0.87
N VAL A 373 7.64 12.69 0.64
CA VAL A 373 8.59 12.41 -0.43
C VAL A 373 9.89 11.88 0.16
N ILE A 374 10.21 10.64 -0.17
CA ILE A 374 11.44 10.02 0.27
C ILE A 374 12.45 10.14 -0.86
N SER A 375 13.50 10.93 -0.65
CA SER A 375 14.41 11.33 -1.72
C SER A 375 15.87 11.25 -1.35
N THR A 376 16.74 11.24 -2.36
CA THR A 376 18.16 11.33 -2.13
C THR A 376 18.55 12.78 -2.05
N ASN A 377 19.85 13.08 -2.07
CA ASN A 377 20.32 14.45 -1.97
C ASN A 377 19.82 15.33 -3.11
N ILE A 378 19.18 14.74 -4.12
CA ILE A 378 18.54 15.50 -5.19
C ILE A 378 17.63 16.60 -4.62
N ALA A 379 17.01 16.30 -3.49
CA ALA A 379 16.06 17.21 -2.87
C ALA A 379 16.76 18.23 -1.96
N GLU A 380 18.09 18.18 -1.92
CA GLU A 380 18.84 19.11 -1.06
C GLU A 380 18.88 20.52 -1.67
N THR A 381 19.62 20.71 -2.76
CA THR A 381 19.59 21.98 -3.48
C THR A 381 19.00 21.94 -4.89
N SER A 382 18.98 20.76 -5.51
CA SER A 382 18.76 20.68 -6.95
C SER A 382 17.35 21.08 -7.39
N LEU A 383 16.33 20.70 -6.62
CA LEU A 383 14.95 21.04 -6.93
C LEU A 383 14.12 21.25 -5.66
N THR A 384 12.93 21.82 -5.82
CA THR A 384 12.02 22.06 -4.70
C THR A 384 10.63 21.49 -4.99
N ILE A 385 10.00 21.00 -3.94
CA ILE A 385 8.64 20.47 -4.00
C ILE A 385 7.70 21.39 -3.23
N ASP A 386 6.72 21.96 -3.92
CA ASP A 386 5.81 22.90 -3.29
C ASP A 386 4.96 22.23 -2.21
N GLY A 387 4.92 22.87 -1.04
CA GLY A 387 4.09 22.43 0.06
C GLY A 387 4.83 21.74 1.19
N ILE A 388 6.16 21.68 1.12
CA ILE A 388 6.93 20.99 2.15
C ILE A 388 7.10 21.88 3.38
N VAL A 389 6.49 21.47 4.50
CA VAL A 389 6.68 22.14 5.78
C VAL A 389 7.61 21.38 6.74
N TYR A 390 7.97 20.16 6.37
CA TYR A 390 8.64 19.26 7.31
C TYR A 390 9.77 18.46 6.68
N VAL A 391 10.92 18.48 7.33
CA VAL A 391 12.08 17.71 6.88
C VAL A 391 12.56 16.72 7.94
N VAL A 392 12.92 15.53 7.51
CA VAL A 392 13.54 14.51 8.35
C VAL A 392 14.93 14.23 7.81
N ASP A 393 15.95 14.44 8.64
CA ASP A 393 17.34 14.40 8.21
C ASP A 393 18.18 13.40 9.00
N PRO A 394 18.24 12.14 8.53
CA PRO A 394 19.11 11.11 9.11
C PRO A 394 20.60 11.47 9.06
N GLY A 395 20.96 12.42 8.21
CA GLY A 395 22.33 12.92 8.16
C GLY A 395 23.30 12.01 7.43
N PHE A 396 22.82 11.32 6.41
CA PHE A 396 23.66 10.43 5.61
C PHE A 396 23.41 10.61 4.12
N SER A 397 24.44 10.35 3.33
CA SER A 397 24.33 10.40 1.88
C SER A 397 25.31 9.40 1.26
N LYS A 398 25.07 9.03 0.01
CA LYS A 398 26.00 8.15 -0.70
C LYS A 398 27.04 9.02 -1.39
N GLN A 399 28.29 8.86 -0.96
CA GLN A 399 29.37 9.74 -1.37
C GLN A 399 30.52 8.94 -1.95
N LYS A 400 31.27 9.58 -2.84
CA LYS A 400 32.44 8.98 -3.46
C LYS A 400 33.68 9.27 -2.63
N VAL A 401 34.38 8.22 -2.21
CA VAL A 401 35.63 8.37 -1.49
C VAL A 401 36.76 7.79 -2.33
N TYR A 402 37.97 8.29 -2.10
CA TYR A 402 39.14 7.90 -2.87
C TYR A 402 40.32 7.51 -2.00
N ASN A 403 40.96 6.43 -2.39
CA ASN A 403 42.07 5.87 -1.63
C ASN A 403 43.35 5.92 -2.47
N PRO A 404 44.07 7.06 -2.41
CA PRO A 404 45.14 7.39 -3.35
C PRO A 404 46.25 6.34 -3.33
N ARG A 405 46.45 5.75 -2.15
CA ARG A 405 47.47 4.73 -1.99
C ARG A 405 47.12 3.59 -2.96
N ILE A 406 45.97 2.95 -2.71
CA ILE A 406 45.52 1.82 -3.53
C ILE A 406 45.03 2.27 -4.92
N ARG A 407 44.72 3.56 -5.05
CA ARG A 407 44.05 4.09 -6.25
C ARG A 407 42.74 3.35 -6.54
N VAL A 408 41.76 3.52 -5.66
CA VAL A 408 40.45 2.91 -5.85
C VAL A 408 39.32 3.88 -5.47
N GLU A 409 38.28 3.89 -6.30
CA GLU A 409 37.07 4.67 -6.06
C GLU A 409 36.02 3.81 -5.38
N SER A 410 35.49 4.27 -4.25
CA SER A 410 34.44 3.55 -3.53
C SER A 410 33.25 4.46 -3.24
N LEU A 411 32.04 3.90 -3.35
CA LEU A 411 30.80 4.60 -3.02
C LEU A 411 30.27 4.09 -1.69
N LEU A 412 30.19 4.98 -0.71
CA LEU A 412 29.86 4.59 0.66
C LEU A 412 28.88 5.55 1.28
N VAL A 413 27.95 5.01 2.07
CA VAL A 413 27.03 5.84 2.83
C VAL A 413 27.82 6.41 4.00
N SER A 414 27.87 7.74 4.07
CA SER A 414 28.68 8.40 5.08
C SER A 414 28.04 9.71 5.53
N PRO A 415 28.40 10.17 6.74
CA PRO A 415 27.86 11.42 7.30
C PRO A 415 28.01 12.61 6.35
N ILE A 416 26.95 13.44 6.30
CA ILE A 416 26.92 14.64 5.47
C ILE A 416 27.67 15.80 6.12
N SER A 417 28.08 16.77 5.30
CA SER A 417 28.71 17.99 5.80
C SER A 417 27.71 18.85 6.56
N LYS A 418 28.21 19.72 7.43
CA LYS A 418 27.36 20.66 8.14
C LYS A 418 26.59 21.51 7.13
N ALA A 419 27.27 21.89 6.05
CA ALA A 419 26.69 22.70 5.00
C ALA A 419 25.47 22.02 4.40
N SER A 420 25.56 20.71 4.22
CA SER A 420 24.47 19.93 3.65
C SER A 420 23.28 19.89 4.61
N ALA A 421 23.58 19.75 5.90
CA ALA A 421 22.55 19.70 6.92
C ALA A 421 21.74 21.00 6.94
N GLN A 422 22.42 22.12 6.75
CA GLN A 422 21.76 23.42 6.72
C GLN A 422 20.86 23.52 5.50
N GLN A 423 21.37 23.08 4.35
CA GLN A 423 20.61 23.11 3.11
C GLN A 423 19.35 22.25 3.20
N ARG A 424 19.48 21.06 3.81
CA ARG A 424 18.32 20.17 3.97
C ARG A 424 17.24 20.81 4.83
N ALA A 425 17.66 21.42 5.93
CA ALA A 425 16.72 22.04 6.86
C ALA A 425 16.03 23.24 6.20
N GLY A 426 16.75 23.91 5.31
CA GLY A 426 16.23 25.10 4.66
C GLY A 426 15.01 24.83 3.80
N ARG A 427 14.82 23.58 3.39
CA ARG A 427 13.72 23.24 2.49
C ARG A 427 12.36 23.21 3.19
N ALA A 428 12.36 23.19 4.53
CA ALA A 428 11.11 23.19 5.29
C ALA A 428 10.52 24.58 5.40
N GLY A 429 11.35 25.60 5.18
CA GLY A 429 10.95 26.98 5.39
C GLY A 429 10.58 27.75 4.15
N ARG A 430 10.23 27.07 3.06
CA ARG A 430 9.90 27.76 1.83
C ARG A 430 8.49 28.34 1.89
N THR A 431 7.51 27.51 2.23
CA THR A 431 6.11 27.91 2.17
C THR A 431 5.66 28.74 3.38
N ARG A 432 6.19 28.38 4.56
CA ARG A 432 5.88 29.06 5.82
C ARG A 432 6.86 28.54 6.86
N PRO A 433 6.75 29.03 8.12
CA PRO A 433 7.64 28.43 9.11
C PRO A 433 7.43 26.93 9.21
N GLY A 434 8.49 26.19 9.42
CA GLY A 434 8.45 24.75 9.34
C GLY A 434 9.47 24.16 10.28
N LYS A 435 9.56 22.83 10.31
CA LYS A 435 10.45 22.17 11.24
C LYS A 435 11.38 21.21 10.52
N CYS A 436 12.58 21.03 11.06
CA CYS A 436 13.48 20.01 10.56
C CYS A 436 13.96 19.12 11.69
N PHE A 437 13.60 17.84 11.60
CA PHE A 437 13.96 16.85 12.60
C PHE A 437 15.24 16.14 12.21
N ARG A 438 16.31 16.40 12.96
CA ARG A 438 17.59 15.75 12.73
C ARG A 438 17.74 14.55 13.66
N LEU A 439 18.17 13.43 13.11
CA LEU A 439 18.24 12.17 13.83
C LEU A 439 19.59 11.99 14.53
N TYR A 440 20.39 13.05 14.55
CA TYR A 440 21.61 13.10 15.34
C TYR A 440 21.45 14.11 16.48
N THR A 441 22.52 14.32 17.25
CA THR A 441 22.49 15.20 18.42
C THR A 441 23.10 16.56 18.07
N GLU A 442 22.60 17.62 18.69
CA GLU A 442 23.10 18.97 18.46
C GLU A 442 24.61 19.04 18.63
N GLU A 443 25.15 18.19 19.50
CA GLU A 443 26.59 18.11 19.71
C GLU A 443 27.30 17.60 18.46
N ALA A 444 26.80 16.50 17.91
CA ALA A 444 27.39 15.90 16.72
C ALA A 444 27.38 16.88 15.53
N PHE A 445 26.31 17.67 15.44
CA PHE A 445 26.15 18.62 14.34
C PHE A 445 27.23 19.70 14.35
N GLN A 446 27.60 20.16 15.55
CA GLN A 446 28.63 21.18 15.68
C GLN A 446 30.04 20.60 15.54
N LYS A 447 30.30 19.51 16.26
CA LYS A 447 31.63 18.93 16.34
C LYS A 447 31.92 17.86 15.28
N GLU A 448 31.12 16.80 15.24
CA GLU A 448 31.48 15.62 14.47
C GLU A 448 31.41 15.90 12.96
N LEU A 449 30.27 16.41 12.47
CA LEU A 449 30.12 16.70 11.04
C LEU A 449 31.19 17.69 10.59
N ILE A 450 31.71 17.50 9.37
CA ILE A 450 32.72 18.40 8.84
C ILE A 450 32.06 19.62 8.20
N GLU A 451 32.86 20.61 7.83
CA GLU A 451 32.35 21.87 7.30
C GLU A 451 31.78 21.72 5.90
N GLN A 452 32.62 21.32 4.94
CA GLN A 452 32.19 21.10 3.56
C GLN A 452 32.84 19.87 2.97
N SER A 453 32.18 19.28 1.97
CA SER A 453 32.73 18.14 1.28
C SER A 453 33.70 18.64 0.22
N TYR A 454 34.84 17.96 0.10
CA TYR A 454 35.85 18.32 -0.88
C TYR A 454 35.33 18.07 -2.30
N PRO A 455 35.71 18.94 -3.26
CA PRO A 455 35.30 18.73 -4.65
C PRO A 455 35.64 17.33 -5.20
N GLU A 456 34.81 16.85 -6.12
CA GLU A 456 34.93 15.50 -6.67
C GLU A 456 36.27 15.24 -7.35
N ILE A 457 36.89 16.30 -7.89
CA ILE A 457 38.17 16.17 -8.59
C ILE A 457 39.23 15.58 -7.67
N LEU A 458 39.12 15.86 -6.38
CA LEU A 458 40.05 15.36 -5.38
C LEU A 458 39.69 13.95 -4.89
N ARG A 459 38.43 13.59 -5.07
CA ARG A 459 37.91 12.28 -4.65
C ARG A 459 37.79 11.25 -5.78
N SER A 460 38.30 11.59 -6.98
CA SER A 460 38.18 10.69 -8.12
C SER A 460 39.52 10.19 -8.67
N ASN A 461 39.48 9.00 -9.28
CA ASN A 461 40.55 8.57 -10.17
C ASN A 461 40.28 9.22 -11.52
N LEU A 462 41.33 9.75 -12.12
CA LEU A 462 41.18 10.66 -13.23
C LEU A 462 41.24 9.98 -14.62
N SER A 463 41.20 8.65 -14.64
CA SER A 463 41.26 7.89 -15.90
C SER A 463 40.35 8.46 -16.99
N SER A 464 39.04 8.44 -16.75
CA SER A 464 38.10 9.00 -17.73
C SER A 464 38.35 10.49 -17.94
N THR A 465 38.68 11.19 -16.86
CA THR A 465 38.93 12.63 -16.94
C THR A 465 40.07 12.96 -17.90
N VAL A 466 41.13 12.16 -17.85
CA VAL A 466 42.29 12.37 -18.69
C VAL A 466 41.99 12.15 -20.16
N LEU A 467 41.35 11.02 -20.46
CA LEU A 467 41.02 10.69 -21.84
C LEU A 467 40.12 11.77 -22.44
N GLU A 468 39.27 12.35 -21.58
CA GLU A 468 38.36 13.41 -22.00
C GLU A 468 39.17 14.67 -22.32
N LEU A 469 40.16 14.96 -21.48
CA LEU A 469 40.98 16.14 -21.67
C LEU A 469 41.80 16.07 -22.96
N LYS A 470 42.31 14.89 -23.27
CA LYS A 470 43.15 14.74 -24.44
C LYS A 470 42.32 14.92 -25.71
N LYS A 471 41.12 14.37 -25.69
CA LYS A 471 40.21 14.50 -26.83
C LYS A 471 39.83 15.96 -27.04
N LEU A 472 39.97 16.75 -25.98
CA LEU A 472 39.65 18.17 -26.03
C LEU A 472 40.83 19.00 -26.57
N GLY A 473 41.98 18.36 -26.69
CA GLY A 473 43.16 19.01 -27.24
C GLY A 473 44.13 19.48 -26.18
N ILE A 474 43.80 19.22 -24.91
CA ILE A 474 44.68 19.61 -23.82
C ILE A 474 45.93 18.75 -23.89
N ASP A 475 47.10 19.39 -23.82
CA ASP A 475 48.37 18.69 -23.90
C ASP A 475 49.00 18.54 -22.53
N ASP A 476 49.29 19.67 -21.89
CA ASP A 476 49.84 19.66 -20.54
C ASP A 476 48.69 19.60 -19.55
N LEU A 477 48.56 18.47 -18.86
CA LEU A 477 47.40 18.21 -18.01
C LEU A 477 47.67 18.62 -16.58
N VAL A 478 48.92 18.95 -16.30
CA VAL A 478 49.33 19.31 -14.95
C VAL A 478 48.94 20.77 -14.73
N HIS A 479 49.31 21.61 -15.70
CA HIS A 479 49.07 23.04 -15.63
C HIS A 479 47.67 23.46 -16.06
N PHE A 480 46.80 22.48 -16.37
CA PHE A 480 45.39 22.78 -16.63
C PHE A 480 44.81 23.57 -15.46
N ASP A 481 43.84 24.42 -15.79
CA ASP A 481 43.40 25.54 -14.95
C ASP A 481 42.36 25.20 -13.89
N PHE A 482 42.24 23.92 -13.52
CA PHE A 482 41.26 23.51 -12.52
C PHE A 482 41.21 24.47 -11.33
N MET A 483 40.00 24.80 -10.90
CA MET A 483 39.79 25.62 -9.71
C MET A 483 40.46 24.99 -8.50
N ASP A 484 40.40 23.66 -8.44
CA ASP A 484 41.06 22.88 -7.40
C ASP A 484 41.83 21.72 -8.04
N PRO A 485 43.10 21.96 -8.42
CA PRO A 485 43.96 20.95 -9.05
C PRO A 485 44.05 19.64 -8.25
N PRO A 486 43.97 18.50 -8.95
CA PRO A 486 44.19 17.22 -8.26
C PRO A 486 45.66 16.98 -8.00
N ALA A 487 46.00 16.08 -7.10
CA ALA A 487 47.38 15.69 -6.88
C ALA A 487 47.97 15.21 -8.19
N PRO A 488 49.14 15.75 -8.59
CA PRO A 488 49.66 15.38 -9.92
C PRO A 488 49.98 13.90 -10.02
N GLU A 489 50.22 13.26 -8.88
CA GLU A 489 50.50 11.83 -8.85
C GLU A 489 49.31 11.06 -9.40
N THR A 490 48.11 11.53 -9.12
CA THR A 490 46.90 10.88 -9.61
C THR A 490 46.81 11.01 -11.12
N MET A 491 47.21 12.15 -11.64
CA MET A 491 47.17 12.39 -13.08
C MET A 491 48.15 11.50 -13.83
N MET A 492 49.33 11.28 -13.26
CA MET A 492 50.37 10.48 -13.90
C MET A 492 49.98 9.01 -13.98
N ARG A 493 49.32 8.50 -12.94
CA ARG A 493 48.83 7.13 -12.94
C ARG A 493 47.86 6.89 -14.08
N ALA A 494 46.95 7.84 -14.29
CA ALA A 494 45.94 7.72 -15.34
C ALA A 494 46.57 7.62 -16.72
N LEU A 495 47.68 8.31 -16.94
CA LEU A 495 48.35 8.27 -18.24
C LEU A 495 48.96 6.90 -18.48
N GLU A 496 49.53 6.33 -17.42
CA GLU A 496 50.07 4.98 -17.50
C GLU A 496 48.98 4.00 -17.90
N GLU A 497 47.91 3.96 -17.11
CA GLU A 497 46.81 3.04 -17.35
C GLU A 497 46.24 3.16 -18.76
N LEU A 498 46.06 4.39 -19.23
CA LEU A 498 45.51 4.59 -20.56
C LEU A 498 46.53 4.19 -21.63
N ASN A 499 47.81 4.24 -21.28
CA ASN A 499 48.87 3.80 -22.18
C ASN A 499 48.82 2.29 -22.34
N TYR A 500 48.67 1.58 -21.23
CA TYR A 500 48.54 0.13 -21.26
C TYR A 500 47.29 -0.32 -22.01
N LEU A 501 46.21 0.44 -21.84
CA LEU A 501 44.96 0.15 -22.55
C LEU A 501 45.07 0.48 -24.04
N ALA A 502 46.21 1.06 -24.42
CA ALA A 502 46.50 1.43 -25.79
C ALA A 502 45.58 2.55 -26.29
N CYS A 503 45.05 3.32 -25.35
CA CYS A 503 44.29 4.51 -25.69
C CYS A 503 45.22 5.70 -25.92
N LEU A 504 46.42 5.61 -25.35
CA LEU A 504 47.45 6.63 -25.53
C LEU A 504 48.80 5.97 -25.80
N ASP A 505 49.67 6.65 -26.54
CA ASP A 505 51.02 6.15 -26.78
C ASP A 505 51.96 6.57 -25.66
N ASP A 506 53.22 6.19 -25.78
CA ASP A 506 54.21 6.53 -24.76
C ASP A 506 54.47 8.03 -24.72
N GLU A 507 54.11 8.73 -25.80
CA GLU A 507 54.27 10.18 -25.89
C GLU A 507 53.03 10.95 -25.43
N GLY A 508 51.96 10.23 -25.12
CA GLY A 508 50.75 10.84 -24.61
C GLY A 508 49.69 11.14 -25.66
N ASN A 509 49.95 10.83 -26.92
CA ASN A 509 48.99 11.13 -27.99
C ASN A 509 47.91 10.08 -28.14
N LEU A 510 46.69 10.51 -28.51
CA LEU A 510 45.60 9.56 -28.73
C LEU A 510 45.86 8.60 -29.88
N THR A 511 45.69 7.31 -29.60
CA THR A 511 45.73 6.28 -30.61
C THR A 511 44.36 6.20 -31.26
N PRO A 512 44.25 5.52 -32.42
CA PRO A 512 42.94 5.31 -33.03
C PRO A 512 41.94 4.69 -32.06
N LEU A 513 42.45 3.85 -31.16
CA LEU A 513 41.62 3.24 -30.12
C LEU A 513 41.05 4.31 -29.21
N GLY A 514 41.94 5.16 -28.69
CA GLY A 514 41.57 6.25 -27.80
C GLY A 514 40.53 7.18 -28.38
N ARG A 515 40.71 7.57 -29.64
CA ARG A 515 39.74 8.41 -30.30
C ARG A 515 38.39 7.73 -30.34
N LEU A 516 38.39 6.45 -30.69
CA LEU A 516 37.14 5.71 -30.80
C LEU A 516 36.53 5.43 -29.43
N ALA A 517 37.38 5.14 -28.45
CA ALA A 517 36.91 4.87 -27.09
C ALA A 517 36.22 6.10 -26.50
N SER A 518 36.66 7.27 -26.92
CA SER A 518 36.10 8.52 -26.41
C SER A 518 34.74 8.80 -27.02
N GLN A 519 34.39 8.07 -28.07
CA GLN A 519 33.10 8.25 -28.72
C GLN A 519 32.01 7.49 -27.96
N PHE A 520 32.44 6.55 -27.12
CA PHE A 520 31.54 5.83 -26.22
C PHE A 520 31.54 6.45 -24.82
N PRO A 521 30.36 6.64 -24.22
CA PRO A 521 30.33 7.14 -22.86
C PRO A 521 30.47 6.02 -21.85
N LEU A 522 31.67 5.48 -21.70
CA LEU A 522 31.93 4.38 -20.78
C LEU A 522 33.27 4.59 -20.09
N ASP A 523 33.49 3.87 -18.98
CA ASP A 523 34.81 3.78 -18.40
C ASP A 523 35.74 3.25 -19.50
N PRO A 524 36.97 3.79 -19.60
CA PRO A 524 37.87 3.36 -20.68
C PRO A 524 38.03 1.85 -20.76
N MET A 525 38.04 1.16 -19.62
CA MET A 525 38.13 -0.29 -19.61
C MET A 525 36.97 -0.93 -20.35
N LEU A 526 35.76 -0.39 -20.17
CA LEU A 526 34.58 -0.94 -20.81
C LEU A 526 34.60 -0.70 -22.32
N ALA A 527 35.08 0.47 -22.73
CA ALA A 527 35.10 0.83 -24.14
C ALA A 527 36.09 -0.03 -24.91
N VAL A 528 37.27 -0.20 -24.34
CA VAL A 528 38.29 -1.05 -24.95
C VAL A 528 37.77 -2.46 -25.14
N MET A 529 37.17 -3.00 -24.08
CA MET A 529 36.56 -4.32 -24.10
C MET A 529 35.52 -4.42 -25.21
N LEU A 530 34.71 -3.38 -25.35
CA LEU A 530 33.61 -3.39 -26.31
C LEU A 530 34.12 -3.28 -27.74
N ILE A 531 35.14 -2.45 -27.95
CA ILE A 531 35.62 -2.17 -29.30
C ILE A 531 36.33 -3.37 -29.90
N GLY A 532 37.25 -3.96 -29.13
CA GLY A 532 38.00 -5.11 -29.58
C GLY A 532 37.24 -6.41 -29.50
N SER A 533 35.95 -6.33 -29.19
CA SER A 533 35.14 -7.52 -28.96
C SER A 533 34.98 -8.37 -30.23
N PHE A 534 34.76 -7.73 -31.38
CA PHE A 534 34.48 -8.49 -32.59
C PHE A 534 35.73 -9.20 -33.09
N GLU A 535 36.89 -8.76 -32.65
CA GLU A 535 38.12 -9.46 -32.99
C GLU A 535 38.19 -10.80 -32.26
N PHE A 536 37.48 -10.88 -31.13
CA PHE A 536 37.35 -12.13 -30.39
C PHE A 536 36.09 -12.88 -30.80
N GLN A 537 35.39 -12.32 -31.78
CA GLN A 537 34.20 -12.91 -32.40
C GLN A 537 33.01 -13.05 -31.46
N CYS A 538 33.07 -12.44 -30.28
CA CYS A 538 31.84 -12.20 -29.53
C CYS A 538 31.62 -10.71 -29.26
N SER A 539 30.96 -10.01 -30.18
CA SER A 539 30.61 -8.62 -29.95
C SER A 539 29.22 -8.53 -29.33
N GLN A 540 28.32 -9.36 -29.85
CA GLN A 540 26.93 -9.42 -29.40
C GLN A 540 26.85 -9.74 -27.91
N GLU A 541 27.69 -10.66 -27.46
CA GLU A 541 27.69 -11.06 -26.06
C GLU A 541 28.36 -10.02 -25.17
N ILE A 542 29.49 -9.47 -25.62
CA ILE A 542 30.18 -8.44 -24.85
C ILE A 542 29.32 -7.17 -24.81
N LEU A 543 28.70 -6.84 -25.93
CA LEU A 543 27.78 -5.71 -26.00
C LEU A 543 26.72 -5.81 -24.90
N THR A 544 26.23 -7.02 -24.67
CA THR A 544 25.25 -7.26 -23.61
C THR A 544 25.86 -7.12 -22.22
N ILE A 545 27.10 -7.56 -22.07
CA ILE A 545 27.77 -7.55 -20.78
C ILE A 545 28.15 -6.14 -20.33
N VAL A 546 28.60 -5.31 -21.26
CA VAL A 546 28.90 -3.91 -20.95
C VAL A 546 27.64 -3.23 -20.46
N ALA A 547 26.53 -3.51 -21.14
CA ALA A 547 25.26 -2.91 -20.79
C ALA A 547 24.84 -3.32 -19.37
N MET A 548 25.03 -4.59 -19.04
CA MET A 548 24.67 -5.10 -17.72
C MET A 548 25.57 -4.54 -16.63
N LEU A 549 26.81 -4.25 -17.00
CA LEU A 549 27.79 -3.67 -16.08
C LEU A 549 27.53 -2.19 -15.87
N SER A 550 26.76 -1.60 -16.78
CA SER A 550 26.47 -0.18 -16.73
C SER A 550 25.28 0.12 -15.82
N VAL A 551 24.74 -0.92 -15.18
CA VAL A 551 23.57 -0.77 -14.33
C VAL A 551 23.79 -1.49 -13.00
N PRO A 552 22.96 -1.17 -11.98
CA PRO A 552 23.15 -1.79 -10.67
C PRO A 552 22.89 -3.30 -10.70
N ASN A 553 23.30 -3.99 -9.63
CA ASN A 553 23.04 -5.41 -9.49
C ASN A 553 21.55 -5.69 -9.66
N VAL A 554 21.23 -6.60 -10.59
CA VAL A 554 19.84 -6.82 -10.97
C VAL A 554 19.16 -7.85 -10.09
N PHE A 555 19.92 -8.48 -9.20
CA PHE A 555 19.37 -9.56 -8.41
C PHE A 555 18.83 -9.06 -7.08
N ILE A 556 17.60 -9.48 -6.78
CA ILE A 556 16.88 -9.07 -5.58
C ILE A 556 17.00 -10.16 -4.53
N ARG A 557 17.56 -9.81 -3.37
CA ARG A 557 17.83 -10.77 -2.31
C ARG A 557 17.34 -10.25 -0.96
N PRO A 558 16.03 -10.35 -0.70
CA PRO A 558 15.49 -9.94 0.61
C PRO A 558 16.14 -10.71 1.76
N THR A 559 16.37 -10.03 2.87
CA THR A 559 17.12 -10.60 3.99
C THR A 559 16.43 -11.80 4.63
N LYS A 560 15.11 -11.77 4.68
CA LYS A 560 14.32 -12.87 5.23
C LYS A 560 14.07 -14.00 4.23
N ASP A 561 14.04 -13.65 2.95
CA ASP A 561 13.67 -14.57 1.86
C ASP A 561 14.89 -15.16 1.14
N LYS A 562 16.07 -15.05 1.74
CA LYS A 562 17.34 -15.36 1.06
C LYS A 562 17.38 -16.65 0.24
N LYS A 563 17.03 -17.80 0.82
CA LYS A 563 17.13 -19.08 0.09
C LYS A 563 16.39 -19.11 -1.23
N ARG A 564 15.18 -18.58 -1.24
CA ARG A 564 14.37 -18.60 -2.45
C ARG A 564 15.03 -17.72 -3.51
N ALA A 565 15.53 -16.56 -3.10
CA ALA A 565 16.19 -15.63 -4.02
C ALA A 565 17.47 -16.23 -4.61
N ASP A 566 18.27 -16.88 -3.77
CA ASP A 566 19.48 -17.58 -4.23
C ASP A 566 19.13 -18.66 -5.26
N ASP A 567 18.12 -19.46 -4.95
CA ASP A 567 17.67 -20.53 -5.84
C ASP A 567 17.23 -19.96 -7.19
N ALA A 568 16.53 -18.83 -7.15
CA ALA A 568 16.10 -18.14 -8.36
C ALA A 568 17.30 -17.67 -9.19
N LYS A 569 18.38 -17.29 -8.50
CA LYS A 569 19.56 -16.78 -9.16
C LYS A 569 20.39 -17.86 -9.83
N ASN A 570 20.45 -19.04 -9.21
CA ASN A 570 21.29 -20.13 -9.71
C ASN A 570 20.81 -20.62 -11.08
N ILE A 571 19.65 -20.16 -11.52
CA ILE A 571 19.19 -20.48 -12.87
C ILE A 571 20.14 -19.86 -13.87
N PHE A 572 20.45 -18.59 -13.64
CA PHE A 572 21.30 -17.82 -14.52
C PHE A 572 22.79 -17.94 -14.17
N ALA A 573 23.08 -18.37 -12.95
CA ALA A 573 24.45 -18.40 -12.44
C ALA A 573 25.36 -19.32 -13.28
N HIS A 574 26.50 -18.77 -13.69
CA HIS A 574 27.54 -19.53 -14.36
C HIS A 574 28.75 -19.64 -13.43
N PRO A 575 29.14 -20.88 -13.04
CA PRO A 575 30.24 -21.00 -12.07
C PRO A 575 31.55 -20.39 -12.56
N ASP A 576 32.17 -19.60 -11.70
CA ASP A 576 33.32 -18.78 -12.07
C ASP A 576 32.97 -17.89 -13.27
N GLY A 577 31.67 -17.69 -13.49
CA GLY A 577 31.12 -16.86 -14.56
C GLY A 577 30.37 -15.56 -14.27
N ASP A 578 30.61 -14.89 -13.15
CA ASP A 578 29.75 -13.75 -12.78
C ASP A 578 29.51 -12.78 -13.94
N HIS A 579 30.49 -12.60 -14.80
CA HIS A 579 30.27 -11.79 -16.01
C HIS A 579 29.36 -12.50 -16.99
N ILE A 580 29.42 -13.83 -16.99
CA ILE A 580 28.57 -14.66 -17.85
C ILE A 580 27.16 -14.78 -17.30
N THR A 581 27.02 -14.68 -15.98
CA THR A 581 25.70 -14.68 -15.35
C THR A 581 24.88 -13.52 -15.89
N LEU A 582 25.53 -12.36 -15.98
CA LEU A 582 24.92 -11.16 -16.52
C LEU A 582 24.39 -11.38 -17.94
N LEU A 583 25.14 -12.14 -18.74
CA LEU A 583 24.71 -12.45 -20.09
C LEU A 583 23.49 -13.36 -20.07
N ASN A 584 23.39 -14.20 -19.04
CA ASN A 584 22.28 -15.15 -18.98
C ASN A 584 20.96 -14.50 -18.62
N VAL A 585 20.95 -13.61 -17.62
CA VAL A 585 19.71 -12.95 -17.23
C VAL A 585 19.18 -12.03 -18.31
N TYR A 586 20.06 -11.31 -18.99
CA TYR A 586 19.60 -10.40 -20.03
C TYR A 586 19.01 -11.20 -21.18
N HIS A 587 19.63 -12.34 -21.49
CA HIS A 587 19.11 -13.21 -22.53
C HIS A 587 17.77 -13.80 -22.11
N ALA A 588 17.66 -14.11 -20.82
CA ALA A 588 16.41 -14.61 -20.28
C ALA A 588 15.37 -13.50 -20.27
N PHE A 589 15.82 -12.31 -19.91
CA PHE A 589 14.94 -11.15 -19.85
C PHE A 589 14.31 -10.82 -21.21
N LYS A 590 15.08 -11.01 -22.28
CA LYS A 590 14.58 -10.68 -23.61
C LYS A 590 13.93 -11.87 -24.31
N SER A 591 13.90 -13.01 -23.63
CA SER A 591 13.31 -14.22 -24.19
C SER A 591 11.83 -14.04 -24.49
N ASP A 592 11.34 -14.73 -25.51
CA ASP A 592 9.92 -14.72 -25.82
C ASP A 592 9.12 -15.35 -24.68
N GLU A 593 9.77 -16.25 -23.95
CA GLU A 593 9.11 -16.94 -22.84
C GLU A 593 8.71 -15.97 -21.72
N ALA A 594 9.61 -15.05 -21.38
CA ALA A 594 9.37 -14.08 -20.32
C ALA A 594 8.30 -13.09 -20.74
N TYR A 595 8.20 -12.85 -22.04
CA TYR A 595 7.18 -11.97 -22.59
C TYR A 595 5.78 -12.53 -22.37
N GLU A 596 5.61 -13.84 -22.59
CA GLU A 596 4.30 -14.46 -22.43
C GLU A 596 3.92 -14.50 -20.96
N TYR A 597 4.89 -14.85 -20.12
CA TYR A 597 4.71 -14.89 -18.67
C TYR A 597 4.19 -13.56 -18.12
N GLY A 598 4.51 -12.49 -18.84
CA GLY A 598 4.22 -11.12 -18.46
C GLY A 598 5.55 -10.69 -17.89
N ILE A 599 6.03 -9.52 -18.28
CA ILE A 599 7.42 -9.20 -17.98
C ILE A 599 7.66 -8.78 -16.53
N HIS A 600 6.82 -7.91 -16.00
CA HIS A 600 6.97 -7.44 -14.63
C HIS A 600 6.78 -8.57 -13.64
N LYS A 601 5.87 -9.48 -13.96
CA LYS A 601 5.59 -10.62 -13.10
C LYS A 601 6.76 -11.60 -13.20
N TRP A 602 7.34 -11.70 -14.38
CA TRP A 602 8.48 -12.58 -14.60
C TRP A 602 9.66 -12.16 -13.75
N CYS A 603 9.98 -10.86 -13.78
CA CYS A 603 11.09 -10.33 -13.00
C CYS A 603 10.86 -10.54 -11.50
N ARG A 604 9.66 -10.24 -11.03
CA ARG A 604 9.32 -10.41 -9.61
C ARG A 604 9.44 -11.86 -9.14
N ASP A 605 8.90 -12.80 -9.90
CA ASP A 605 8.92 -14.20 -9.53
C ASP A 605 10.34 -14.78 -9.58
N HIS A 606 11.15 -14.24 -10.48
CA HIS A 606 12.54 -14.70 -10.63
C HIS A 606 13.51 -13.86 -9.80
N TYR A 607 12.97 -12.97 -8.98
CA TYR A 607 13.76 -12.14 -8.06
C TYR A 607 14.75 -11.26 -8.82
N LEU A 608 14.25 -10.54 -9.81
CA LEU A 608 15.07 -9.62 -10.60
C LEU A 608 14.44 -8.24 -10.61
N ASN A 609 15.27 -7.21 -10.78
CA ASN A 609 14.80 -5.84 -10.81
C ASN A 609 14.56 -5.34 -12.24
N TYR A 610 13.30 -5.09 -12.57
CA TYR A 610 12.90 -4.69 -13.91
C TYR A 610 13.50 -3.35 -14.34
N ARG A 611 13.62 -2.42 -13.40
CA ARG A 611 14.11 -1.09 -13.72
C ARG A 611 15.55 -1.17 -14.20
N SER A 612 16.38 -1.91 -13.47
CA SER A 612 17.77 -2.11 -13.85
C SER A 612 17.89 -2.81 -15.22
N LEU A 613 17.12 -3.87 -15.42
CA LEU A 613 17.20 -4.61 -16.69
C LEU A 613 16.66 -3.80 -17.86
N SER A 614 15.64 -2.99 -17.58
CA SER A 614 15.08 -2.11 -18.60
C SER A 614 16.11 -1.07 -19.00
N ALA A 615 16.82 -0.57 -18.00
CA ALA A 615 17.90 0.39 -18.23
C ALA A 615 18.97 -0.23 -19.12
N ALA A 616 19.42 -1.43 -18.77
CA ALA A 616 20.42 -2.14 -19.54
C ALA A 616 19.98 -2.34 -20.99
N ASP A 617 18.70 -2.63 -21.19
CA ASP A 617 18.15 -2.82 -22.53
C ASP A 617 18.31 -1.54 -23.34
N ASN A 618 17.97 -0.40 -22.73
CA ASN A 618 18.14 0.89 -23.39
C ASN A 618 19.61 1.18 -23.64
N ILE A 619 20.43 0.94 -22.63
CA ILE A 619 21.87 1.15 -22.76
C ILE A 619 22.44 0.32 -23.89
N ARG A 620 21.98 -0.92 -24.01
CA ARG A 620 22.48 -1.81 -25.04
C ARG A 620 22.10 -1.31 -26.42
N SER A 621 20.87 -0.84 -26.57
CA SER A 621 20.40 -0.31 -27.86
C SER A 621 21.20 0.91 -28.24
N GLN A 622 21.41 1.80 -27.27
CA GLN A 622 22.15 3.02 -27.52
C GLN A 622 23.59 2.70 -27.87
N LEU A 623 24.10 1.61 -27.32
CA LEU A 623 25.47 1.19 -27.60
C LEU A 623 25.55 0.55 -28.98
N GLU A 624 24.54 -0.26 -29.32
CA GLU A 624 24.54 -0.93 -30.61
C GLU A 624 24.51 0.12 -31.72
N ARG A 625 23.83 1.22 -31.44
CA ARG A 625 23.70 2.30 -32.40
C ARG A 625 25.03 2.99 -32.66
N LEU A 626 25.85 3.06 -31.62
CA LEU A 626 27.16 3.68 -31.73
C LEU A 626 28.08 2.78 -32.53
N MET A 627 27.92 1.47 -32.36
CA MET A 627 28.79 0.51 -33.02
C MET A 627 28.53 0.46 -34.53
N ASN A 628 27.25 0.55 -34.90
CA ASN A 628 26.89 0.59 -36.32
C ASN A 628 27.38 1.87 -36.97
N ARG A 629 27.33 2.95 -36.20
CA ARG A 629 27.72 4.27 -36.66
C ARG A 629 29.23 4.35 -36.91
N TYR A 630 30.00 3.85 -35.97
CA TYR A 630 31.47 3.88 -36.03
C TYR A 630 32.09 2.62 -36.65
N ASN A 631 31.26 1.76 -37.22
CA ASN A 631 31.71 0.57 -37.96
C ASN A 631 32.43 -0.48 -37.12
N LEU A 632 31.81 -0.82 -35.99
CA LEU A 632 32.19 -1.98 -35.19
C LEU A 632 31.25 -3.14 -35.51
N GLU A 633 31.83 -4.22 -36.01
CA GLU A 633 31.06 -5.35 -36.52
C GLU A 633 30.33 -6.07 -35.39
N LEU A 634 29.09 -6.49 -35.67
CA LEU A 634 28.32 -7.30 -34.74
C LEU A 634 28.40 -8.79 -35.12
N ASN A 635 29.12 -9.59 -34.36
CA ASN A 635 29.26 -11.02 -34.65
C ASN A 635 29.09 -11.87 -33.38
N THR A 636 28.87 -13.17 -33.58
CA THR A 636 28.74 -14.10 -32.46
C THR A 636 29.20 -15.50 -32.83
N THR A 637 29.67 -16.23 -31.82
CA THR A 637 30.07 -17.63 -31.97
C THR A 637 28.93 -18.57 -31.58
N ASP A 638 28.80 -19.69 -32.29
CA ASP A 638 27.80 -20.69 -31.95
C ASP A 638 28.03 -21.19 -30.52
N TYR A 639 26.94 -21.38 -29.78
CA TYR A 639 27.02 -21.75 -28.37
C TYR A 639 27.76 -23.06 -28.15
N GLU A 640 27.53 -24.01 -29.05
CA GLU A 640 28.07 -25.35 -28.90
C GLU A 640 29.58 -25.38 -29.11
N SER A 641 30.12 -24.30 -29.67
CA SER A 641 31.55 -24.18 -29.93
C SER A 641 32.38 -24.29 -28.64
N PRO A 642 33.54 -24.97 -28.70
CA PRO A 642 34.42 -24.99 -27.53
C PRO A 642 34.98 -23.61 -27.22
N LYS A 643 34.98 -22.71 -28.20
CA LYS A 643 35.56 -21.38 -28.05
C LYS A 643 34.61 -20.38 -27.40
N TYR A 644 33.33 -20.74 -27.30
CA TYR A 644 32.29 -19.78 -26.96
C TYR A 644 32.60 -19.00 -25.68
N PHE A 645 32.85 -19.70 -24.58
CA PHE A 645 33.15 -19.03 -23.33
C PHE A 645 34.59 -18.53 -23.28
N ASP A 646 35.48 -19.17 -24.02
CA ASP A 646 36.86 -18.71 -24.08
C ASP A 646 36.89 -17.29 -24.65
N ASN A 647 36.28 -17.11 -25.81
CA ASN A 647 36.23 -15.82 -26.49
C ASN A 647 35.70 -14.67 -25.64
N ILE A 648 34.70 -14.96 -24.80
CA ILE A 648 34.13 -13.95 -23.92
C ILE A 648 35.14 -13.57 -22.84
N ARG A 649 35.81 -14.58 -22.31
CA ARG A 649 36.83 -14.35 -21.29
C ARG A 649 38.00 -13.55 -21.87
N LYS A 650 38.25 -13.73 -23.18
CA LYS A 650 39.35 -13.04 -23.87
C LYS A 650 39.06 -11.56 -24.01
N ALA A 651 37.86 -11.25 -24.49
CA ALA A 651 37.39 -9.88 -24.62
C ALA A 651 37.44 -9.18 -23.27
N LEU A 652 36.92 -9.87 -22.25
CA LEU A 652 36.92 -9.33 -20.90
C LEU A 652 38.33 -8.99 -20.44
N ALA A 653 39.26 -9.91 -20.67
CA ALA A 653 40.64 -9.69 -20.27
C ALA A 653 41.23 -8.49 -21.02
N SER A 654 40.81 -8.30 -22.27
CA SER A 654 41.39 -7.26 -23.12
C SER A 654 41.24 -5.86 -22.53
N GLY A 655 40.08 -5.56 -21.95
CA GLY A 655 39.88 -4.32 -21.23
C GLY A 655 40.36 -4.31 -19.78
N PHE A 656 40.07 -5.41 -19.08
CA PHE A 656 40.22 -5.47 -17.63
C PHE A 656 41.50 -6.16 -17.12
N PHE A 657 42.44 -6.47 -18.01
CA PHE A 657 43.65 -7.20 -17.62
C PHE A 657 44.41 -6.58 -16.44
N MET A 658 44.21 -5.29 -16.19
CA MET A 658 44.85 -4.64 -15.04
C MET A 658 44.08 -4.87 -13.74
N GLN A 659 42.84 -5.32 -13.83
CA GLN A 659 42.13 -5.80 -12.66
C GLN A 659 42.05 -7.31 -12.73
N VAL A 660 42.92 -7.94 -11.95
CA VAL A 660 43.11 -9.38 -11.98
C VAL A 660 43.62 -9.81 -10.62
N ALA A 661 43.30 -11.03 -10.22
CA ALA A 661 43.78 -11.55 -8.96
C ALA A 661 44.18 -13.00 -9.12
N LYS A 662 45.19 -13.41 -8.36
CA LYS A 662 45.68 -14.79 -8.40
C LYS A 662 45.45 -15.41 -7.03
N LYS A 663 45.16 -16.71 -7.03
CA LYS A 663 44.87 -17.42 -5.80
C LYS A 663 46.12 -17.65 -4.97
N ARG A 664 46.06 -17.27 -3.69
CA ARG A 664 47.16 -17.49 -2.75
C ARG A 664 47.54 -18.96 -2.65
N SER A 665 48.85 -19.21 -2.59
CA SER A 665 49.37 -20.55 -2.40
C SER A 665 49.23 -20.96 -0.93
N GLY A 666 49.97 -20.29 -0.06
CA GLY A 666 49.94 -20.57 1.36
C GLY A 666 48.70 -20.03 2.04
N GLY A 669 42.76 -16.90 0.18
CA GLY A 669 42.74 -15.50 -0.21
C GLY A 669 43.36 -15.27 -1.57
N TYR A 670 43.29 -14.04 -2.06
CA TYR A 670 43.79 -13.70 -3.39
C TYR A 670 44.76 -12.51 -3.34
N ILE A 671 45.65 -12.43 -4.32
CA ILE A 671 46.53 -11.25 -4.51
C ILE A 671 46.19 -10.60 -5.84
N THR A 672 46.19 -9.28 -5.88
CA THR A 672 45.89 -8.55 -7.10
C THR A 672 47.17 -8.29 -7.86
N VAL A 673 47.12 -8.45 -9.18
CA VAL A 673 48.29 -8.24 -10.03
C VAL A 673 48.90 -6.87 -9.74
N LYS A 674 48.11 -5.85 -10.00
CA LYS A 674 48.49 -4.48 -9.68
C LYS A 674 48.47 -4.22 -8.19
N ASP A 675 49.48 -3.51 -7.71
CA ASP A 675 49.58 -3.07 -6.32
C ASP A 675 49.83 -4.20 -5.32
N ASN A 676 49.77 -5.46 -5.76
CA ASN A 676 49.98 -6.60 -4.87
C ASN A 676 49.22 -6.49 -3.55
N GLN A 677 47.90 -6.54 -3.65
CA GLN A 677 47.03 -6.40 -2.49
C GLN A 677 46.30 -7.70 -2.16
N ASP A 678 46.26 -8.02 -0.87
CA ASP A 678 45.55 -9.20 -0.39
C ASP A 678 44.06 -8.90 -0.30
N VAL A 679 43.27 -9.78 -0.91
CA VAL A 679 41.83 -9.61 -0.98
C VAL A 679 41.11 -10.95 -0.82
N LEU A 680 39.80 -10.86 -0.60
CA LEU A 680 38.97 -12.04 -0.51
C LEU A 680 37.88 -11.92 -1.57
N ILE A 681 37.34 -13.04 -2.03
CA ILE A 681 36.23 -12.99 -2.96
C ILE A 681 35.01 -12.49 -2.19
N HIS A 682 34.18 -11.68 -2.81
CA HIS A 682 32.98 -11.19 -2.16
C HIS A 682 32.05 -12.35 -1.89
N PRO A 683 31.42 -12.40 -0.70
CA PRO A 683 30.57 -13.53 -0.36
C PRO A 683 29.47 -13.80 -1.38
N SER A 684 29.13 -12.79 -2.17
CA SER A 684 28.09 -12.91 -3.18
C SER A 684 28.43 -13.94 -4.25
N THR A 685 29.69 -14.40 -4.25
CA THR A 685 30.12 -15.42 -5.19
C THR A 685 31.18 -16.34 -4.61
N VAL A 686 31.09 -17.61 -4.98
CA VAL A 686 32.05 -18.64 -4.58
C VAL A 686 32.68 -19.21 -5.84
N LEU A 687 33.93 -19.64 -5.74
CA LEU A 687 34.69 -20.04 -6.91
C LEU A 687 35.06 -21.50 -6.76
N GLY A 688 35.29 -22.19 -7.87
CA GLY A 688 35.66 -23.59 -7.79
C GLY A 688 37.15 -23.71 -7.59
N HIS A 689 37.66 -24.93 -7.69
CA HIS A 689 39.07 -25.19 -7.43
C HIS A 689 39.89 -24.84 -8.65
N ASP A 690 39.22 -24.73 -9.80
CA ASP A 690 39.91 -24.52 -11.07
C ASP A 690 40.24 -23.06 -11.39
N ALA A 691 39.85 -22.12 -10.54
CA ALA A 691 40.16 -20.72 -10.83
C ALA A 691 41.33 -20.24 -9.97
N GLU A 692 42.52 -20.26 -10.55
CA GLU A 692 43.71 -19.71 -9.91
C GLU A 692 43.76 -18.20 -10.14
N TRP A 693 43.36 -17.83 -11.36
CA TRP A 693 43.41 -16.44 -11.84
C TRP A 693 42.02 -15.92 -12.20
N VAL A 694 41.64 -14.77 -11.66
CA VAL A 694 40.33 -14.18 -11.94
C VAL A 694 40.36 -12.69 -12.26
N ILE A 695 39.47 -12.29 -13.17
CA ILE A 695 39.19 -10.89 -13.48
C ILE A 695 38.03 -10.38 -12.65
N TYR A 696 38.21 -9.24 -11.99
CA TYR A 696 37.16 -8.65 -11.17
C TYR A 696 36.72 -7.28 -11.68
N ASN A 697 35.42 -7.01 -11.58
CA ASN A 697 34.86 -5.73 -12.02
C ASN A 697 35.03 -4.63 -10.99
N GLU A 698 35.10 -5.02 -9.73
CA GLU A 698 34.92 -4.11 -8.61
C GLU A 698 35.88 -4.39 -7.48
N PHE A 699 36.37 -3.32 -6.87
CA PHE A 699 37.16 -3.39 -5.66
C PHE A 699 36.32 -2.82 -4.53
N VAL A 700 35.95 -3.66 -3.57
CA VAL A 700 35.09 -3.26 -2.48
C VAL A 700 35.80 -3.31 -1.14
N LEU A 701 36.00 -2.14 -0.54
CA LEU A 701 36.64 -2.07 0.78
C LEU A 701 35.67 -1.70 1.90
N THR A 702 35.36 -2.69 2.73
CA THR A 702 34.73 -2.45 4.02
C THR A 702 35.58 -3.21 5.01
N SER A 703 36.31 -2.51 5.87
CA SER A 703 37.24 -3.18 6.77
C SER A 703 38.19 -4.00 5.91
N LYS A 704 37.93 -5.31 5.81
CA LYS A 704 38.67 -6.17 4.90
C LYS A 704 38.35 -5.82 3.43
N ASN A 705 39.21 -6.23 2.51
CA ASN A 705 39.06 -5.89 1.09
C ASN A 705 38.55 -7.00 0.19
N TYR A 706 37.50 -6.70 -0.58
CA TYR A 706 36.86 -7.70 -1.44
C TYR A 706 36.98 -7.32 -2.91
N ILE A 707 36.90 -8.33 -3.77
CA ILE A 707 36.71 -8.13 -5.20
C ILE A 707 35.40 -8.79 -5.62
N ARG A 708 34.58 -8.07 -6.38
CA ARG A 708 33.23 -8.51 -6.73
C ARG A 708 33.03 -8.66 -8.23
N THR A 709 32.08 -9.51 -8.60
CA THR A 709 31.77 -9.77 -10.00
C THR A 709 33.01 -10.32 -10.68
N VAL A 710 33.33 -11.57 -10.34
CA VAL A 710 34.57 -12.20 -10.78
C VAL A 710 34.36 -13.29 -11.83
N THR A 711 35.32 -13.41 -12.75
CA THR A 711 35.31 -14.44 -13.77
C THR A 711 36.72 -15.00 -13.94
N SER A 712 36.84 -16.32 -13.97
CA SER A 712 38.14 -16.97 -14.08
C SER A 712 38.76 -16.69 -15.44
N VAL A 713 40.07 -16.69 -15.48
CA VAL A 713 40.80 -16.46 -16.72
C VAL A 713 42.09 -17.25 -16.67
N ARG A 714 42.52 -17.74 -17.84
CA ARG A 714 43.80 -18.44 -17.95
C ARG A 714 44.95 -17.44 -18.04
N PRO A 715 45.97 -17.60 -17.17
CA PRO A 715 47.06 -16.61 -17.16
C PRO A 715 47.83 -16.54 -18.47
N GLU A 716 47.80 -17.61 -19.26
CA GLU A 716 48.44 -17.60 -20.57
C GLU A 716 47.82 -16.49 -21.39
N TRP A 717 46.50 -16.44 -21.39
CA TRP A 717 45.75 -15.46 -22.15
C TRP A 717 46.14 -14.04 -21.76
N LEU A 718 46.49 -13.83 -20.50
CA LEU A 718 46.93 -12.52 -20.03
C LEU A 718 48.20 -12.12 -20.76
N ILE A 719 49.11 -13.08 -20.96
CA ILE A 719 50.39 -12.82 -21.57
C ILE A 719 50.19 -12.46 -23.04
N GLU A 720 49.25 -13.14 -23.68
CA GLU A 720 48.96 -12.93 -25.10
C GLU A 720 48.27 -11.59 -25.36
N ILE A 721 47.26 -11.28 -24.54
CA ILE A 721 46.41 -10.11 -24.78
C ILE A 721 47.08 -8.83 -24.31
N ALA A 722 47.80 -8.92 -23.19
CA ALA A 722 48.48 -7.75 -22.62
C ALA A 722 49.94 -8.05 -22.28
N PRO A 723 50.75 -8.32 -23.31
CA PRO A 723 52.15 -8.66 -23.12
C PRO A 723 52.97 -7.50 -22.56
N ALA A 724 52.52 -6.28 -22.83
CA ALA A 724 53.22 -5.10 -22.36
C ALA A 724 53.07 -4.93 -20.86
N TYR A 725 51.89 -5.26 -20.35
CA TYR A 725 51.60 -5.12 -18.93
C TYR A 725 52.17 -6.27 -18.11
N TYR A 726 52.12 -7.47 -18.68
CA TYR A 726 52.58 -8.67 -18.00
C TYR A 726 54.06 -8.97 -18.26
N ASP A 727 54.74 -8.01 -18.86
CA ASP A 727 56.20 -8.02 -18.90
C ASP A 727 56.71 -8.16 -17.46
N LEU A 728 57.51 -9.19 -17.20
CA LEU A 728 57.91 -9.50 -15.83
C LEU A 728 58.79 -8.43 -15.19
N SER A 729 59.40 -7.59 -16.01
CA SER A 729 60.23 -6.50 -15.49
C SER A 729 59.39 -5.56 -14.62
N ASN A 730 58.08 -5.51 -14.90
CA ASN A 730 57.16 -4.64 -14.18
C ASN A 730 56.81 -5.17 -12.80
N PHE A 731 57.03 -6.47 -12.59
CA PHE A 731 56.63 -7.14 -11.36
C PHE A 731 57.73 -7.21 -10.30
N GLN A 732 57.29 -7.10 -9.04
CA GLN A 732 58.13 -7.32 -7.87
C GLN A 732 57.94 -8.73 -7.31
N LYS A 733 58.98 -9.28 -6.70
CA LYS A 733 58.98 -10.67 -6.25
C LYS A 733 57.90 -10.94 -5.20
N GLY A 734 57.22 -12.07 -5.39
CA GLY A 734 56.15 -12.50 -4.52
C GLY A 734 55.52 -13.75 -5.12
N ASP A 735 54.45 -14.25 -4.51
CA ASP A 735 53.76 -15.42 -5.01
C ASP A 735 53.32 -15.18 -6.45
N VAL A 736 52.98 -13.92 -6.74
CA VAL A 736 52.43 -13.53 -8.03
C VAL A 736 53.46 -13.64 -9.15
N LYS A 737 54.65 -13.07 -8.96
CA LYS A 737 55.65 -13.04 -10.01
C LYS A 737 56.21 -14.42 -10.27
N LEU A 738 56.45 -15.19 -9.19
CA LEU A 738 56.94 -16.57 -9.33
C LEU A 738 55.98 -17.39 -10.17
N SER A 739 54.71 -17.35 -9.84
CA SER A 739 53.70 -18.09 -10.59
C SER A 739 53.72 -17.65 -12.05
N LEU A 740 53.76 -16.32 -12.26
CA LEU A 740 53.82 -15.78 -13.61
C LEU A 740 55.08 -16.25 -14.34
N GLU A 741 56.18 -16.35 -13.60
CA GLU A 741 57.45 -16.84 -14.15
C GLU A 741 57.25 -18.23 -14.77
N ARG A 742 56.44 -19.05 -14.11
CA ARG A 742 56.31 -20.45 -14.52
C ARG A 742 55.37 -20.66 -15.71
N ILE A 743 54.39 -19.79 -15.85
CA ILE A 743 53.49 -19.85 -17.01
C ILE A 743 54.27 -19.47 -18.26
N LYS A 744 55.21 -18.54 -18.12
CA LYS A 744 55.99 -18.06 -19.26
C LYS A 744 56.83 -19.16 -19.89
N GLU A 745 57.69 -19.76 -19.07
CA GLU A 745 58.60 -20.81 -19.54
C GLU A 745 57.85 -21.98 -20.15
N LYS A 746 56.69 -22.30 -19.57
CA LYS A 746 55.93 -23.50 -19.95
C LYS A 746 55.34 -23.34 -21.35
N VAL A 747 55.57 -22.19 -21.98
CA VAL A 747 55.20 -21.98 -23.37
C VAL A 747 56.45 -22.29 -24.21
N ASP A 748 56.36 -23.38 -24.97
CA ASP A 748 57.54 -24.07 -25.50
C ASP A 748 57.55 -24.24 -27.01
N ARG A 749 58.74 -24.57 -27.53
CA ARG A 749 58.97 -24.76 -28.96
C ARG A 749 58.54 -23.54 -29.75
N SER B 3 -49.61 -34.18 32.29
CA SER B 3 -49.50 -34.63 33.67
C SER B 3 -48.13 -34.28 34.23
N LYS B 4 -48.06 -33.93 35.51
CA LYS B 4 -46.82 -33.44 36.10
C LYS B 4 -45.77 -34.55 36.17
N ARG B 5 -44.55 -34.21 35.79
CA ARG B 5 -43.45 -35.15 35.78
C ARG B 5 -42.87 -35.41 37.17
N ARG B 6 -42.52 -36.66 37.43
CA ARG B 6 -41.95 -37.07 38.72
C ARG B 6 -40.42 -37.07 38.66
N PHE B 7 -39.80 -36.62 39.75
CA PHE B 7 -38.35 -36.55 39.81
C PHE B 7 -37.79 -37.40 40.95
N SER B 8 -36.65 -38.03 40.68
CA SER B 8 -36.02 -38.95 41.62
C SER B 8 -34.50 -38.83 41.53
N SER B 9 -33.79 -39.62 42.31
CA SER B 9 -32.33 -39.65 42.21
C SER B 9 -31.92 -40.37 40.92
N GLU B 10 -32.75 -41.31 40.47
CA GLU B 10 -32.53 -41.98 39.20
C GLU B 10 -32.78 -41.04 38.01
N HIS B 11 -33.80 -40.20 38.16
CA HIS B 11 -34.21 -39.22 37.14
C HIS B 11 -34.36 -37.83 37.71
N PRO B 12 -33.23 -37.13 37.92
CA PRO B 12 -33.24 -35.86 38.65
C PRO B 12 -33.96 -34.71 37.94
N ASP B 13 -34.20 -33.64 38.70
CA ASP B 13 -34.78 -32.42 38.18
C ASP B 13 -33.66 -31.53 37.63
N PRO B 14 -33.66 -31.28 36.30
CA PRO B 14 -32.55 -30.51 35.74
C PRO B 14 -32.41 -29.11 36.32
N VAL B 15 -33.49 -28.58 36.88
CA VAL B 15 -33.48 -27.25 37.47
C VAL B 15 -32.85 -27.25 38.85
N GLU B 16 -33.19 -28.25 39.65
CA GLU B 16 -32.68 -28.36 41.01
C GLU B 16 -31.22 -28.79 41.01
N THR B 17 -30.82 -29.54 39.98
CA THR B 17 -29.46 -30.05 39.88
C THR B 17 -28.53 -29.06 39.18
N SER B 18 -29.08 -27.93 38.76
CA SER B 18 -28.30 -26.93 38.03
C SER B 18 -27.59 -25.96 38.96
N ILE B 19 -26.27 -25.94 38.87
CA ILE B 19 -25.45 -24.98 39.61
C ILE B 19 -25.67 -23.55 39.12
N PRO B 20 -25.75 -23.33 37.79
CA PRO B 20 -26.07 -21.99 37.31
C PRO B 20 -27.38 -21.44 37.86
N GLU B 21 -28.40 -22.30 37.97
CA GLU B 21 -29.68 -21.92 38.54
C GLU B 21 -29.51 -21.39 39.97
N GLN B 22 -28.63 -22.02 40.73
CA GLN B 22 -28.35 -21.58 42.11
C GLN B 22 -27.82 -20.16 42.10
N ALA B 23 -26.81 -19.91 41.27
CA ALA B 23 -26.22 -18.58 41.16
C ALA B 23 -27.29 -17.53 40.87
N ALA B 24 -28.19 -17.86 39.95
CA ALA B 24 -29.28 -16.95 39.57
C ALA B 24 -30.14 -16.56 40.77
N GLU B 25 -30.53 -17.56 41.56
CA GLU B 25 -31.35 -17.33 42.75
C GLU B 25 -30.63 -16.43 43.75
N ILE B 26 -29.32 -16.58 43.87
CA ILE B 26 -28.54 -15.71 44.74
C ILE B 26 -28.52 -14.30 44.16
N ALA B 27 -28.16 -14.20 42.89
CA ALA B 27 -28.07 -12.92 42.21
C ALA B 27 -29.44 -12.24 42.15
N GLU B 28 -30.48 -13.05 41.95
CA GLU B 28 -31.86 -12.57 41.94
C GLU B 28 -32.22 -11.96 43.28
N GLU B 29 -31.83 -12.66 44.35
CA GLU B 29 -32.14 -12.22 45.70
C GLU B 29 -31.49 -10.89 46.01
N LEU B 30 -30.20 -10.81 45.68
CA LEU B 30 -29.41 -9.60 45.89
C LEU B 30 -29.90 -8.38 45.11
N SER B 31 -30.47 -8.59 43.94
CA SER B 31 -30.88 -7.45 43.10
C SER B 31 -32.10 -6.68 43.62
N LYS B 32 -33.10 -7.40 44.13
CA LYS B 32 -34.30 -6.73 44.66
C LYS B 32 -34.09 -6.28 46.12
N GLN B 33 -32.88 -6.50 46.64
CA GLN B 33 -32.46 -5.84 47.88
C GLN B 33 -32.37 -4.34 47.60
N HIS B 34 -32.31 -3.99 46.30
CA HIS B 34 -32.35 -2.61 45.84
C HIS B 34 -33.39 -2.42 44.72
N PRO B 35 -34.11 -1.28 44.73
CA PRO B 35 -34.92 -1.03 43.54
C PRO B 35 -34.03 -0.75 42.32
N LEU B 36 -34.47 -1.08 41.12
CA LEU B 36 -33.76 -0.68 39.91
C LEU B 36 -34.25 0.70 39.49
N PRO B 37 -33.44 1.44 38.73
CA PRO B 37 -33.98 2.69 38.20
C PRO B 37 -34.90 2.46 37.00
N SER B 38 -35.74 3.46 36.73
CA SER B 38 -36.68 3.44 35.61
C SER B 38 -36.08 4.09 34.37
N GLU B 39 -36.51 3.66 33.19
CA GLU B 39 -35.91 4.11 31.93
C GLU B 39 -35.78 5.62 31.89
N GLU B 40 -34.62 6.10 31.47
CA GLU B 40 -34.39 7.53 31.34
C GLU B 40 -35.46 8.13 30.44
N PRO B 41 -36.08 9.25 30.87
CA PRO B 41 -37.14 9.75 30.00
C PRO B 41 -36.56 10.49 28.82
N LEU B 42 -37.40 10.86 27.87
CA LEU B 42 -36.97 11.65 26.73
C LEU B 42 -37.42 13.10 26.84
N VAL B 43 -36.62 13.98 26.25
CA VAL B 43 -36.96 15.38 26.14
C VAL B 43 -36.92 15.70 24.65
N HIS B 44 -37.69 16.69 24.23
CA HIS B 44 -37.78 17.06 22.83
C HIS B 44 -37.82 18.57 22.75
N HIS B 45 -37.93 19.10 21.54
CA HIS B 45 -37.99 20.53 21.35
C HIS B 45 -39.25 20.91 20.58
N ASP B 46 -40.11 21.69 21.23
CA ASP B 46 -41.20 22.34 20.56
C ASP B 46 -41.08 23.84 20.81
N ALA B 47 -40.70 24.56 19.76
CA ALA B 47 -40.80 26.01 19.75
C ALA B 47 -42.04 26.45 18.97
N GLY B 48 -42.78 25.47 18.44
CA GLY B 48 -43.99 25.77 17.69
C GLY B 48 -43.82 25.68 16.18
N GLU B 49 -42.73 25.09 15.72
CA GLU B 49 -42.46 24.98 14.30
C GLU B 49 -43.54 24.17 13.57
N PHE B 50 -44.09 23.19 14.26
CA PHE B 50 -45.03 22.23 13.67
C PHE B 50 -46.49 22.69 13.74
N LYS B 51 -46.74 23.88 14.30
CA LYS B 51 -48.10 24.32 14.62
C LYS B 51 -49.11 24.30 13.48
N GLY B 52 -48.64 24.49 12.24
CA GLY B 52 -49.51 24.44 11.09
C GLY B 52 -49.92 23.04 10.70
N LEU B 53 -49.20 22.05 11.22
CA LEU B 53 -49.39 20.66 10.83
C LEU B 53 -50.28 19.89 11.81
N GLN B 54 -51.16 19.07 11.22
CA GLN B 54 -52.12 18.25 11.95
C GLN B 54 -51.81 16.78 11.73
N ARG B 55 -51.69 16.04 12.83
CA ARG B 55 -51.23 14.66 12.79
C ARG B 55 -52.12 13.77 11.91
N HIS B 56 -51.46 13.00 11.05
CA HIS B 56 -52.10 12.06 10.12
C HIS B 56 -53.09 12.69 9.14
N HIS B 57 -53.08 14.02 9.01
CA HIS B 57 -53.72 14.69 7.88
C HIS B 57 -52.70 15.37 6.95
N THR B 58 -51.41 15.20 7.26
CA THR B 58 -50.35 15.93 6.59
C THR B 58 -50.20 15.53 5.12
N SER B 59 -49.60 16.42 4.33
CA SER B 59 -49.30 16.16 2.92
C SER B 59 -47.84 16.49 2.61
N ALA B 60 -47.46 16.31 1.35
CA ALA B 60 -46.08 16.56 0.92
C ALA B 60 -45.78 18.04 0.84
N GLU B 61 -46.72 18.81 0.32
CA GLU B 61 -46.54 20.25 0.18
C GLU B 61 -46.36 20.88 1.56
N GLU B 62 -47.21 20.47 2.49
CA GLU B 62 -47.14 20.95 3.86
C GLU B 62 -45.78 20.66 4.50
N ALA B 63 -45.21 19.50 4.21
CA ALA B 63 -43.93 19.10 4.79
C ALA B 63 -42.73 19.79 4.13
N GLN B 64 -42.76 19.83 2.80
CA GLN B 64 -41.71 20.45 2.00
C GLN B 64 -41.40 21.88 2.47
N LYS B 65 -42.44 22.65 2.74
CA LYS B 65 -42.29 24.03 3.22
C LYS B 65 -41.29 24.14 4.38
N LEU B 66 -41.34 23.16 5.27
CA LEU B 66 -40.44 23.13 6.42
C LEU B 66 -39.04 22.66 6.02
N GLU B 67 -38.99 21.68 5.12
CA GLU B 67 -37.72 21.23 4.58
C GLU B 67 -37.00 22.35 3.85
N ASP B 68 -37.78 23.17 3.14
CA ASP B 68 -37.23 24.30 2.39
C ASP B 68 -37.12 25.54 3.26
N GLY B 69 -37.63 25.45 4.49
CA GLY B 69 -37.53 26.57 5.41
C GLY B 69 -36.10 26.80 5.83
N LYS B 70 -35.85 27.97 6.40
CA LYS B 70 -34.52 28.32 6.90
C LYS B 70 -34.22 27.56 8.20
N ILE B 71 -35.26 27.28 8.98
CA ILE B 71 -35.12 26.81 10.35
C ILE B 71 -35.58 25.35 10.57
N ASN B 72 -34.72 24.54 11.19
CA ASN B 72 -34.99 23.13 11.47
C ASN B 72 -36.02 22.88 12.60
N PRO B 73 -37.18 22.28 12.29
CA PRO B 73 -38.23 22.12 13.32
C PRO B 73 -37.90 21.17 14.48
N PHE B 74 -37.09 20.15 14.23
CA PHE B 74 -36.85 19.09 15.23
C PHE B 74 -35.84 19.49 16.32
N THR B 75 -35.11 20.57 16.09
CA THR B 75 -34.06 21.01 17.02
C THR B 75 -34.26 22.45 17.47
N GLY B 76 -34.34 23.37 16.52
CA GLY B 76 -34.43 24.79 16.81
C GLY B 76 -33.15 25.51 16.43
N ARG B 77 -32.11 24.74 16.15
CA ARG B 77 -30.89 25.27 15.53
C ARG B 77 -31.17 25.57 14.07
N GLU B 78 -30.28 26.32 13.43
CA GLU B 78 -30.52 26.78 12.07
C GLU B 78 -30.02 25.75 11.06
N PHE B 79 -30.73 25.61 9.94
CA PHE B 79 -30.28 24.69 8.90
C PHE B 79 -28.92 25.13 8.39
N THR B 80 -28.17 24.14 7.92
CA THR B 80 -26.81 24.34 7.47
C THR B 80 -26.78 24.26 5.94
N PRO B 81 -25.75 24.85 5.29
CA PRO B 81 -25.72 24.86 3.83
C PRO B 81 -25.60 23.46 3.24
N LYS B 82 -24.89 22.60 3.96
CA LYS B 82 -24.73 21.20 3.59
C LYS B 82 -26.08 20.48 3.52
N TYR B 83 -26.98 20.84 4.43
CA TYR B 83 -28.32 20.25 4.45
C TYR B 83 -29.10 20.59 3.19
N VAL B 84 -28.95 21.81 2.68
CA VAL B 84 -29.74 22.24 1.53
C VAL B 84 -29.25 21.55 0.27
N ASP B 85 -27.93 21.34 0.19
CA ASP B 85 -27.34 20.63 -0.95
C ASP B 85 -27.83 19.19 -1.00
N ILE B 86 -27.70 18.48 0.12
CA ILE B 86 -28.15 17.09 0.17
C ILE B 86 -29.64 17.03 -0.14
N LEU B 87 -30.38 18.00 0.37
CA LEU B 87 -31.83 18.00 0.24
C LEU B 87 -32.27 17.98 -1.22
N LYS B 88 -31.58 18.72 -2.08
CA LYS B 88 -31.92 18.74 -3.50
C LYS B 88 -31.65 17.39 -4.15
N ILE B 89 -30.52 16.79 -3.78
CA ILE B 89 -30.12 15.50 -4.33
C ILE B 89 -31.16 14.40 -4.07
N ARG B 90 -31.54 14.22 -2.80
CA ARG B 90 -32.38 13.09 -2.43
C ARG B 90 -33.78 13.21 -3.00
N ARG B 91 -34.15 14.40 -3.41
CA ARG B 91 -35.48 14.64 -3.97
C ARG B 91 -35.61 14.05 -5.39
N GLU B 92 -34.51 13.55 -5.93
CA GLU B 92 -34.53 12.84 -7.20
C GLU B 92 -34.78 11.34 -6.99
N LEU B 93 -34.83 10.92 -5.73
CA LEU B 93 -35.11 9.53 -5.44
C LEU B 93 -36.54 9.20 -5.88
N PRO B 94 -36.80 7.95 -6.27
CA PRO B 94 -38.14 7.55 -6.73
C PRO B 94 -39.24 7.79 -5.69
N VAL B 95 -38.94 7.51 -4.42
CA VAL B 95 -39.94 7.61 -3.36
C VAL B 95 -40.58 8.99 -3.24
N HIS B 96 -39.85 10.03 -3.65
CA HIS B 96 -40.33 11.39 -3.46
C HIS B 96 -41.51 11.75 -4.36
N ALA B 97 -41.59 11.08 -5.51
CA ALA B 97 -42.69 11.33 -6.45
C ALA B 97 -44.01 10.80 -5.87
N GLN B 98 -43.91 9.69 -5.15
CA GLN B 98 -45.08 9.00 -4.59
C GLN B 98 -45.37 9.39 -3.13
N ARG B 99 -44.66 10.38 -2.61
CA ARG B 99 -44.77 10.77 -1.20
C ARG B 99 -46.21 10.93 -0.73
N ASP B 100 -47.01 11.69 -1.48
CA ASP B 100 -48.42 11.89 -1.11
C ASP B 100 -49.20 10.58 -1.17
N GLU B 101 -48.89 9.73 -2.15
CA GLU B 101 -49.56 8.43 -2.26
C GLU B 101 -49.27 7.59 -1.02
N PHE B 102 -48.03 7.65 -0.55
CA PHE B 102 -47.62 6.91 0.65
C PHE B 102 -48.36 7.41 1.89
N LEU B 103 -48.39 8.72 2.08
CA LEU B 103 -49.02 9.32 3.25
C LEU B 103 -50.49 8.92 3.37
N LYS B 104 -51.20 8.90 2.24
CA LYS B 104 -52.61 8.55 2.23
C LYS B 104 -52.81 7.09 2.66
N LEU B 105 -51.83 6.23 2.37
CA LEU B 105 -51.90 4.85 2.82
C LEU B 105 -51.56 4.76 4.31
N TYR B 106 -50.56 5.52 4.72
CA TYR B 106 -50.13 5.56 6.12
C TYR B 106 -51.26 6.04 7.02
N GLN B 107 -51.96 7.09 6.57
CA GLN B 107 -53.00 7.71 7.37
C GLN B 107 -54.24 6.83 7.49
N ASN B 108 -54.57 6.10 6.42
CA ASN B 108 -55.79 5.30 6.36
C ASN B 108 -55.62 3.84 6.74
N ASN B 109 -54.40 3.44 7.12
CA ASN B 109 -54.14 2.05 7.47
C ASN B 109 -53.17 1.90 8.64
N GLN B 110 -53.38 0.87 9.45
CA GLN B 110 -52.48 0.58 10.56
C GLN B 110 -51.24 -0.16 10.07
N ILE B 111 -51.45 -1.12 9.18
CA ILE B 111 -50.36 -1.91 8.61
C ILE B 111 -50.34 -1.69 7.09
N MET B 112 -49.14 -1.50 6.54
CA MET B 112 -49.00 -1.35 5.09
C MET B 112 -47.69 -1.93 4.59
N VAL B 113 -47.69 -2.37 3.34
CA VAL B 113 -46.51 -2.94 2.71
C VAL B 113 -45.96 -1.95 1.70
N PHE B 114 -44.63 -1.84 1.66
CA PHE B 114 -43.93 -0.92 0.78
C PHE B 114 -42.84 -1.67 0.03
N VAL B 115 -42.76 -1.48 -1.29
CA VAL B 115 -41.73 -2.16 -2.08
C VAL B 115 -41.10 -1.28 -3.15
N GLY B 116 -39.80 -1.46 -3.34
CA GLY B 116 -39.07 -0.75 -4.37
C GLY B 116 -37.66 -1.32 -4.53
N GLU B 117 -37.04 -1.08 -5.67
CA GLU B 117 -35.66 -1.51 -5.90
C GLU B 117 -34.70 -0.90 -4.90
N THR B 118 -33.60 -1.60 -4.65
CA THR B 118 -32.50 -1.04 -3.88
C THR B 118 -32.03 0.26 -4.51
N GLY B 119 -31.97 1.30 -3.69
CA GLY B 119 -31.55 2.62 -4.15
C GLY B 119 -32.71 3.56 -4.39
N SER B 120 -33.94 3.05 -4.25
CA SER B 120 -35.12 3.86 -4.49
C SER B 120 -35.36 4.84 -3.33
N GLY B 121 -34.72 4.61 -2.18
CA GLY B 121 -34.81 5.54 -1.06
C GLY B 121 -35.75 5.15 0.06
N LYS B 122 -36.15 3.89 0.14
CA LYS B 122 -37.01 3.41 1.22
C LYS B 122 -36.44 3.74 2.60
N THR B 123 -35.30 3.15 2.94
CA THR B 123 -34.75 3.22 4.28
C THR B 123 -34.43 4.66 4.75
N THR B 124 -33.93 5.49 3.83
CA THR B 124 -33.53 6.85 4.18
C THR B 124 -34.69 7.84 4.25
N GLN B 125 -35.64 7.71 3.32
CA GLN B 125 -36.71 8.70 3.16
C GLN B 125 -37.95 8.39 3.97
N ILE B 126 -38.58 7.24 3.69
CA ILE B 126 -39.88 6.88 4.29
C ILE B 126 -39.95 7.14 5.80
N PRO B 127 -38.87 6.81 6.55
CA PRO B 127 -38.93 7.20 7.96
C PRO B 127 -39.05 8.69 8.18
N GLN B 128 -38.41 9.50 7.34
CA GLN B 128 -38.51 10.96 7.46
C GLN B 128 -39.88 11.47 7.01
N PHE B 129 -40.43 10.82 5.98
CA PHE B 129 -41.79 11.11 5.53
C PHE B 129 -42.73 10.92 6.70
N VAL B 130 -42.50 9.85 7.46
CA VAL B 130 -43.34 9.51 8.60
C VAL B 130 -43.21 10.54 9.72
N LEU B 131 -42.00 11.06 9.92
CA LEU B 131 -41.75 12.00 11.01
C LEU B 131 -42.64 13.24 10.92
N PHE B 132 -42.89 13.71 9.71
CA PHE B 132 -43.64 14.96 9.53
C PHE B 132 -45.14 14.75 9.72
N ASP B 133 -45.64 13.62 9.26
CA ASP B 133 -47.06 13.31 9.39
C ASP B 133 -47.39 12.80 10.79
N GLU B 134 -46.41 12.17 11.42
CA GLU B 134 -46.56 11.63 12.78
C GLU B 134 -46.26 12.67 13.84
N MET B 135 -45.06 13.25 13.75
CA MET B 135 -44.52 14.14 14.78
C MET B 135 -44.49 13.39 16.11
N PRO B 136 -43.78 12.26 16.14
CA PRO B 136 -43.75 11.34 17.28
C PRO B 136 -43.08 11.96 18.51
N HIS B 137 -42.17 12.89 18.30
CA HIS B 137 -41.46 13.53 19.41
C HIS B 137 -42.38 14.45 20.20
N LEU B 138 -43.47 14.89 19.56
CA LEU B 138 -44.46 15.74 20.22
C LEU B 138 -45.34 14.91 21.16
N GLU B 139 -45.69 13.71 20.71
CA GLU B 139 -46.58 12.81 21.45
C GLU B 139 -45.77 11.89 22.38
N ASN B 140 -44.49 12.19 22.54
CA ASN B 140 -43.61 11.47 23.47
C ASN B 140 -43.37 10.01 23.05
N THR B 141 -43.10 9.82 21.77
CA THR B 141 -42.73 8.51 21.24
C THR B 141 -41.56 8.67 20.28
N GLN B 142 -41.01 7.53 19.86
CA GLN B 142 -39.97 7.50 18.85
C GLN B 142 -40.48 6.79 17.62
N VAL B 143 -39.62 6.68 16.61
CA VAL B 143 -39.88 5.85 15.44
C VAL B 143 -38.72 4.91 15.22
N ALA B 144 -39.04 3.63 15.13
CA ALA B 144 -38.04 2.60 14.94
C ALA B 144 -38.07 2.06 13.52
N CYS B 145 -36.89 1.84 12.96
CA CYS B 145 -36.72 1.20 11.66
C CYS B 145 -35.66 0.12 11.77
N THR B 146 -36.04 -1.14 11.55
CA THR B 146 -35.12 -2.25 11.76
C THR B 146 -34.40 -2.68 10.49
N GLN B 147 -33.08 -2.80 10.61
CA GLN B 147 -32.25 -3.38 9.57
C GLN B 147 -31.84 -4.78 10.03
N PRO B 148 -31.90 -5.76 9.13
CA PRO B 148 -31.39 -7.07 9.57
C PRO B 148 -29.88 -7.08 9.82
N ARG B 149 -29.18 -6.05 9.34
CA ARG B 149 -27.72 -6.00 9.34
C ARG B 149 -27.17 -4.87 10.21
N ARG B 150 -26.10 -5.17 10.95
CA ARG B 150 -25.45 -4.17 11.80
C ARG B 150 -24.99 -2.97 10.99
N VAL B 151 -24.21 -3.24 9.94
CA VAL B 151 -23.59 -2.19 9.13
C VAL B 151 -24.63 -1.33 8.43
N ALA B 152 -25.75 -1.93 8.06
CA ALA B 152 -26.80 -1.19 7.38
C ALA B 152 -27.41 -0.16 8.32
N ALA B 153 -27.61 -0.55 9.58
CA ALA B 153 -28.24 0.35 10.55
C ALA B 153 -27.34 1.52 10.87
N MET B 154 -26.09 1.23 11.21
CA MET B 154 -25.13 2.25 11.61
C MET B 154 -24.86 3.23 10.47
N SER B 155 -24.67 2.69 9.27
CA SER B 155 -24.32 3.50 8.11
C SER B 155 -25.44 4.45 7.71
N VAL B 156 -26.67 3.93 7.61
CA VAL B 156 -27.81 4.74 7.21
C VAL B 156 -28.12 5.77 8.30
N ALA B 157 -27.79 5.43 9.53
CA ALA B 157 -28.02 6.34 10.65
C ALA B 157 -27.12 7.55 10.51
N GLN B 158 -25.86 7.30 10.10
CA GLN B 158 -24.90 8.36 9.88
C GLN B 158 -25.41 9.28 8.77
N ARG B 159 -26.06 8.66 7.79
CA ARG B 159 -26.54 9.37 6.61
C ARG B 159 -27.75 10.26 6.92
N VAL B 160 -28.79 9.69 7.52
CA VAL B 160 -30.01 10.42 7.79
C VAL B 160 -29.76 11.51 8.83
N ALA B 161 -28.74 11.31 9.65
CA ALA B 161 -28.32 12.34 10.60
C ALA B 161 -27.88 13.59 9.86
N GLU B 162 -27.18 13.38 8.74
CA GLU B 162 -26.76 14.47 7.87
C GLU B 162 -27.93 15.05 7.10
N GLU B 163 -28.85 14.20 6.68
CA GLU B 163 -29.97 14.63 5.85
C GLU B 163 -30.99 15.43 6.66
N MET B 164 -31.05 15.14 7.97
CA MET B 164 -31.94 15.87 8.87
C MET B 164 -31.19 17.01 9.57
N ASP B 165 -29.88 17.09 9.30
CA ASP B 165 -29.02 18.12 9.88
C ASP B 165 -29.08 18.09 11.40
N VAL B 166 -28.70 16.94 11.97
CA VAL B 166 -28.66 16.76 13.42
C VAL B 166 -27.46 15.92 13.80
N LYS B 167 -27.07 15.99 15.07
CA LYS B 167 -25.98 15.16 15.56
C LYS B 167 -26.38 13.70 15.59
N LEU B 168 -25.46 12.82 15.20
CA LEU B 168 -25.69 11.39 15.31
C LEU B 168 -25.59 10.99 16.77
N GLY B 169 -26.62 10.31 17.25
CA GLY B 169 -26.69 9.94 18.64
C GLY B 169 -27.63 10.84 19.42
N GLU B 170 -28.01 11.97 18.82
CA GLU B 170 -28.97 12.86 19.46
C GLU B 170 -30.39 12.68 18.93
N GLU B 171 -30.70 13.29 17.79
CA GLU B 171 -32.06 13.21 17.22
C GLU B 171 -32.21 11.95 16.38
N VAL B 172 -31.18 11.65 15.60
CA VAL B 172 -31.08 10.41 14.84
C VAL B 172 -30.01 9.56 15.51
N GLY B 173 -30.30 8.28 15.70
CA GLY B 173 -29.38 7.41 16.42
C GLY B 173 -29.46 5.98 15.94
N TYR B 174 -28.54 5.16 16.45
CA TYR B 174 -28.53 3.74 16.10
C TYR B 174 -28.33 2.85 17.32
N SER B 175 -28.95 1.68 17.29
CA SER B 175 -28.81 0.71 18.37
C SER B 175 -28.38 -0.65 17.81
N ILE B 176 -27.24 -1.14 18.29
CA ILE B 176 -26.72 -2.45 17.90
C ILE B 176 -26.42 -3.27 19.15
N ARG B 177 -26.27 -4.58 18.98
CA ARG B 177 -25.80 -5.44 20.06
C ARG B 177 -24.43 -4.97 20.57
N PHE B 178 -24.37 -4.72 21.88
CA PHE B 178 -23.17 -4.26 22.58
C PHE B 178 -22.68 -2.88 22.12
N GLU B 179 -23.48 -2.18 21.32
CA GLU B 179 -23.13 -0.82 20.87
C GLU B 179 -24.35 0.07 20.76
N ASN B 180 -24.32 1.23 21.41
CA ASN B 180 -25.46 2.13 21.39
C ASN B 180 -25.07 3.56 21.05
N LYS B 181 -25.58 4.07 19.93
CA LYS B 181 -25.57 5.51 19.70
C LYS B 181 -27.03 5.95 19.70
N THR B 182 -27.47 6.44 20.85
CA THR B 182 -28.82 6.96 21.05
C THR B 182 -28.77 7.81 22.29
N SER B 183 -29.78 8.63 22.49
CA SER B 183 -29.88 9.41 23.70
C SER B 183 -31.33 9.78 23.96
N ASN B 184 -31.54 10.55 25.02
CA ASN B 184 -32.85 11.08 25.35
C ASN B 184 -33.44 11.97 24.25
N LYS B 185 -32.59 12.42 23.32
CA LYS B 185 -33.01 13.31 22.23
C LYS B 185 -33.66 12.59 21.03
N THR B 186 -33.41 11.29 20.89
CA THR B 186 -33.72 10.55 19.66
C THR B 186 -35.19 10.46 19.28
N ILE B 187 -35.47 10.81 18.03
CA ILE B 187 -36.79 10.66 17.43
C ILE B 187 -36.78 9.42 16.55
N LEU B 188 -35.96 9.46 15.50
CA LEU B 188 -35.84 8.36 14.55
C LEU B 188 -34.68 7.47 14.95
N LYS B 189 -34.97 6.21 15.25
CA LYS B 189 -33.95 5.27 15.71
C LYS B 189 -33.80 4.08 14.77
N TYR B 190 -32.64 3.98 14.13
CA TYR B 190 -32.32 2.81 13.31
C TYR B 190 -31.67 1.76 14.20
N MET B 191 -32.09 0.51 14.04
CA MET B 191 -31.61 -0.56 14.90
C MET B 191 -31.60 -1.88 14.15
N THR B 192 -30.91 -2.86 14.72
CA THR B 192 -31.00 -4.21 14.19
C THR B 192 -32.31 -4.83 14.66
N ASP B 193 -32.91 -5.69 13.83
CA ASP B 193 -34.18 -6.32 14.18
C ASP B 193 -34.05 -7.11 15.49
N GLY B 194 -32.82 -7.50 15.83
CA GLY B 194 -32.57 -8.21 17.07
C GLY B 194 -32.70 -7.32 18.28
N MET B 195 -32.20 -6.10 18.18
CA MET B 195 -32.23 -5.17 19.29
C MET B 195 -33.65 -4.69 19.57
N LEU B 196 -34.46 -4.59 18.51
CA LEU B 196 -35.87 -4.26 18.71
C LEU B 196 -36.60 -5.44 19.34
N LEU B 197 -36.19 -6.65 18.99
CA LEU B 197 -36.78 -7.84 19.59
C LEU B 197 -36.44 -7.90 21.08
N ARG B 198 -35.24 -7.45 21.43
CA ARG B 198 -34.80 -7.42 22.82
C ARG B 198 -35.53 -6.34 23.62
N GLU B 199 -35.80 -5.22 22.98
CA GLU B 199 -36.61 -4.18 23.60
C GLU B 199 -38.01 -4.71 23.86
N ALA B 200 -38.47 -5.61 23.02
CA ALA B 200 -39.81 -6.16 23.14
C ALA B 200 -39.92 -7.12 24.32
N MET B 201 -38.83 -7.82 24.61
CA MET B 201 -38.80 -8.78 25.70
C MET B 201 -38.98 -8.08 27.06
N GLU B 202 -38.45 -6.86 27.18
CA GLU B 202 -38.63 -6.05 28.38
C GLU B 202 -39.99 -5.36 28.41
N ASP B 203 -40.42 -4.87 27.25
CA ASP B 203 -41.72 -4.22 27.10
C ASP B 203 -42.49 -4.86 25.94
N HIS B 204 -43.56 -5.59 26.25
CA HIS B 204 -44.23 -6.42 25.25
C HIS B 204 -45.05 -5.63 24.25
N ASP B 205 -45.52 -4.45 24.65
CA ASP B 205 -46.35 -3.64 23.76
C ASP B 205 -45.50 -2.66 22.95
N LEU B 206 -44.21 -2.59 23.26
CA LEU B 206 -43.32 -1.63 22.61
C LEU B 206 -43.95 -0.24 22.64
N SER B 207 -44.39 0.15 23.83
CA SER B 207 -45.18 1.36 24.02
C SER B 207 -44.39 2.63 23.67
N ARG B 208 -43.09 2.47 23.45
CA ARG B 208 -42.21 3.60 23.22
C ARG B 208 -42.25 4.14 21.78
N TYR B 209 -42.87 3.39 20.87
CA TYR B 209 -42.89 3.71 19.44
C TYR B 209 -44.29 3.89 18.86
N SER B 210 -44.56 5.07 18.29
CA SER B 210 -45.82 5.31 17.61
C SER B 210 -45.80 4.73 16.20
N CYS B 211 -44.61 4.48 15.68
CA CYS B 211 -44.45 3.81 14.39
C CYS B 211 -43.27 2.84 14.36
N ILE B 212 -43.47 1.68 13.75
CA ILE B 212 -42.43 0.67 13.61
C ILE B 212 -42.31 0.23 12.15
N ILE B 213 -41.13 0.42 11.60
CA ILE B 213 -40.86 0.11 10.20
C ILE B 213 -39.92 -1.08 10.09
N LEU B 214 -40.45 -2.21 9.61
CA LEU B 214 -39.61 -3.39 9.40
C LEU B 214 -39.08 -3.37 7.97
N ASP B 215 -37.78 -3.17 7.86
CA ASP B 215 -37.11 -2.93 6.60
C ASP B 215 -36.36 -4.17 6.12
N GLU B 216 -36.24 -4.30 4.80
CA GLU B 216 -35.49 -5.40 4.19
C GLU B 216 -36.07 -6.73 4.59
N ALA B 217 -37.40 -6.79 4.55
CA ALA B 217 -38.12 -7.97 4.99
C ALA B 217 -37.84 -9.17 4.09
N HIS B 218 -37.49 -8.92 2.84
CA HIS B 218 -37.25 -10.00 1.88
C HIS B 218 -36.17 -10.97 2.33
N GLU B 219 -35.23 -10.49 3.15
CA GLU B 219 -34.17 -11.37 3.68
C GLU B 219 -34.75 -12.40 4.62
N ARG B 220 -35.88 -12.07 5.24
CA ARG B 220 -36.60 -13.00 6.10
C ARG B 220 -35.71 -13.60 7.17
N THR B 221 -35.07 -12.73 7.95
CA THR B 221 -34.23 -13.18 9.05
C THR B 221 -35.08 -13.66 10.21
N LEU B 222 -34.47 -14.48 11.05
CA LEU B 222 -35.15 -15.11 12.18
C LEU B 222 -35.83 -14.09 13.09
N ALA B 223 -35.10 -13.03 13.41
CA ALA B 223 -35.61 -11.99 14.31
C ALA B 223 -36.74 -11.20 13.67
N THR B 224 -36.63 -10.93 12.37
CA THR B 224 -37.67 -10.19 11.65
C THR B 224 -38.97 -10.98 11.62
N ASP B 225 -38.89 -12.28 11.38
CA ASP B 225 -40.07 -13.14 11.31
C ASP B 225 -40.81 -13.15 12.63
N ILE B 226 -40.05 -13.15 13.73
CA ILE B 226 -40.66 -13.13 15.05
C ILE B 226 -41.40 -11.82 15.24
N LEU B 227 -40.74 -10.72 14.92
CA LEU B 227 -41.33 -9.40 15.09
C LEU B 227 -42.62 -9.25 14.29
N MET B 228 -42.65 -9.80 13.09
CA MET B 228 -43.88 -9.77 12.30
C MET B 228 -45.02 -10.47 13.05
N GLY B 229 -44.71 -11.59 13.70
CA GLY B 229 -45.71 -12.32 14.46
C GLY B 229 -46.22 -11.50 15.63
N LEU B 230 -45.29 -10.87 16.35
CA LEU B 230 -45.61 -10.01 17.47
C LEU B 230 -46.51 -8.86 17.07
N LEU B 231 -45.99 -7.99 16.20
CA LEU B 231 -46.67 -6.77 15.84
C LEU B 231 -48.06 -7.06 15.27
N LYS B 232 -48.24 -8.24 14.70
CA LYS B 232 -49.54 -8.66 14.20
C LYS B 232 -50.55 -8.77 15.35
N GLN B 233 -50.02 -8.98 16.56
CA GLN B 233 -50.81 -9.00 17.80
C GLN B 233 -50.94 -7.62 18.44
N VAL B 234 -49.80 -6.98 18.67
CA VAL B 234 -49.72 -5.71 19.39
C VAL B 234 -50.66 -4.64 18.85
N VAL B 235 -50.86 -4.63 17.53
CA VAL B 235 -51.76 -3.67 16.89
C VAL B 235 -53.16 -3.67 17.52
N LYS B 236 -53.55 -4.83 18.04
CA LYS B 236 -54.86 -4.98 18.67
C LYS B 236 -54.93 -4.23 20.02
N ARG B 237 -53.88 -4.40 20.81
CA ARG B 237 -53.78 -3.73 22.11
C ARG B 237 -53.45 -2.25 21.94
N ARG B 238 -52.91 -1.91 20.76
CA ARG B 238 -52.45 -0.56 20.49
C ARG B 238 -53.00 -0.01 19.17
N PRO B 239 -54.15 0.66 19.23
CA PRO B 239 -54.63 1.32 17.99
C PRO B 239 -53.73 2.47 17.57
N ASP B 240 -52.88 2.93 18.47
CA ASP B 240 -52.02 4.09 18.23
C ASP B 240 -50.69 3.73 17.56
N LEU B 241 -50.47 2.45 17.31
CA LEU B 241 -49.23 1.99 16.69
C LEU B 241 -49.43 1.69 15.21
N LYS B 242 -48.48 2.12 14.39
CA LYS B 242 -48.49 1.88 12.94
C LYS B 242 -47.30 1.06 12.49
N ILE B 243 -47.56 0.13 11.58
CA ILE B 243 -46.55 -0.80 11.10
C ILE B 243 -46.33 -0.62 9.61
N ILE B 244 -45.06 -0.52 9.22
CA ILE B 244 -44.70 -0.48 7.81
C ILE B 244 -43.72 -1.60 7.50
N ILE B 245 -44.09 -2.44 6.54
CA ILE B 245 -43.23 -3.52 6.07
C ILE B 245 -42.61 -3.12 4.73
N MET B 246 -41.31 -2.93 4.72
CA MET B 246 -40.58 -2.55 3.50
C MET B 246 -39.79 -3.74 2.95
N SER B 247 -39.83 -3.89 1.62
CA SER B 247 -39.20 -5.02 0.95
C SER B 247 -38.65 -4.64 -0.41
N ALA B 248 -37.56 -5.29 -0.80
CA ALA B 248 -36.92 -5.01 -2.08
C ALA B 248 -37.53 -5.88 -3.16
N THR B 249 -38.31 -6.88 -2.74
CA THR B 249 -38.94 -7.79 -3.69
C THR B 249 -40.21 -7.13 -4.19
N LEU B 250 -40.31 -7.00 -5.50
CA LEU B 250 -41.38 -6.23 -6.11
C LEU B 250 -42.68 -7.03 -6.16
N ASP B 251 -42.58 -8.35 -6.11
CA ASP B 251 -43.76 -9.18 -5.89
C ASP B 251 -43.75 -9.78 -4.49
N ALA B 252 -44.49 -9.17 -3.56
CA ALA B 252 -44.72 -9.81 -2.29
C ALA B 252 -46.22 -9.79 -1.98
N GLU B 253 -46.90 -10.89 -2.26
CA GLU B 253 -48.32 -11.01 -1.95
C GLU B 253 -48.49 -11.50 -0.51
N LYS B 254 -47.58 -12.39 -0.11
CA LYS B 254 -47.63 -13.03 1.20
C LYS B 254 -47.60 -12.04 2.34
N PHE B 255 -46.83 -10.98 2.19
CA PHE B 255 -46.77 -9.97 3.24
C PHE B 255 -48.16 -9.35 3.38
N GLN B 256 -48.83 -9.11 2.25
CA GLN B 256 -50.16 -8.52 2.29
C GLN B 256 -51.14 -9.47 2.97
N ARG B 257 -51.13 -10.72 2.51
CA ARG B 257 -52.02 -11.75 3.04
C ARG B 257 -51.76 -12.04 4.52
N TYR B 258 -50.50 -12.27 4.87
CA TYR B 258 -50.12 -12.59 6.25
C TYR B 258 -50.60 -11.50 7.21
N PHE B 259 -50.61 -10.26 6.72
CA PHE B 259 -51.01 -9.11 7.52
C PHE B 259 -52.49 -8.78 7.31
N ASN B 260 -53.23 -9.74 6.74
CA ASN B 260 -54.68 -9.60 6.52
C ASN B 260 -55.07 -8.58 5.46
N ASP B 261 -54.48 -8.73 4.28
CA ASP B 261 -54.83 -7.95 3.10
C ASP B 261 -54.51 -6.48 3.30
N ALA B 262 -53.33 -6.21 3.85
CA ALA B 262 -52.86 -4.85 4.00
C ALA B 262 -52.64 -4.23 2.62
N PRO B 263 -52.70 -2.89 2.53
CA PRO B 263 -52.48 -2.25 1.22
C PRO B 263 -51.00 -2.23 0.86
N LEU B 264 -50.71 -2.27 -0.44
CA LEU B 264 -49.32 -2.27 -0.90
C LEU B 264 -49.03 -1.03 -1.75
N LEU B 265 -47.94 -0.35 -1.43
CA LEU B 265 -47.39 0.69 -2.29
C LEU B 265 -46.18 0.13 -2.98
N ALA B 266 -46.18 0.19 -4.31
CA ALA B 266 -45.07 -0.31 -5.11
C ALA B 266 -44.40 0.85 -5.84
N VAL B 267 -43.06 0.85 -5.80
CA VAL B 267 -42.27 1.85 -6.51
C VAL B 267 -41.68 1.25 -7.80
N PRO B 268 -41.98 1.86 -8.95
CA PRO B 268 -41.47 1.28 -10.20
C PRO B 268 -39.95 1.38 -10.30
N GLY B 269 -39.32 0.38 -10.89
CA GLY B 269 -37.88 0.32 -11.03
C GLY B 269 -37.28 1.35 -11.96
N ARG B 270 -36.32 2.13 -11.47
CA ARG B 270 -35.62 3.10 -12.30
C ARG B 270 -34.24 2.63 -12.75
N THR B 271 -33.88 1.40 -12.40
CA THR B 271 -32.55 0.86 -12.68
C THR B 271 -32.24 0.73 -14.19
N TYR B 272 -31.02 1.10 -14.55
CA TYR B 272 -30.53 1.03 -15.94
C TYR B 272 -30.17 -0.40 -16.37
N PRO B 273 -30.01 -0.62 -17.69
CA PRO B 273 -29.62 -1.95 -18.16
C PRO B 273 -28.22 -2.36 -17.73
N VAL B 274 -28.05 -3.63 -17.36
CA VAL B 274 -26.74 -4.15 -16.95
C VAL B 274 -26.33 -5.32 -17.83
N GLU B 275 -25.20 -5.20 -18.51
CA GLU B 275 -24.71 -6.26 -19.39
C GLU B 275 -24.10 -7.39 -18.58
N LEU B 276 -24.63 -8.59 -18.77
CA LEU B 276 -24.15 -9.77 -18.04
C LEU B 276 -23.01 -10.46 -18.77
N TYR B 277 -21.98 -10.84 -18.03
CA TYR B 277 -20.84 -11.58 -18.54
C TYR B 277 -20.61 -12.85 -17.74
N TYR B 278 -20.46 -13.96 -18.45
CA TYR B 278 -20.22 -15.26 -17.83
C TYR B 278 -18.84 -15.76 -18.22
N THR B 279 -18.45 -16.90 -17.65
CA THR B 279 -17.19 -17.53 -17.98
C THR B 279 -17.43 -18.74 -18.87
N PRO B 280 -16.46 -19.08 -19.73
CA PRO B 280 -16.67 -20.23 -20.61
C PRO B 280 -16.72 -21.55 -19.86
N GLU B 281 -16.05 -21.64 -18.72
CA GLU B 281 -16.03 -22.88 -17.95
C GLU B 281 -15.98 -22.62 -16.44
N PHE B 282 -16.24 -23.68 -15.69
CA PHE B 282 -16.23 -23.66 -14.23
C PHE B 282 -14.91 -23.09 -13.66
N GLN B 283 -15.02 -22.21 -12.67
CA GLN B 283 -13.85 -21.66 -11.99
C GLN B 283 -13.65 -22.37 -10.65
N ARG B 284 -12.57 -23.12 -10.52
CA ARG B 284 -12.35 -23.89 -9.29
C ARG B 284 -11.93 -22.99 -8.13
N ASP B 285 -11.10 -21.99 -8.42
CA ASP B 285 -10.70 -21.02 -7.41
C ASP B 285 -11.21 -19.63 -7.75
N TYR B 286 -12.22 -19.16 -7.01
CA TYR B 286 -12.91 -17.93 -7.38
C TYR B 286 -12.20 -16.68 -6.90
N LEU B 287 -11.37 -16.80 -5.87
CA LEU B 287 -10.72 -15.62 -5.31
C LEU B 287 -9.73 -15.02 -6.30
N ASP B 288 -8.86 -15.84 -6.86
CA ASP B 288 -7.90 -15.36 -7.85
C ASP B 288 -8.59 -14.93 -9.14
N SER B 289 -9.68 -15.61 -9.47
CA SER B 289 -10.48 -15.25 -10.64
C SER B 289 -11.08 -13.85 -10.50
N ALA B 290 -11.50 -13.53 -9.28
CA ALA B 290 -12.12 -12.23 -8.99
C ALA B 290 -11.06 -11.13 -8.98
N ILE B 291 -9.89 -11.45 -8.42
CA ILE B 291 -8.80 -10.48 -8.34
C ILE B 291 -8.36 -9.97 -9.71
N ARG B 292 -8.17 -10.87 -10.67
CA ARG B 292 -7.76 -10.44 -11.99
C ARG B 292 -8.90 -9.72 -12.71
N THR B 293 -10.13 -10.15 -12.47
CA THR B 293 -11.29 -9.48 -13.08
C THR B 293 -11.34 -8.01 -12.69
N VAL B 294 -11.13 -7.71 -11.41
CA VAL B 294 -11.09 -6.32 -10.96
C VAL B 294 -10.00 -5.58 -11.70
N LEU B 295 -8.78 -6.14 -11.68
CA LEU B 295 -7.64 -5.52 -12.33
C LEU B 295 -7.85 -5.41 -13.84
N GLN B 296 -8.50 -6.41 -14.42
CA GLN B 296 -8.83 -6.38 -15.84
C GLN B 296 -9.69 -5.17 -16.15
N ILE B 297 -10.74 -4.99 -15.35
CA ILE B 297 -11.66 -3.88 -15.53
C ILE B 297 -10.92 -2.55 -15.40
N HIS B 298 -10.13 -2.42 -14.34
CA HIS B 298 -9.47 -1.15 -14.05
C HIS B 298 -8.63 -0.64 -15.22
N ALA B 299 -7.98 -1.57 -15.92
CA ALA B 299 -7.17 -1.21 -17.09
C ALA B 299 -8.02 -0.99 -18.35
N THR B 300 -8.91 -1.93 -18.64
CA THR B 300 -9.56 -1.99 -19.95
C THR B 300 -10.89 -1.23 -20.06
N GLU B 301 -11.44 -0.79 -18.94
CA GLU B 301 -12.80 -0.27 -18.94
C GLU B 301 -12.82 1.21 -18.60
N GLU B 302 -13.87 1.89 -19.06
CA GLU B 302 -14.02 3.31 -18.85
C GLU B 302 -14.38 3.64 -17.40
N ALA B 303 -14.45 4.93 -17.11
CA ALA B 303 -14.55 5.45 -15.75
C ALA B 303 -15.75 4.86 -15.00
N GLY B 304 -15.60 4.80 -13.67
CA GLY B 304 -16.63 4.30 -12.77
C GLY B 304 -16.18 3.15 -11.92
N ASP B 305 -16.86 2.99 -10.79
CA ASP B 305 -16.38 2.17 -9.68
C ASP B 305 -16.85 0.74 -9.69
N ILE B 306 -15.99 -0.14 -9.16
CA ILE B 306 -16.22 -1.57 -9.12
C ILE B 306 -16.72 -2.03 -7.76
N LEU B 307 -17.68 -2.94 -7.77
CA LEU B 307 -18.16 -3.60 -6.55
C LEU B 307 -17.88 -5.10 -6.62
N LEU B 308 -17.09 -5.60 -5.67
CA LEU B 308 -16.76 -7.02 -5.59
C LEU B 308 -17.41 -7.67 -4.38
N PHE B 309 -18.14 -8.76 -4.63
CA PHE B 309 -18.81 -9.50 -3.56
C PHE B 309 -17.99 -10.69 -3.09
N LEU B 310 -17.53 -10.66 -1.84
CA LEU B 310 -16.87 -11.80 -1.24
C LEU B 310 -17.57 -12.17 0.07
N THR B 311 -17.13 -13.26 0.70
CA THR B 311 -17.91 -13.88 1.75
C THR B 311 -17.51 -13.63 3.22
N GLY B 312 -16.41 -12.93 3.47
CA GLY B 312 -15.95 -12.82 4.85
C GLY B 312 -14.70 -12.01 5.10
N GLU B 313 -14.39 -11.81 6.38
CA GLU B 313 -13.34 -10.89 6.81
C GLU B 313 -11.96 -11.20 6.23
N ASP B 314 -11.42 -12.35 6.59
CA ASP B 314 -10.08 -12.73 6.16
C ASP B 314 -9.94 -12.75 4.64
N GLU B 315 -10.92 -13.35 3.98
CA GLU B 315 -10.94 -13.41 2.52
C GLU B 315 -10.96 -12.01 1.93
N ILE B 316 -11.75 -11.13 2.54
CA ILE B 316 -11.89 -9.77 2.04
C ILE B 316 -10.63 -8.94 2.31
N GLU B 317 -10.06 -9.09 3.49
CA GLU B 317 -8.84 -8.36 3.85
C GLU B 317 -7.66 -8.82 3.01
N ASP B 318 -7.65 -10.11 2.67
CA ASP B 318 -6.63 -10.66 1.81
C ASP B 318 -6.73 -10.10 0.39
N ALA B 319 -7.97 -9.88 -0.06
CA ALA B 319 -8.21 -9.35 -1.40
C ALA B 319 -7.87 -7.86 -1.48
N VAL B 320 -8.19 -7.13 -0.42
CA VAL B 320 -7.83 -5.71 -0.35
C VAL B 320 -6.32 -5.56 -0.46
N ARG B 321 -5.62 -6.42 0.27
CA ARG B 321 -4.17 -6.42 0.29
C ARG B 321 -3.59 -6.62 -1.11
N LYS B 322 -4.00 -7.71 -1.76
CA LYS B 322 -3.45 -8.06 -3.07
C LYS B 322 -3.80 -7.05 -4.15
N ILE B 323 -5.06 -6.60 -4.18
CA ILE B 323 -5.51 -5.68 -5.22
C ILE B 323 -4.91 -4.29 -5.05
N SER B 324 -4.72 -3.87 -3.80
CA SER B 324 -4.02 -2.63 -3.54
C SER B 324 -2.60 -2.70 -4.09
N LEU B 325 -1.97 -3.85 -3.91
CA LEU B 325 -0.59 -4.05 -4.33
C LEU B 325 -0.45 -4.03 -5.84
N GLU B 326 -1.17 -4.94 -6.48
CA GLU B 326 -1.14 -5.04 -7.93
C GLU B 326 -1.67 -3.76 -8.57
N GLY B 327 -2.60 -3.11 -7.88
CA GLY B 327 -3.12 -1.84 -8.35
C GLY B 327 -2.04 -0.78 -8.40
N ASP B 328 -1.29 -0.66 -7.30
CA ASP B 328 -0.19 0.29 -7.22
C ASP B 328 0.91 -0.06 -8.22
N GLN B 329 1.10 -1.36 -8.45
CA GLN B 329 2.05 -1.83 -9.44
C GLN B 329 1.70 -1.34 -10.83
N LEU B 330 0.43 -1.46 -11.20
CA LEU B 330 -0.03 -1.07 -12.53
C LEU B 330 0.16 0.43 -12.78
N VAL B 331 -0.06 1.24 -11.75
CA VAL B 331 0.15 2.67 -11.87
C VAL B 331 1.61 2.98 -12.20
N ARG B 332 2.53 2.43 -11.42
CA ARG B 332 3.94 2.67 -11.64
C ARG B 332 4.44 2.01 -12.92
N GLU B 333 4.19 0.71 -13.05
CA GLU B 333 4.68 -0.05 -14.20
C GLU B 333 3.99 0.34 -15.52
N GLU B 334 2.67 0.18 -15.55
CA GLU B 334 1.90 0.33 -16.79
C GLU B 334 1.22 1.68 -16.93
N GLY B 335 1.35 2.55 -15.92
CA GLY B 335 0.79 3.88 -16.00
C GLY B 335 -0.73 3.96 -15.90
N CYS B 336 -1.34 2.96 -15.29
CA CYS B 336 -2.79 2.97 -15.08
C CYS B 336 -3.19 4.08 -14.10
N GLY B 337 -4.46 4.45 -14.13
CA GLY B 337 -4.97 5.42 -13.18
C GLY B 337 -4.93 4.83 -11.78
N PRO B 338 -4.98 5.70 -10.76
CA PRO B 338 -4.92 5.23 -9.37
C PRO B 338 -6.14 4.39 -9.02
N LEU B 339 -5.96 3.46 -8.09
CA LEU B 339 -7.02 2.56 -7.66
C LEU B 339 -7.12 2.60 -6.14
N SER B 340 -8.30 2.91 -5.61
CA SER B 340 -8.54 2.86 -4.18
C SER B 340 -9.36 1.62 -3.85
N VAL B 341 -9.07 1.01 -2.70
CA VAL B 341 -9.69 -0.25 -2.32
C VAL B 341 -10.18 -0.22 -0.87
N TYR B 342 -11.46 -0.47 -0.67
CA TYR B 342 -12.04 -0.47 0.68
C TYR B 342 -12.76 -1.77 1.03
N PRO B 343 -12.55 -2.29 2.26
CA PRO B 343 -13.32 -3.45 2.73
C PRO B 343 -14.68 -3.06 3.27
N LEU B 344 -15.64 -3.98 3.19
CA LEU B 344 -16.88 -3.85 3.94
C LEU B 344 -17.32 -5.22 4.44
N TYR B 345 -17.51 -5.31 5.75
CA TYR B 345 -18.09 -6.51 6.35
C TYR B 345 -18.69 -6.17 7.69
N GLY B 346 -19.49 -7.10 8.21
CA GLY B 346 -20.37 -6.82 9.35
C GLY B 346 -19.73 -6.24 10.58
N SER B 347 -18.53 -6.70 10.91
CA SER B 347 -17.91 -6.38 12.20
C SER B 347 -17.06 -5.12 12.17
N LEU B 348 -17.04 -4.43 11.04
CA LEU B 348 -16.19 -3.27 10.84
C LEU B 348 -16.66 -2.03 11.61
N PRO B 349 -15.71 -1.22 12.13
CA PRO B 349 -16.06 0.05 12.79
C PRO B 349 -16.76 1.05 11.88
N PRO B 350 -17.52 1.97 12.47
CA PRO B 350 -18.34 2.89 11.67
C PRO B 350 -17.53 3.84 10.79
N HIS B 351 -16.42 4.39 11.32
CA HIS B 351 -15.64 5.35 10.55
C HIS B 351 -14.91 4.63 9.40
N GLN B 352 -14.74 3.32 9.55
CA GLN B 352 -14.24 2.48 8.45
C GLN B 352 -15.36 2.14 7.46
N GLN B 353 -16.59 2.01 7.96
CA GLN B 353 -17.75 1.76 7.10
C GLN B 353 -17.90 2.88 6.09
N GLN B 354 -17.84 4.13 6.56
CA GLN B 354 -18.15 5.29 5.73
C GLN B 354 -17.07 5.57 4.67
N ARG B 355 -15.96 4.84 4.73
CA ARG B 355 -14.88 5.06 3.78
C ARG B 355 -15.28 4.64 2.38
N ILE B 356 -16.26 3.75 2.27
CA ILE B 356 -16.66 3.21 0.98
C ILE B 356 -17.32 4.29 0.10
N PHE B 357 -17.85 5.33 0.74
CA PHE B 357 -18.56 6.39 0.03
C PHE B 357 -17.61 7.50 -0.43
N GLU B 358 -16.34 7.38 -0.09
CA GLU B 358 -15.33 8.33 -0.54
C GLU B 358 -15.21 8.29 -2.05
N PRO B 359 -14.98 9.45 -2.70
CA PRO B 359 -14.88 9.46 -4.16
C PRO B 359 -13.63 8.77 -4.67
N ALA B 360 -13.65 8.29 -5.90
CA ALA B 360 -12.48 7.67 -6.48
C ALA B 360 -11.39 8.73 -6.64
N PRO B 361 -10.11 8.33 -6.45
CA PRO B 361 -9.01 9.29 -6.53
C PRO B 361 -8.81 9.84 -7.93
N GLU B 362 -8.43 11.11 -8.05
CA GLU B 362 -8.26 11.73 -9.35
C GLU B 362 -6.92 11.36 -9.99
N SER B 363 -7.00 10.90 -11.24
CA SER B 363 -5.82 10.49 -11.99
C SER B 363 -5.13 11.72 -12.56
N HIS B 364 -3.80 11.72 -12.56
CA HIS B 364 -3.08 12.82 -13.16
C HIS B 364 -2.66 12.58 -14.62
N ASN B 365 -2.81 11.36 -15.13
CA ASN B 365 -2.55 11.15 -16.55
C ASN B 365 -3.53 10.26 -17.32
N GLY B 366 -4.49 10.88 -18.01
CA GLY B 366 -5.17 10.27 -19.14
C GLY B 366 -5.99 9.01 -18.93
N ARG B 367 -5.76 8.33 -17.82
CA ARG B 367 -6.42 7.07 -17.52
C ARG B 367 -7.25 7.18 -16.26
N PRO B 368 -8.52 6.75 -16.32
CA PRO B 368 -9.46 7.09 -15.25
C PRO B 368 -9.06 6.52 -13.89
N GLY B 369 -9.14 7.34 -12.85
CA GLY B 369 -8.96 6.85 -11.49
C GLY B 369 -10.21 6.12 -11.06
N ARG B 370 -10.07 5.18 -10.13
CA ARG B 370 -11.20 4.32 -9.78
C ARG B 370 -11.21 3.89 -8.32
N LYS B 371 -12.36 3.41 -7.87
CA LYS B 371 -12.56 2.90 -6.52
C LYS B 371 -13.07 1.47 -6.58
N VAL B 372 -12.53 0.61 -5.73
CA VAL B 372 -13.02 -0.76 -5.60
C VAL B 372 -13.53 -1.01 -4.18
N VAL B 373 -14.79 -1.41 -4.07
CA VAL B 373 -15.38 -1.77 -2.79
C VAL B 373 -15.53 -3.28 -2.73
N ILE B 374 -14.76 -3.91 -1.85
CA ILE B 374 -14.85 -5.36 -1.66
C ILE B 374 -15.72 -5.62 -0.43
N SER B 375 -16.91 -6.18 -0.67
CA SER B 375 -17.96 -6.25 0.34
C SER B 375 -18.67 -7.59 0.41
N THR B 376 -19.35 -7.82 1.53
CA THR B 376 -20.23 -8.96 1.73
C THR B 376 -21.64 -8.62 1.25
N ASN B 377 -22.61 -9.45 1.64
CA ASN B 377 -24.00 -9.29 1.23
C ASN B 377 -24.59 -7.94 1.58
N ILE B 378 -23.90 -7.16 2.40
CA ILE B 378 -24.37 -5.84 2.77
C ILE B 378 -24.69 -5.00 1.53
N ALA B 379 -23.88 -5.16 0.49
CA ALA B 379 -24.01 -4.34 -0.72
C ALA B 379 -24.98 -4.93 -1.75
N GLU B 380 -25.60 -6.05 -1.41
CA GLU B 380 -26.55 -6.72 -2.29
C GLU B 380 -27.88 -5.96 -2.35
N THR B 381 -28.49 -5.78 -1.18
CA THR B 381 -29.72 -4.99 -1.00
C THR B 381 -29.60 -3.84 0.01
N SER B 382 -29.03 -4.11 1.18
CA SER B 382 -29.18 -3.24 2.36
C SER B 382 -28.74 -1.79 2.18
N LEU B 383 -27.70 -1.55 1.37
CA LEU B 383 -27.25 -0.17 1.13
C LEU B 383 -26.77 0.02 -0.31
N THR B 384 -26.60 1.28 -0.70
CA THR B 384 -26.16 1.63 -2.04
C THR B 384 -24.95 2.56 -2.01
N ILE B 385 -24.01 2.32 -2.92
CA ILE B 385 -22.82 3.16 -3.05
C ILE B 385 -22.86 3.88 -4.38
N ASP B 386 -22.92 5.21 -4.34
CA ASP B 386 -23.02 5.99 -5.56
C ASP B 386 -21.75 5.88 -6.41
N GLY B 387 -21.95 5.64 -7.70
CA GLY B 387 -20.85 5.60 -8.65
C GLY B 387 -20.46 4.21 -9.13
N ILE B 388 -21.19 3.19 -8.71
CA ILE B 388 -20.86 1.84 -9.12
C ILE B 388 -21.38 1.59 -10.52
N VAL B 389 -20.46 1.40 -11.46
CA VAL B 389 -20.81 0.98 -12.82
C VAL B 389 -20.49 -0.50 -13.07
N TYR B 390 -19.79 -1.15 -12.14
CA TYR B 390 -19.26 -2.49 -12.38
C TYR B 390 -19.38 -3.40 -11.17
N VAL B 391 -19.91 -4.60 -11.39
CA VAL B 391 -20.03 -5.60 -10.35
C VAL B 391 -19.27 -6.88 -10.72
N VAL B 392 -18.58 -7.44 -9.74
CA VAL B 392 -17.92 -8.74 -9.89
C VAL B 392 -18.57 -9.71 -8.91
N ASP B 393 -19.12 -10.80 -9.44
CA ASP B 393 -19.94 -11.72 -8.67
C ASP B 393 -19.41 -13.15 -8.70
N PRO B 394 -18.54 -13.51 -7.73
CA PRO B 394 -18.08 -14.90 -7.58
C PRO B 394 -19.23 -15.87 -7.31
N GLY B 395 -20.36 -15.35 -6.86
CA GLY B 395 -21.55 -16.16 -6.65
C GLY B 395 -21.49 -16.97 -5.37
N PHE B 396 -20.89 -16.40 -4.33
CA PHE B 396 -20.79 -17.06 -3.04
C PHE B 396 -21.14 -16.13 -1.90
N SER B 397 -21.66 -16.71 -0.83
CA SER B 397 -21.98 -15.97 0.38
C SER B 397 -21.82 -16.90 1.57
N LYS B 398 -21.65 -16.33 2.76
CA LYS B 398 -21.59 -17.12 3.98
C LYS B 398 -23.01 -17.29 4.53
N GLN B 399 -23.48 -18.54 4.56
CA GLN B 399 -24.86 -18.84 4.89
C GLN B 399 -24.97 -19.83 6.05
N LYS B 400 -26.08 -19.76 6.77
CA LYS B 400 -26.37 -20.68 7.85
C LYS B 400 -27.18 -21.87 7.33
N VAL B 401 -26.67 -23.08 7.51
CA VAL B 401 -27.38 -24.30 7.08
C VAL B 401 -27.75 -25.20 8.26
N TYR B 402 -28.83 -25.96 8.10
CA TYR B 402 -29.31 -26.87 9.12
C TYR B 402 -29.63 -28.20 8.42
N ASN B 403 -29.15 -29.31 8.99
CA ASN B 403 -29.32 -30.61 8.35
C ASN B 403 -30.16 -31.57 9.20
N PRO B 404 -30.92 -32.47 8.55
CA PRO B 404 -32.13 -33.10 9.11
C PRO B 404 -31.99 -33.97 10.37
N ARG B 405 -31.03 -34.88 10.35
CA ARG B 405 -30.78 -35.79 11.47
C ARG B 405 -30.05 -35.13 12.63
N ILE B 406 -28.87 -34.63 12.30
CA ILE B 406 -27.88 -34.22 13.28
C ILE B 406 -28.36 -33.12 14.22
N ARG B 407 -29.40 -32.40 13.80
CA ARG B 407 -29.88 -31.20 14.50
C ARG B 407 -28.67 -30.31 14.82
N VAL B 408 -28.03 -29.84 13.76
CA VAL B 408 -26.88 -28.95 13.88
C VAL B 408 -26.95 -27.81 12.90
N GLU B 409 -26.62 -26.64 13.42
CA GLU B 409 -26.54 -25.43 12.66
C GLU B 409 -25.07 -25.23 12.30
N SER B 410 -24.79 -25.05 11.01
CA SER B 410 -23.43 -24.84 10.53
C SER B 410 -23.36 -23.60 9.67
N LEU B 411 -22.26 -22.86 9.82
CA LEU B 411 -22.04 -21.64 9.06
C LEU B 411 -21.03 -21.92 7.94
N LEU B 412 -21.47 -21.80 6.69
CA LEU B 412 -20.69 -22.25 5.53
C LEU B 412 -20.76 -21.33 4.32
N VAL B 413 -19.65 -21.21 3.61
CA VAL B 413 -19.65 -20.51 2.32
C VAL B 413 -20.30 -21.37 1.26
N SER B 414 -21.36 -20.85 0.65
CA SER B 414 -22.15 -21.62 -0.30
C SER B 414 -22.70 -20.76 -1.44
N PRO B 415 -23.01 -21.39 -2.59
CA PRO B 415 -23.58 -20.71 -3.76
C PRO B 415 -24.83 -19.87 -3.45
N ILE B 416 -24.90 -18.70 -4.07
CA ILE B 416 -26.05 -17.81 -3.90
C ILE B 416 -27.23 -18.25 -4.77
N SER B 417 -28.43 -17.85 -4.39
CA SER B 417 -29.63 -18.09 -5.21
C SER B 417 -29.63 -17.21 -6.47
N LYS B 418 -30.42 -17.60 -7.46
CA LYS B 418 -30.60 -16.79 -8.67
C LYS B 418 -31.07 -15.40 -8.28
N ALA B 419 -31.99 -15.36 -7.31
CA ALA B 419 -32.56 -14.10 -6.86
C ALA B 419 -31.49 -13.16 -6.33
N SER B 420 -30.54 -13.70 -5.57
CA SER B 420 -29.44 -12.90 -5.05
C SER B 420 -28.49 -12.49 -6.18
N ALA B 421 -28.26 -13.40 -7.12
CA ALA B 421 -27.38 -13.12 -8.26
C ALA B 421 -27.93 -11.95 -9.06
N GLN B 422 -29.25 -11.88 -9.17
CA GLN B 422 -29.90 -10.79 -9.88
C GLN B 422 -29.71 -9.45 -9.16
N GLN B 423 -29.91 -9.46 -7.85
CA GLN B 423 -29.80 -8.24 -7.05
C GLN B 423 -28.40 -7.66 -7.16
N ARG B 424 -27.40 -8.53 -7.13
CA ARG B 424 -26.01 -8.11 -7.24
C ARG B 424 -25.77 -7.41 -8.57
N ALA B 425 -26.33 -7.97 -9.64
CA ALA B 425 -26.16 -7.40 -10.98
C ALA B 425 -26.83 -6.04 -11.07
N GLY B 426 -27.93 -5.87 -10.35
CA GLY B 426 -28.68 -4.63 -10.39
C GLY B 426 -27.91 -3.45 -9.85
N ARG B 427 -26.87 -3.72 -9.07
CA ARG B 427 -26.15 -2.64 -8.41
C ARG B 427 -25.28 -1.87 -9.40
N ALA B 428 -25.03 -2.47 -10.56
CA ALA B 428 -24.24 -1.82 -11.61
C ALA B 428 -25.10 -0.87 -12.45
N GLY B 429 -26.42 -1.02 -12.34
CA GLY B 429 -27.35 -0.29 -13.18
C GLY B 429 -27.97 0.89 -12.48
N ARG B 430 -27.30 1.40 -11.45
CA ARG B 430 -27.84 2.49 -10.64
C ARG B 430 -27.70 3.86 -11.30
N THR B 431 -26.45 4.30 -11.49
CA THR B 431 -26.19 5.64 -11.98
C THR B 431 -26.29 5.71 -13.51
N ARG B 432 -25.95 4.62 -14.18
CA ARG B 432 -25.98 4.60 -15.63
C ARG B 432 -25.84 3.14 -16.09
N PRO B 433 -25.90 2.88 -17.42
CA PRO B 433 -25.73 1.50 -17.89
C PRO B 433 -24.39 0.90 -17.46
N GLY B 434 -24.40 -0.39 -17.15
CA GLY B 434 -23.24 -1.02 -16.53
C GLY B 434 -23.07 -2.49 -16.86
N LYS B 435 -22.05 -3.07 -16.26
CA LYS B 435 -21.69 -4.46 -16.49
C LYS B 435 -21.59 -5.24 -15.18
N CYS B 436 -21.94 -6.52 -15.25
CA CYS B 436 -21.74 -7.45 -14.16
C CYS B 436 -21.01 -8.69 -14.65
N PHE B 437 -19.81 -8.93 -14.13
CA PHE B 437 -19.03 -10.09 -14.52
C PHE B 437 -19.27 -11.23 -13.54
N ARG B 438 -19.94 -12.27 -14.00
CA ARG B 438 -20.22 -13.45 -13.19
C ARG B 438 -19.19 -14.53 -13.47
N LEU B 439 -18.64 -15.10 -12.40
CA LEU B 439 -17.53 -16.03 -12.49
C LEU B 439 -17.99 -17.48 -12.63
N TYR B 440 -19.28 -17.66 -12.86
CA TYR B 440 -19.82 -18.98 -13.19
C TYR B 440 -20.31 -18.96 -14.65
N THR B 441 -20.88 -20.08 -15.10
CA THR B 441 -21.31 -20.23 -16.49
C THR B 441 -22.80 -20.02 -16.64
N GLU B 442 -23.21 -19.48 -17.79
CA GLU B 442 -24.62 -19.21 -18.05
C GLU B 442 -25.49 -20.44 -17.78
N GLU B 443 -24.91 -21.63 -18.00
CA GLU B 443 -25.61 -22.87 -17.69
C GLU B 443 -25.79 -22.97 -16.18
N ALA B 444 -24.71 -22.72 -15.45
CA ALA B 444 -24.73 -22.81 -14.00
C ALA B 444 -25.76 -21.86 -13.39
N PHE B 445 -25.87 -20.67 -13.96
CA PHE B 445 -26.81 -19.70 -13.44
C PHE B 445 -28.24 -20.20 -13.61
N GLN B 446 -28.52 -20.83 -14.74
CA GLN B 446 -29.86 -21.35 -15.03
C GLN B 446 -30.13 -22.67 -14.32
N LYS B 447 -29.17 -23.60 -14.42
CA LYS B 447 -29.32 -24.97 -13.93
C LYS B 447 -28.99 -25.12 -12.45
N GLU B 448 -27.79 -24.67 -12.06
CA GLU B 448 -27.26 -24.93 -10.72
C GLU B 448 -27.91 -24.09 -9.61
N LEU B 449 -27.83 -22.77 -9.72
CA LEU B 449 -28.36 -21.89 -8.68
C LEU B 449 -29.84 -22.10 -8.43
N ILE B 450 -30.22 -22.06 -7.15
CA ILE B 450 -31.61 -22.20 -6.73
C ILE B 450 -32.33 -20.87 -6.91
N GLU B 451 -33.66 -20.88 -6.96
CA GLU B 451 -34.40 -19.65 -7.23
C GLU B 451 -34.20 -18.64 -6.09
N GLN B 452 -34.61 -19.02 -4.88
CA GLN B 452 -34.37 -18.19 -3.70
C GLN B 452 -34.04 -19.06 -2.49
N SER B 453 -33.38 -18.44 -1.52
CA SER B 453 -32.93 -19.13 -0.31
C SER B 453 -34.02 -19.27 0.73
N TYR B 454 -34.02 -20.39 1.45
CA TYR B 454 -35.03 -20.59 2.50
C TYR B 454 -34.92 -19.56 3.61
N PRO B 455 -36.07 -19.15 4.17
CA PRO B 455 -36.07 -18.25 5.34
C PRO B 455 -35.24 -18.79 6.49
N GLU B 456 -34.64 -17.90 7.27
CA GLU B 456 -33.73 -18.30 8.34
C GLU B 456 -34.41 -19.22 9.36
N ILE B 457 -35.71 -19.05 9.52
CA ILE B 457 -36.47 -19.84 10.50
C ILE B 457 -36.39 -21.34 10.23
N LEU B 458 -36.29 -21.73 8.97
CA LEU B 458 -36.15 -23.13 8.61
C LEU B 458 -34.70 -23.60 8.68
N ARG B 459 -33.77 -22.65 8.64
CA ARG B 459 -32.34 -22.94 8.66
C ARG B 459 -31.67 -22.80 10.03
N SER B 460 -32.46 -22.56 11.09
CA SER B 460 -31.90 -22.35 12.42
C SER B 460 -32.34 -23.39 13.42
N ASN B 461 -31.48 -23.62 14.42
CA ASN B 461 -31.93 -24.28 15.64
C ASN B 461 -32.58 -23.19 16.49
N LEU B 462 -33.72 -23.53 17.06
CA LEU B 462 -34.63 -22.53 17.62
C LEU B 462 -34.36 -22.29 19.10
N SER B 463 -33.25 -22.82 19.60
CA SER B 463 -32.87 -22.69 21.00
C SER B 463 -33.07 -21.27 21.55
N SER B 464 -32.31 -20.30 21.04
CA SER B 464 -32.46 -18.91 21.46
C SER B 464 -33.83 -18.35 21.12
N THR B 465 -34.38 -18.75 19.97
CA THR B 465 -35.69 -18.31 19.54
C THR B 465 -36.78 -18.67 20.55
N VAL B 466 -36.69 -19.87 21.11
CA VAL B 466 -37.66 -20.35 22.08
C VAL B 466 -37.57 -19.52 23.36
N LEU B 467 -36.34 -19.33 23.84
CA LEU B 467 -36.10 -18.56 25.04
C LEU B 467 -36.63 -17.13 24.89
N GLU B 468 -36.52 -16.61 23.67
CA GLU B 468 -37.00 -15.27 23.38
C GLU B 468 -38.52 -15.21 23.38
N LEU B 469 -39.16 -16.22 22.80
CA LEU B 469 -40.62 -16.26 22.74
C LEU B 469 -41.23 -16.36 24.15
N LYS B 470 -40.60 -17.12 25.02
CA LYS B 470 -41.07 -17.26 26.40
C LYS B 470 -40.96 -15.95 27.16
N LYS B 471 -39.86 -15.24 26.95
CA LYS B 471 -39.66 -13.95 27.60
C LYS B 471 -40.70 -12.94 27.13
N LEU B 472 -41.28 -13.18 25.95
CA LEU B 472 -42.28 -12.29 25.37
C LEU B 472 -43.70 -12.57 25.85
N GLY B 473 -43.89 -13.68 26.56
CA GLY B 473 -45.18 -14.02 27.13
C GLY B 473 -45.92 -15.08 26.34
N ILE B 474 -45.31 -15.56 25.25
CA ILE B 474 -45.90 -16.63 24.45
C ILE B 474 -45.83 -17.96 25.20
N ASP B 475 -46.96 -18.67 25.24
CA ASP B 475 -47.05 -19.96 25.91
C ASP B 475 -47.07 -21.09 24.89
N ASP B 476 -48.07 -21.08 24.02
CA ASP B 476 -48.16 -22.10 22.99
C ASP B 476 -47.22 -21.69 21.85
N LEU B 477 -46.18 -22.49 21.65
CA LEU B 477 -45.09 -22.15 20.73
C LEU B 477 -45.28 -22.67 19.31
N VAL B 478 -46.24 -23.56 19.12
CA VAL B 478 -46.52 -24.10 17.80
C VAL B 478 -47.52 -23.20 17.07
N HIS B 479 -48.65 -22.93 17.72
CA HIS B 479 -49.73 -22.17 17.11
C HIS B 479 -49.39 -20.68 17.02
N PHE B 480 -48.22 -20.30 17.54
CA PHE B 480 -47.68 -18.97 17.32
C PHE B 480 -47.58 -18.73 15.82
N ASP B 481 -47.89 -17.52 15.36
CA ASP B 481 -48.08 -17.33 13.94
C ASP B 481 -46.78 -16.91 13.26
N PHE B 482 -46.19 -17.84 12.55
CA PHE B 482 -44.99 -17.60 11.77
C PHE B 482 -45.44 -17.54 10.33
N MET B 483 -44.92 -16.58 9.58
CA MET B 483 -45.20 -16.53 8.16
C MET B 483 -44.78 -17.86 7.54
N ASP B 484 -43.70 -18.43 8.06
CA ASP B 484 -43.26 -19.75 7.65
C ASP B 484 -42.89 -20.60 8.87
N PRO B 485 -43.87 -21.34 9.43
CA PRO B 485 -43.64 -22.17 10.62
C PRO B 485 -42.47 -23.13 10.49
N PRO B 486 -41.64 -23.25 11.54
CA PRO B 486 -40.56 -24.23 11.52
C PRO B 486 -41.08 -25.64 11.78
N ALA B 487 -40.29 -26.65 11.46
CA ALA B 487 -40.68 -28.04 11.76
C ALA B 487 -41.02 -28.17 13.24
N PRO B 488 -42.20 -28.73 13.59
CA PRO B 488 -42.59 -28.74 15.00
C PRO B 488 -41.64 -29.57 15.85
N GLU B 489 -41.01 -30.55 15.22
CA GLU B 489 -40.03 -31.37 15.91
C GLU B 489 -38.85 -30.50 16.36
N THR B 490 -38.54 -29.47 15.58
CA THR B 490 -37.45 -28.55 15.92
C THR B 490 -37.75 -27.75 17.19
N MET B 491 -39.02 -27.39 17.37
CA MET B 491 -39.41 -26.65 18.56
C MET B 491 -39.27 -27.52 19.80
N MET B 492 -39.60 -28.80 19.66
CA MET B 492 -39.58 -29.69 20.80
C MET B 492 -38.13 -29.90 21.25
N ARG B 493 -37.22 -29.96 20.27
CA ARG B 493 -35.80 -30.08 20.57
C ARG B 493 -35.36 -28.90 21.42
N ALA B 494 -35.79 -27.71 21.02
CA ALA B 494 -35.42 -26.48 21.70
C ALA B 494 -35.89 -26.47 23.16
N LEU B 495 -37.08 -27.01 23.40
CA LEU B 495 -37.64 -27.08 24.75
C LEU B 495 -36.86 -28.05 25.63
N GLU B 496 -36.47 -29.19 25.07
CA GLU B 496 -35.63 -30.14 25.80
C GLU B 496 -34.31 -29.51 26.24
N GLU B 497 -33.57 -28.98 25.26
CA GLU B 497 -32.25 -28.42 25.53
C GLU B 497 -32.32 -27.35 26.63
N LEU B 498 -33.35 -26.52 26.56
CA LEU B 498 -33.54 -25.46 27.54
C LEU B 498 -33.98 -26.00 28.90
N ASN B 499 -34.63 -27.16 28.91
CA ASN B 499 -35.02 -27.79 30.17
C ASN B 499 -33.79 -28.33 30.87
N TYR B 500 -32.91 -28.99 30.12
CA TYR B 500 -31.67 -29.51 30.68
C TYR B 500 -30.79 -28.36 31.15
N LEU B 501 -30.78 -27.27 30.39
CA LEU B 501 -30.02 -26.08 30.75
C LEU B 501 -30.65 -25.33 31.92
N ALA B 502 -31.83 -25.80 32.35
CA ALA B 502 -32.54 -25.23 33.48
C ALA B 502 -32.99 -23.78 33.24
N CYS B 503 -33.14 -23.41 31.97
CA CYS B 503 -33.73 -22.12 31.63
C CYS B 503 -35.25 -22.21 31.66
N LEU B 504 -35.77 -23.42 31.52
CA LEU B 504 -37.20 -23.69 31.62
C LEU B 504 -37.41 -24.93 32.47
N ASP B 505 -38.55 -25.00 33.18
CA ASP B 505 -38.88 -26.20 33.93
C ASP B 505 -39.66 -27.15 33.03
N ASP B 506 -40.05 -28.29 33.58
CA ASP B 506 -40.76 -29.31 32.81
C ASP B 506 -42.15 -28.82 32.38
N GLU B 507 -42.63 -27.76 33.01
CA GLU B 507 -43.94 -27.19 32.67
C GLU B 507 -43.78 -26.12 31.59
N GLY B 508 -42.53 -25.80 31.24
CA GLY B 508 -42.26 -24.88 30.14
C GLY B 508 -42.09 -23.43 30.56
N ASN B 509 -42.22 -23.16 31.85
CA ASN B 509 -42.11 -21.80 32.38
C ASN B 509 -40.67 -21.37 32.63
N LEU B 510 -40.40 -20.09 32.43
CA LEU B 510 -39.07 -19.53 32.64
C LEU B 510 -38.67 -19.67 34.11
N THR B 511 -37.49 -20.26 34.34
CA THR B 511 -36.90 -20.33 35.68
C THR B 511 -36.15 -19.04 35.97
N PRO B 512 -35.80 -18.82 37.25
CA PRO B 512 -34.97 -17.65 37.58
C PRO B 512 -33.72 -17.56 36.72
N LEU B 513 -33.16 -18.71 36.36
CA LEU B 513 -32.05 -18.75 35.43
C LEU B 513 -32.45 -18.24 34.06
N GLY B 514 -33.55 -18.76 33.54
CA GLY B 514 -34.05 -18.38 32.23
C GLY B 514 -34.26 -16.88 32.09
N ARG B 515 -34.89 -16.29 33.10
CA ARG B 515 -35.14 -14.84 33.10
C ARG B 515 -33.84 -14.04 33.10
N LEU B 516 -32.88 -14.47 33.92
CA LEU B 516 -31.59 -13.80 34.01
C LEU B 516 -30.75 -14.03 32.77
N ALA B 517 -30.80 -15.25 32.24
CA ALA B 517 -30.05 -15.59 31.04
C ALA B 517 -30.55 -14.79 29.85
N SER B 518 -31.82 -14.45 29.85
CA SER B 518 -32.43 -13.75 28.72
C SER B 518 -32.02 -12.29 28.69
N GLN B 519 -31.45 -11.80 29.79
CA GLN B 519 -31.00 -10.41 29.88
C GLN B 519 -29.64 -10.24 29.22
N PHE B 520 -28.95 -11.34 28.97
CA PHE B 520 -27.69 -11.33 28.23
C PHE B 520 -27.96 -11.63 26.76
N PRO B 521 -27.32 -10.88 25.84
CA PRO B 521 -27.51 -11.18 24.41
C PRO B 521 -26.56 -12.28 23.95
N LEU B 522 -26.84 -13.52 24.37
CA LEU B 522 -26.01 -14.66 24.07
C LEU B 522 -26.80 -15.93 23.74
N ASP B 523 -26.13 -16.86 23.08
CA ASP B 523 -26.64 -18.22 22.95
C ASP B 523 -26.87 -18.75 24.36
N PRO B 524 -27.99 -19.46 24.58
CA PRO B 524 -28.31 -19.91 25.94
C PRO B 524 -27.18 -20.67 26.64
N MET B 525 -26.41 -21.45 25.88
CA MET B 525 -25.30 -22.21 26.45
C MET B 525 -24.24 -21.28 27.05
N LEU B 526 -23.96 -20.19 26.33
CA LEU B 526 -22.93 -19.24 26.74
C LEU B 526 -23.32 -18.45 27.98
N ALA B 527 -24.58 -18.06 28.07
CA ALA B 527 -25.08 -17.29 29.21
C ALA B 527 -25.11 -18.12 30.48
N VAL B 528 -25.62 -19.34 30.37
CA VAL B 528 -25.68 -20.25 31.51
C VAL B 528 -24.28 -20.49 32.07
N MET B 529 -23.34 -20.72 31.17
CA MET B 529 -21.95 -20.91 31.54
C MET B 529 -21.45 -19.72 32.37
N LEU B 530 -21.80 -18.53 31.90
CA LEU B 530 -21.34 -17.29 32.50
C LEU B 530 -21.98 -17.00 33.85
N ILE B 531 -23.26 -17.35 33.98
CA ILE B 531 -24.01 -17.02 35.18
C ILE B 531 -23.54 -17.86 36.38
N GLY B 532 -23.44 -19.17 36.19
CA GLY B 532 -23.03 -20.05 37.28
C GLY B 532 -21.53 -20.04 37.53
N SER B 533 -20.85 -19.12 36.85
CA SER B 533 -19.40 -19.09 36.89
C SER B 533 -18.86 -18.76 38.28
N PHE B 534 -19.51 -17.85 39.02
CA PHE B 534 -18.94 -17.43 40.31
C PHE B 534 -19.12 -18.55 41.34
N GLU B 535 -20.04 -19.47 41.09
CA GLU B 535 -20.20 -20.64 41.95
C GLU B 535 -19.01 -21.57 41.79
N PHE B 536 -18.37 -21.49 40.63
CA PHE B 536 -17.13 -22.22 40.36
C PHE B 536 -15.89 -21.36 40.62
N GLN B 537 -16.10 -20.12 41.04
CA GLN B 537 -15.00 -19.24 41.45
C GLN B 537 -14.03 -18.85 40.32
N CYS B 538 -14.33 -19.24 39.09
CA CYS B 538 -13.56 -18.81 37.90
C CYS B 538 -14.21 -17.72 37.03
N SER B 539 -15.29 -17.10 37.51
CA SER B 539 -16.06 -16.12 36.71
C SER B 539 -15.25 -15.08 35.94
N GLN B 540 -14.20 -14.54 36.55
CA GLN B 540 -13.38 -13.53 35.87
C GLN B 540 -12.78 -14.11 34.59
N GLU B 541 -12.33 -15.36 34.66
CA GLU B 541 -11.69 -16.02 33.54
C GLU B 541 -12.74 -16.48 32.51
N ILE B 542 -13.86 -16.99 32.99
CA ILE B 542 -14.93 -17.44 32.10
C ILE B 542 -15.50 -16.27 31.32
N LEU B 543 -15.69 -15.14 32.02
CA LEU B 543 -16.16 -13.91 31.39
C LEU B 543 -15.31 -13.56 30.19
N THR B 544 -14.00 -13.79 30.31
CA THR B 544 -13.08 -13.55 29.21
C THR B 544 -13.32 -14.55 28.09
N ILE B 545 -13.60 -15.80 28.44
CA ILE B 545 -13.76 -16.86 27.45
C ILE B 545 -15.07 -16.69 26.69
N VAL B 546 -16.12 -16.25 27.38
CA VAL B 546 -17.39 -15.96 26.74
C VAL B 546 -17.17 -14.87 25.70
N ALA B 547 -16.43 -13.84 26.09
CA ALA B 547 -16.12 -12.73 25.21
C ALA B 547 -15.27 -13.17 24.02
N MET B 548 -14.29 -14.03 24.29
CA MET B 548 -13.41 -14.53 23.24
C MET B 548 -14.15 -15.45 22.29
N LEU B 549 -15.17 -16.13 22.82
CA LEU B 549 -16.01 -17.01 22.01
C LEU B 549 -17.02 -16.21 21.19
N SER B 550 -17.25 -14.96 21.58
CA SER B 550 -18.21 -14.10 20.89
C SER B 550 -17.57 -13.41 19.70
N VAL B 551 -16.30 -13.74 19.42
CA VAL B 551 -15.55 -13.12 18.34
C VAL B 551 -14.86 -14.18 17.48
N PRO B 552 -14.42 -13.79 16.26
CA PRO B 552 -13.81 -14.74 15.32
C PRO B 552 -12.48 -15.27 15.81
N ASN B 553 -11.99 -16.32 15.15
CA ASN B 553 -10.68 -16.87 15.44
C ASN B 553 -9.66 -15.74 15.35
N VAL B 554 -8.90 -15.54 16.42
CA VAL B 554 -8.02 -14.40 16.56
C VAL B 554 -6.62 -14.66 16.00
N PHE B 555 -6.37 -15.90 15.58
CA PHE B 555 -5.04 -16.32 15.16
C PHE B 555 -4.81 -16.25 13.66
N ILE B 556 -3.66 -15.70 13.26
CA ILE B 556 -3.31 -15.55 11.85
C ILE B 556 -2.38 -16.69 11.42
N ARG B 557 -2.83 -17.49 10.45
CA ARG B 557 -2.06 -18.62 9.93
C ARG B 557 -2.11 -18.69 8.39
N PRO B 558 -1.33 -17.82 7.72
CA PRO B 558 -1.19 -17.84 6.26
C PRO B 558 -0.53 -19.13 5.75
N THR B 559 -0.94 -19.60 4.59
CA THR B 559 -0.45 -20.84 4.04
C THR B 559 1.07 -20.82 3.80
N LYS B 560 1.60 -19.65 3.49
CA LYS B 560 3.03 -19.54 3.22
C LYS B 560 3.84 -19.50 4.52
N ASP B 561 3.30 -18.81 5.52
CA ASP B 561 3.97 -18.67 6.81
C ASP B 561 3.25 -19.47 7.88
N LYS B 562 3.85 -20.59 8.31
CA LYS B 562 3.17 -21.53 9.20
C LYS B 562 4.00 -21.82 10.44
N LYS B 563 5.20 -22.33 10.21
CA LYS B 563 6.07 -22.82 11.27
C LYS B 563 6.21 -21.76 12.37
N ARG B 564 6.32 -20.51 11.96
CA ARG B 564 6.48 -19.40 12.89
C ARG B 564 5.25 -19.12 13.73
N ALA B 565 4.08 -19.11 13.10
CA ALA B 565 2.82 -18.85 13.78
C ALA B 565 2.52 -19.97 14.77
N ASP B 566 2.86 -21.20 14.38
CA ASP B 566 2.69 -22.35 15.25
C ASP B 566 3.41 -22.16 16.58
N ASP B 567 4.71 -21.86 16.48
CA ASP B 567 5.53 -21.63 17.67
C ASP B 567 5.06 -20.41 18.45
N ALA B 568 4.69 -19.35 17.72
CA ALA B 568 4.18 -18.14 18.35
C ALA B 568 2.90 -18.45 19.12
N LYS B 569 2.08 -19.33 18.57
CA LYS B 569 0.82 -19.71 19.18
C LYS B 569 1.01 -20.72 20.31
N ASN B 570 1.98 -21.63 20.13
CA ASN B 570 2.18 -22.72 21.09
C ASN B 570 2.55 -22.26 22.48
N ILE B 571 2.92 -20.99 22.63
CA ILE B 571 3.16 -20.42 23.96
C ILE B 571 1.85 -20.29 24.73
N PHE B 572 0.79 -19.84 24.05
CA PHE B 572 -0.51 -19.67 24.69
C PHE B 572 -1.22 -21.00 24.79
N ALA B 573 -0.82 -21.95 23.97
CA ALA B 573 -1.50 -23.23 23.91
C ALA B 573 -1.43 -23.91 25.26
N HIS B 574 -2.59 -24.29 25.75
CA HIS B 574 -2.72 -25.07 26.95
C HIS B 574 -3.13 -26.46 26.47
N PRO B 575 -2.33 -27.49 26.76
CA PRO B 575 -2.68 -28.83 26.27
C PRO B 575 -4.06 -29.19 26.76
N ASP B 576 -4.85 -29.87 25.93
CA ASP B 576 -6.28 -29.94 26.13
C ASP B 576 -6.74 -28.48 26.08
N GLY B 577 -7.66 -28.06 26.95
CA GLY B 577 -7.91 -26.65 27.20
C GLY B 577 -7.98 -25.57 26.11
N ASP B 578 -8.37 -25.89 24.86
CA ASP B 578 -8.39 -24.85 23.81
C ASP B 578 -9.14 -23.60 24.24
N HIS B 579 -10.14 -23.77 25.10
CA HIS B 579 -10.88 -22.66 25.65
C HIS B 579 -10.00 -21.82 26.57
N ILE B 580 -9.02 -22.47 27.19
CA ILE B 580 -8.07 -21.76 28.05
C ILE B 580 -7.04 -21.04 27.18
N THR B 581 -6.77 -21.59 25.99
CA THR B 581 -5.87 -20.93 25.05
C THR B 581 -6.41 -19.54 24.74
N LEU B 582 -7.72 -19.46 24.52
CA LEU B 582 -8.37 -18.17 24.30
C LEU B 582 -8.13 -17.25 25.50
N LEU B 583 -8.17 -17.83 26.69
CA LEU B 583 -8.01 -17.06 27.92
C LEU B 583 -6.59 -16.48 28.01
N ASN B 584 -5.63 -17.18 27.43
CA ASN B 584 -4.24 -16.75 27.52
C ASN B 584 -3.91 -15.54 26.63
N VAL B 585 -4.36 -15.55 25.38
CA VAL B 585 -4.04 -14.45 24.47
C VAL B 585 -4.67 -13.15 24.94
N TYR B 586 -5.89 -13.23 25.46
CA TYR B 586 -6.56 -12.03 25.93
C TYR B 586 -5.86 -11.47 27.16
N HIS B 587 -5.36 -12.36 28.02
CA HIS B 587 -4.64 -11.91 29.20
C HIS B 587 -3.34 -11.25 28.72
N ALA B 588 -2.75 -11.80 27.68
CA ALA B 588 -1.57 -11.23 27.06
C ALA B 588 -1.90 -9.92 26.36
N PHE B 589 -3.08 -9.87 25.75
CA PHE B 589 -3.54 -8.68 25.02
C PHE B 589 -3.58 -7.47 25.94
N LYS B 590 -3.99 -7.69 27.18
CA LYS B 590 -4.13 -6.62 28.17
C LYS B 590 -2.87 -6.44 29.00
N SER B 591 -1.83 -7.20 28.66
CA SER B 591 -0.55 -7.15 29.39
C SER B 591 0.12 -5.78 29.35
N ASP B 592 0.81 -5.44 30.43
CA ASP B 592 1.61 -4.21 30.49
C ASP B 592 2.77 -4.30 29.51
N GLU B 593 3.24 -5.52 29.28
CA GLU B 593 4.32 -5.74 28.32
C GLU B 593 3.82 -5.38 26.93
N ALA B 594 2.59 -5.76 26.64
CA ALA B 594 2.00 -5.46 25.34
C ALA B 594 1.67 -3.97 25.24
N TYR B 595 1.33 -3.34 26.36
CA TYR B 595 1.06 -1.90 26.33
C TYR B 595 2.37 -1.17 26.05
N GLU B 596 3.44 -1.50 26.76
CA GLU B 596 4.71 -0.86 26.42
C GLU B 596 5.27 -1.77 25.35
N TYR B 597 4.92 -1.40 24.13
CA TYR B 597 5.24 -2.08 22.90
C TYR B 597 4.27 -1.34 22.01
N GLY B 598 4.41 -1.37 20.70
CA GLY B 598 3.31 -0.82 19.93
C GLY B 598 2.25 -1.90 20.09
N ILE B 599 1.06 -1.55 20.56
CA ILE B 599 0.05 -2.58 20.85
C ILE B 599 -0.46 -3.11 19.53
N HIS B 600 -0.69 -2.19 18.59
CA HIS B 600 -1.10 -2.56 17.26
C HIS B 600 0.05 -3.32 16.61
N LYS B 601 1.27 -2.89 16.94
CA LYS B 601 2.49 -3.53 16.44
C LYS B 601 2.72 -4.86 17.16
N TRP B 602 2.31 -4.92 18.43
CA TRP B 602 2.50 -6.11 19.26
C TRP B 602 1.77 -7.32 18.71
N CYS B 603 0.50 -7.14 18.37
CA CYS B 603 -0.33 -8.22 17.86
C CYS B 603 0.21 -8.77 16.54
N ARG B 604 0.63 -7.88 15.65
CA ARG B 604 1.11 -8.30 14.35
C ARG B 604 2.28 -9.25 14.52
N ASP B 605 3.17 -8.89 15.45
CA ASP B 605 4.38 -9.67 15.69
C ASP B 605 4.05 -11.05 16.27
N HIS B 606 3.00 -11.10 17.10
CA HIS B 606 2.61 -12.35 17.76
C HIS B 606 1.50 -13.08 16.99
N TYR B 607 1.16 -12.58 15.80
CA TYR B 607 0.15 -13.23 14.96
C TYR B 607 -1.24 -13.28 15.60
N LEU B 608 -1.70 -12.11 16.05
CA LEU B 608 -3.03 -11.97 16.65
C LEU B 608 -3.82 -10.87 15.93
N ASN B 609 -5.15 -10.98 15.96
CA ASN B 609 -6.03 -10.01 15.32
C ASN B 609 -6.45 -8.94 16.32
N TYR B 610 -5.97 -7.72 16.12
CA TYR B 610 -6.27 -6.63 17.05
C TYR B 610 -7.77 -6.33 17.10
N ARG B 611 -8.43 -6.45 15.95
CA ARG B 611 -9.83 -6.10 15.82
C ARG B 611 -10.75 -7.00 16.64
N SER B 612 -10.56 -8.31 16.52
CA SER B 612 -11.35 -9.29 17.26
C SER B 612 -11.18 -9.08 18.75
N LEU B 613 -9.93 -8.85 19.14
CA LEU B 613 -9.57 -8.69 20.53
C LEU B 613 -10.16 -7.40 21.11
N SER B 614 -10.27 -6.38 20.28
CA SER B 614 -10.89 -5.12 20.72
C SER B 614 -12.39 -5.31 20.95
N ALA B 615 -13.05 -6.03 20.04
CA ALA B 615 -14.47 -6.33 20.18
C ALA B 615 -14.67 -7.11 21.47
N ALA B 616 -13.83 -8.13 21.67
CA ALA B 616 -13.89 -8.94 22.87
C ALA B 616 -13.75 -8.04 24.10
N ASP B 617 -12.88 -7.05 24.01
CA ASP B 617 -12.67 -6.12 25.11
C ASP B 617 -13.93 -5.33 25.41
N ASN B 618 -14.55 -4.76 24.37
CA ASN B 618 -15.79 -4.02 24.55
C ASN B 618 -16.92 -4.95 24.97
N ILE B 619 -17.00 -6.11 24.32
CA ILE B 619 -18.00 -7.11 24.67
C ILE B 619 -17.83 -7.49 26.13
N ARG B 620 -16.58 -7.66 26.55
CA ARG B 620 -16.28 -8.04 27.93
C ARG B 620 -16.70 -6.94 28.90
N SER B 621 -16.39 -5.69 28.55
CA SER B 621 -16.77 -4.55 29.39
C SER B 621 -18.29 -4.40 29.41
N GLN B 622 -18.91 -4.51 28.24
CA GLN B 622 -20.36 -4.42 28.15
C GLN B 622 -21.01 -5.59 28.86
N LEU B 623 -20.34 -6.75 28.89
CA LEU B 623 -20.86 -7.92 29.61
C LEU B 623 -20.67 -7.78 31.11
N GLU B 624 -19.52 -7.24 31.51
CA GLU B 624 -19.20 -7.03 32.92
C GLU B 624 -20.17 -6.07 33.59
N ARG B 625 -20.67 -5.11 32.82
CA ARG B 625 -21.59 -4.11 33.35
C ARG B 625 -22.93 -4.77 33.77
N LEU B 626 -23.34 -5.83 33.09
CA LEU B 626 -24.55 -6.56 33.47
C LEU B 626 -24.38 -7.35 34.74
N MET B 627 -23.18 -7.87 34.94
CA MET B 627 -22.93 -8.77 36.05
C MET B 627 -23.00 -8.00 37.37
N ASN B 628 -22.44 -6.79 37.39
CA ASN B 628 -22.55 -5.92 38.55
C ASN B 628 -23.98 -5.41 38.70
N ARG B 629 -24.67 -5.26 37.58
CA ARG B 629 -26.06 -4.82 37.60
C ARG B 629 -26.98 -5.86 38.25
N TYR B 630 -26.87 -7.10 37.77
CA TYR B 630 -27.71 -8.18 38.25
C TYR B 630 -27.03 -8.92 39.39
N ASN B 631 -25.92 -8.37 39.84
CA ASN B 631 -25.20 -8.86 41.02
C ASN B 631 -24.63 -10.26 40.85
N LEU B 632 -23.95 -10.49 39.73
CA LEU B 632 -23.12 -11.67 39.58
C LEU B 632 -21.69 -11.27 39.94
N GLU B 633 -21.18 -11.80 41.04
CA GLU B 633 -19.89 -11.34 41.53
C GLU B 633 -18.76 -11.84 40.64
N LEU B 634 -17.74 -11.00 40.46
CA LEU B 634 -16.54 -11.41 39.77
C LEU B 634 -15.49 -11.84 40.78
N ASN B 635 -15.21 -13.14 40.77
CA ASN B 635 -14.26 -13.75 41.67
C ASN B 635 -13.28 -14.61 40.89
N THR B 636 -12.14 -14.92 41.51
CA THR B 636 -11.16 -15.76 40.86
C THR B 636 -10.35 -16.53 41.88
N THR B 637 -9.85 -17.68 41.48
CA THR B 637 -8.94 -18.44 42.32
C THR B 637 -7.53 -18.06 41.93
N ASP B 638 -6.64 -17.96 42.91
CA ASP B 638 -5.25 -17.65 42.63
C ASP B 638 -4.65 -18.75 41.73
N TYR B 639 -3.77 -18.35 40.82
CA TYR B 639 -3.27 -19.24 39.77
C TYR B 639 -2.66 -20.53 40.31
N GLU B 640 -1.93 -20.46 41.41
CA GLU B 640 -1.21 -21.63 41.92
C GLU B 640 -2.13 -22.72 42.49
N SER B 641 -3.41 -22.42 42.69
CA SER B 641 -4.35 -23.41 43.21
C SER B 641 -4.36 -24.65 42.31
N PRO B 642 -4.44 -25.85 42.91
CA PRO B 642 -4.46 -27.06 42.07
C PRO B 642 -5.72 -27.19 41.21
N LYS B 643 -6.82 -26.63 41.68
CA LYS B 643 -8.11 -26.76 41.01
C LYS B 643 -8.39 -25.67 39.96
N TYR B 644 -7.49 -24.69 39.85
CA TYR B 644 -7.71 -23.51 39.02
C TYR B 644 -8.25 -23.80 37.62
N PHE B 645 -7.60 -24.71 36.91
CA PHE B 645 -8.04 -25.09 35.57
C PHE B 645 -9.24 -26.03 35.62
N ASP B 646 -9.34 -26.79 36.70
CA ASP B 646 -10.49 -27.67 36.89
C ASP B 646 -11.77 -26.85 36.98
N ASN B 647 -11.77 -25.83 37.84
CA ASN B 647 -12.93 -24.98 38.01
C ASN B 647 -13.42 -24.42 36.68
N ILE B 648 -12.48 -24.08 35.81
CA ILE B 648 -12.83 -23.55 34.50
C ILE B 648 -13.43 -24.64 33.64
N ARG B 649 -12.84 -25.83 33.69
CA ARG B 649 -13.32 -26.97 32.90
C ARG B 649 -14.73 -27.39 33.35
N LYS B 650 -15.00 -27.29 34.64
CA LYS B 650 -16.32 -27.62 35.18
C LYS B 650 -17.36 -26.53 34.87
N ALA B 651 -16.99 -25.27 35.12
CA ALA B 651 -17.88 -24.16 34.80
C ALA B 651 -18.26 -24.19 33.33
N LEU B 652 -17.27 -24.40 32.48
CA LEU B 652 -17.48 -24.49 31.05
C LEU B 652 -18.43 -25.64 30.75
N ALA B 653 -18.22 -26.77 31.42
CA ALA B 653 -19.06 -27.94 31.23
C ALA B 653 -20.51 -27.65 31.61
N SER B 654 -20.69 -26.76 32.57
CA SER B 654 -22.03 -26.45 33.09
C SER B 654 -22.97 -25.99 31.98
N GLY B 655 -22.47 -25.18 31.05
CA GLY B 655 -23.24 -24.78 29.88
C GLY B 655 -23.23 -25.74 28.71
N PHE B 656 -22.06 -26.32 28.44
CA PHE B 656 -21.83 -27.08 27.20
C PHE B 656 -21.92 -28.60 27.31
N PHE B 657 -22.34 -29.11 28.47
CA PHE B 657 -22.37 -30.57 28.69
C PHE B 657 -23.12 -31.34 27.61
N MET B 658 -24.01 -30.66 26.88
CA MET B 658 -24.75 -31.32 25.81
C MET B 658 -23.95 -31.42 24.52
N GLN B 659 -22.88 -30.63 24.42
CA GLN B 659 -21.93 -30.81 23.33
C GLN B 659 -20.65 -31.42 23.88
N VAL B 660 -20.50 -32.72 23.67
CA VAL B 660 -19.41 -33.49 24.23
C VAL B 660 -19.21 -34.69 23.32
N ALA B 661 -17.98 -35.18 23.21
CA ALA B 661 -17.70 -36.33 22.36
C ALA B 661 -16.71 -37.29 22.99
N LYS B 662 -16.81 -38.55 22.62
CA LYS B 662 -15.90 -39.60 23.09
C LYS B 662 -15.07 -40.22 21.94
N LYS B 663 -13.81 -40.56 22.21
CA LYS B 663 -12.96 -41.22 21.22
C LYS B 663 -13.30 -42.71 21.13
N ARG B 664 -13.41 -43.22 19.92
CA ARG B 664 -13.78 -44.61 19.67
C ARG B 664 -12.90 -45.59 20.47
N GLY B 669 -11.55 -41.54 14.60
CA GLY B 669 -12.70 -40.66 14.66
C GLY B 669 -13.30 -40.57 16.05
N TYR B 670 -14.31 -39.72 16.21
CA TYR B 670 -14.98 -39.49 17.50
C TYR B 670 -16.47 -39.70 17.40
N ILE B 671 -17.07 -40.03 18.54
CA ILE B 671 -18.52 -40.14 18.67
C ILE B 671 -19.03 -39.09 19.67
N THR B 672 -20.12 -38.42 19.31
CA THR B 672 -20.70 -37.38 20.16
C THR B 672 -21.85 -37.92 21.02
N VAL B 673 -21.90 -37.46 22.27
CA VAL B 673 -22.93 -37.87 23.22
C VAL B 673 -24.34 -37.71 22.63
N LYS B 674 -24.66 -36.50 22.18
CA LYS B 674 -25.95 -36.28 21.54
C LYS B 674 -26.00 -36.99 20.18
N ASP B 675 -27.08 -37.71 19.93
CA ASP B 675 -27.34 -38.34 18.62
C ASP B 675 -26.35 -39.42 18.18
N ASN B 676 -25.28 -39.61 18.94
CA ASN B 676 -24.28 -40.63 18.61
C ASN B 676 -23.83 -40.51 17.15
N GLN B 677 -23.17 -39.38 16.84
CA GLN B 677 -22.79 -39.06 15.48
C GLN B 677 -21.28 -39.16 15.30
N ASP B 678 -20.85 -39.69 14.15
CA ASP B 678 -19.42 -39.84 13.87
C ASP B 678 -18.77 -38.51 13.49
N VAL B 679 -17.74 -38.11 14.22
CA VAL B 679 -17.06 -36.84 13.96
C VAL B 679 -15.55 -36.94 14.21
N LEU B 680 -14.83 -35.95 13.70
CA LEU B 680 -13.38 -35.81 13.93
C LEU B 680 -13.03 -34.44 14.52
N ILE B 681 -11.90 -34.37 15.21
CA ILE B 681 -11.41 -33.09 15.70
C ILE B 681 -10.93 -32.27 14.51
N HIS B 682 -11.16 -30.96 14.56
CA HIS B 682 -10.66 -30.10 13.50
C HIS B 682 -9.14 -30.13 13.54
N PRO B 683 -8.49 -30.23 12.36
CA PRO B 683 -7.02 -30.33 12.30
C PRO B 683 -6.29 -29.20 13.03
N SER B 684 -6.99 -28.11 13.33
CA SER B 684 -6.40 -26.92 13.91
C SER B 684 -5.73 -27.12 15.27
N THR B 685 -5.93 -28.28 15.91
CA THR B 685 -5.26 -28.55 17.19
C THR B 685 -4.97 -30.04 17.42
N VAL B 686 -3.90 -30.30 18.20
CA VAL B 686 -3.50 -31.67 18.56
C VAL B 686 -3.67 -31.87 20.07
N LEU B 687 -4.01 -33.10 20.46
CA LEU B 687 -4.39 -33.41 21.84
C LEU B 687 -3.61 -34.48 22.61
N GLY B 688 -3.71 -34.34 23.94
CA GLY B 688 -3.09 -35.22 24.91
C GLY B 688 -3.90 -36.47 25.25
N HIS B 689 -3.59 -37.06 26.42
CA HIS B 689 -4.18 -38.33 26.83
C HIS B 689 -5.61 -38.28 27.42
N ASP B 690 -6.07 -37.11 27.81
CA ASP B 690 -7.43 -36.95 28.36
C ASP B 690 -8.44 -36.80 27.21
N ALA B 691 -7.93 -36.96 25.98
CA ALA B 691 -8.69 -36.75 24.76
C ALA B 691 -9.87 -37.72 24.59
N GLU B 692 -10.05 -38.64 25.54
CA GLU B 692 -11.18 -39.55 25.46
C GLU B 692 -12.49 -38.79 25.66
N TRP B 693 -12.51 -37.81 26.57
CA TRP B 693 -13.72 -36.98 26.75
C TRP B 693 -13.40 -35.50 26.55
N VAL B 694 -14.11 -34.86 25.61
CA VAL B 694 -13.89 -33.45 25.30
C VAL B 694 -15.19 -32.67 25.14
N ILE B 695 -15.17 -31.41 25.57
CA ILE B 695 -16.28 -30.49 25.29
C ILE B 695 -15.92 -29.68 24.05
N TYR B 696 -16.82 -29.61 23.07
CA TYR B 696 -16.54 -28.85 21.85
C TYR B 696 -17.53 -27.71 21.65
N ASN B 697 -17.03 -26.60 21.15
CA ASN B 697 -17.84 -25.42 20.88
C ASN B 697 -18.60 -25.44 19.57
N GLU B 698 -18.07 -26.16 18.59
CA GLU B 698 -18.43 -25.90 17.20
C GLU B 698 -18.59 -27.15 16.34
N PHE B 699 -19.54 -27.10 15.40
CA PHE B 699 -19.67 -28.12 14.38
C PHE B 699 -19.26 -27.58 13.01
N VAL B 700 -18.20 -28.14 12.43
CA VAL B 700 -17.71 -27.71 11.12
C VAL B 700 -17.88 -28.82 10.10
N LEU B 701 -18.77 -28.61 9.14
CA LEU B 701 -19.01 -29.58 8.06
C LEU B 701 -18.41 -29.03 6.78
N THR B 702 -17.29 -29.62 6.34
CA THR B 702 -16.70 -29.31 5.05
C THR B 702 -16.50 -30.56 4.21
N SER B 703 -15.49 -31.36 4.57
CA SER B 703 -15.21 -32.59 3.83
C SER B 703 -15.77 -33.70 4.71
N LYS B 704 -14.97 -34.15 5.67
CA LYS B 704 -15.49 -34.93 6.77
C LYS B 704 -16.21 -33.95 7.69
N ASN B 705 -16.89 -34.46 8.72
CA ASN B 705 -17.61 -33.59 9.65
C ASN B 705 -16.77 -33.42 10.90
N TYR B 706 -16.48 -32.17 11.25
CA TYR B 706 -15.52 -31.87 12.30
C TYR B 706 -16.11 -31.15 13.50
N ILE B 707 -15.43 -31.27 14.64
CA ILE B 707 -15.72 -30.45 15.81
C ILE B 707 -14.49 -29.60 16.14
N ARG B 708 -14.71 -28.31 16.38
CA ARG B 708 -13.63 -27.35 16.56
C ARG B 708 -13.67 -26.72 17.96
N THR B 709 -12.51 -26.25 18.42
CA THR B 709 -12.39 -25.60 19.73
C THR B 709 -12.80 -26.55 20.84
N VAL B 710 -11.96 -27.54 21.11
CA VAL B 710 -12.27 -28.61 22.04
C VAL B 710 -11.47 -28.51 23.34
N THR B 711 -12.08 -28.92 24.45
CA THR B 711 -11.40 -28.97 25.75
C THR B 711 -11.75 -30.25 26.51
N SER B 712 -10.73 -30.92 27.03
CA SER B 712 -10.94 -32.17 27.75
C SER B 712 -11.65 -31.94 29.06
N VAL B 713 -12.43 -32.92 29.49
CA VAL B 713 -13.16 -32.86 30.75
C VAL B 713 -13.28 -34.26 31.33
N ARG B 714 -13.33 -34.35 32.65
CA ARG B 714 -13.53 -35.65 33.28
C ARG B 714 -15.01 -36.02 33.16
N PRO B 715 -15.31 -37.21 32.61
CA PRO B 715 -16.72 -37.58 32.46
C PRO B 715 -17.45 -37.66 33.80
N GLU B 716 -16.69 -37.85 34.88
CA GLU B 716 -17.26 -37.81 36.21
C GLU B 716 -17.94 -36.46 36.44
N TRP B 717 -17.22 -35.40 36.10
CA TRP B 717 -17.73 -34.03 36.25
C TRP B 717 -19.04 -33.77 35.50
N LEU B 718 -19.22 -34.43 34.36
CA LEU B 718 -20.43 -34.27 33.59
C LEU B 718 -21.64 -34.74 34.41
N ILE B 719 -21.48 -35.86 35.11
CA ILE B 719 -22.58 -36.42 35.89
C ILE B 719 -22.90 -35.55 37.11
N GLU B 720 -21.90 -34.97 37.75
CA GLU B 720 -22.15 -34.14 38.92
C GLU B 720 -22.90 -32.89 38.50
N ILE B 721 -22.44 -32.28 37.41
CA ILE B 721 -22.94 -30.99 36.97
C ILE B 721 -24.26 -31.09 36.21
N ALA B 722 -24.40 -32.16 35.42
CA ALA B 722 -25.61 -32.36 34.62
C ALA B 722 -26.12 -33.79 34.79
N PRO B 723 -26.54 -34.14 36.01
CA PRO B 723 -27.00 -35.50 36.35
C PRO B 723 -28.29 -35.86 35.62
N ALA B 724 -29.08 -34.85 35.32
CA ALA B 724 -30.35 -35.05 34.62
C ALA B 724 -30.13 -35.41 33.16
N TYR B 725 -29.09 -34.82 32.55
CA TYR B 725 -28.85 -35.06 31.13
C TYR B 725 -28.24 -36.40 30.91
N TYR B 726 -27.30 -36.74 31.80
CA TYR B 726 -26.63 -38.02 31.75
C TYR B 726 -27.35 -38.90 32.74
N ASP B 727 -28.28 -39.68 32.21
CA ASP B 727 -28.95 -40.70 32.93
C ASP B 727 -28.99 -41.82 31.93
N LEU B 728 -28.44 -42.96 32.31
CA LEU B 728 -28.14 -44.01 31.35
C LEU B 728 -29.42 -44.48 30.67
N SER B 729 -30.56 -44.21 31.32
CA SER B 729 -31.85 -44.55 30.79
C SER B 729 -32.18 -43.81 29.49
N ASN B 730 -31.64 -42.59 29.35
CA ASN B 730 -31.89 -41.76 28.17
C ASN B 730 -31.03 -42.14 26.96
N PHE B 731 -29.95 -42.89 27.19
CA PHE B 731 -28.98 -43.23 26.15
C PHE B 731 -29.31 -44.52 25.43
N GLN B 732 -28.96 -44.60 24.15
CA GLN B 732 -29.04 -45.86 23.40
C GLN B 732 -27.74 -46.62 23.62
N LYS B 733 -27.81 -47.95 23.62
CA LYS B 733 -26.62 -48.77 23.88
C LYS B 733 -25.60 -48.56 22.77
N GLY B 734 -24.34 -48.39 23.18
CA GLY B 734 -23.26 -48.11 22.25
C GLY B 734 -21.98 -47.88 23.02
N ASP B 735 -20.90 -47.49 22.34
CA ASP B 735 -19.62 -47.26 22.98
C ASP B 735 -19.70 -46.23 24.09
N VAL B 736 -20.50 -45.20 23.88
CA VAL B 736 -20.62 -44.10 24.84
C VAL B 736 -21.38 -44.51 26.09
N LYS B 737 -22.55 -45.14 25.90
CA LYS B 737 -23.38 -45.51 27.03
C LYS B 737 -22.69 -46.58 27.85
N LEU B 738 -22.09 -47.54 27.15
CA LEU B 738 -21.33 -48.59 27.80
C LEU B 738 -20.22 -47.96 28.65
N SER B 739 -19.46 -47.07 28.03
CA SER B 739 -18.37 -46.39 28.71
C SER B 739 -18.88 -45.58 29.89
N LEU B 740 -19.97 -44.84 29.69
CA LEU B 740 -20.55 -44.08 30.78
C LEU B 740 -20.99 -45.01 31.92
N GLU B 741 -21.47 -46.19 31.56
CA GLU B 741 -21.93 -47.18 32.54
C GLU B 741 -20.86 -47.49 33.59
N ARG B 742 -19.62 -47.54 33.14
CA ARG B 742 -18.50 -47.94 33.99
C ARG B 742 -18.00 -46.80 34.88
N ILE B 743 -18.12 -45.54 34.44
CA ILE B 743 -17.73 -44.42 35.29
C ILE B 743 -18.70 -44.30 36.47
N LYS B 744 -19.98 -44.54 36.19
CA LYS B 744 -21.04 -44.38 37.18
C LYS B 744 -20.92 -45.37 38.34
N GLU B 745 -19.99 -46.31 38.23
CA GLU B 745 -19.81 -47.36 39.24
C GLU B 745 -19.60 -46.86 40.67
N LYS B 746 -18.82 -45.80 40.83
CA LYS B 746 -18.42 -45.38 42.18
C LYS B 746 -19.51 -44.76 43.03
N VAL B 747 -19.65 -45.27 44.25
CA VAL B 747 -20.49 -44.67 45.28
C VAL B 747 -19.61 -43.99 46.34
O3B CDP C . 16.70 26.79 -9.49
PB CDP C . 16.10 27.18 -8.14
O1B CDP C . 16.38 26.08 -7.14
O2B CDP C . 16.72 28.47 -7.66
O3A CDP C . 14.52 27.38 -8.30
PA CDP C . 13.68 26.75 -9.53
O1A CDP C . 13.85 25.27 -9.54
O2A CDP C . 14.13 27.33 -10.84
O5' CDP C . 12.15 27.09 -9.32
C5' CDP C . 11.50 26.58 -8.18
C4' CDP C . 10.02 26.49 -8.46
O4' CDP C . 9.79 25.64 -9.81
C3' CDP C . 9.42 25.89 -7.49
O3' CDP C . 8.16 26.60 -7.14
C2' CDP C . 9.09 24.46 -7.99
O2' CDP C . 7.82 24.11 -7.62
C1' CDP C . 9.18 24.53 -9.50
N1 CDP C . 9.96 23.36 -9.99
C2 CDP C . 9.29 22.16 -10.49
O2 CDP C . 8.07 22.10 -10.51
N3 CDP C . 10.09 21.03 -10.97
C4 CDP C . 11.52 21.09 -10.95
N4 CDP C . 12.28 20.00 -11.41
C5 CDP C . 12.19 22.29 -10.46
C6 CDP C . 11.39 23.44 -9.97
MG MG D . 17.83 25.01 -9.56
C1 GOL E . 27.97 -4.13 -10.28
O1 GOL E . 28.34 -2.81 -9.97
C2 GOL E . 26.82 -4.13 -11.28
O2 GOL E . 26.95 -3.04 -12.19
C3 GOL E . 26.82 -5.43 -12.07
O3 GOL E . 27.11 -6.50 -11.18
C ACT F . 20.46 7.41 -6.24
O ACT F . 20.27 8.63 -6.48
OXT ACT F . 19.77 6.61 -6.90
CH3 ACT F . 21.46 6.95 -5.22
NI NI G . 55.03 22.85 -12.96
O3B CDP H . -32.10 0.85 -0.84
PB CDP H . -33.18 1.84 -0.42
O1B CDP H . -33.41 1.72 1.08
O2B CDP H . -34.47 1.52 -1.16
O3A CDP H . -32.72 3.33 -0.80
PA CDP H . -31.80 4.25 0.16
O1A CDP H . -32.60 4.67 1.36
O2A CDP H . -30.61 3.47 0.62
O5' CDP H . -31.34 5.54 -0.63
C5' CDP H . -30.30 5.44 -1.58
C4' CDP H . -29.38 6.65 -1.47
O4' CDP H . -28.90 6.84 0.05
C3' CDP H . -28.32 6.49 -2.20
O3' CDP H . -27.97 7.76 -2.91
C2' CDP H . -27.19 6.11 -1.23
O2' CDP H . -25.96 6.57 -1.67
C1' CDP H . -27.59 6.79 0.07
N1 CDP H . -27.10 5.97 1.20
C2 CDP H . -25.92 6.39 1.93
O2 CDP H . -25.34 7.41 1.62
N3 CDP H . -25.43 5.57 3.07
C4 CDP H . -26.11 4.37 3.42
N4 CDP H . -25.64 3.59 4.49
C5 CDP H . -27.30 3.94 2.68
C6 CDP H . -27.79 4.77 1.55
MG MG I . -32.45 0.31 2.33
#